data_9UA2
#
_entry.id   9UA2
#
_cell.length_a   1.00
_cell.length_b   1.00
_cell.length_c   1.00
_cell.angle_alpha   90.00
_cell.angle_beta   90.00
_cell.angle_gamma   90.00
#
_symmetry.space_group_name_H-M   'P 1'
#
loop_
_entity.id
_entity.type
_entity.pdbx_description
1 polymer 'CRISPR-associated endonuclease Cas9'
2 polymer 'RNA (131-MER)'
3 polymer 'DNA (30-MER)'
4 polymer 'DNA (30-MER)'
5 non-polymer 'MAGNESIUM ION'
#
loop_
_entity_poly.entity_id
_entity_poly.type
_entity_poly.pdbx_seq_one_letter_code
_entity_poly.pdbx_strand_id
1 'polypeptide(L)'
;HHHHHHVAGAGAGENLYFQGMTVKSTLAVDMGGRYTGIFSYTTDSGFPKAKEARAYVLNMPDNDALTYSMAARTQTRHRI
RSQQRFVLARRLTYILIEGKLKRKLSPREKEAISSLLRRRGYSRLESELDLSVLQGVESGFFKCFLPNFDEDENLLTQWT
SLTDGYLQNNSDSRRQIQIFLESSKDSKEFLTVVKSQHQDTKEYKNALKVMRDDAESMIEQSMFGHKHRRLYLEAIAQDI
PRDSRLKPIIEAFSGVEKFHHFIGNLSNLQLRALRWYFNDPSMKNNVFDKERLKSVLVRAYQFFHYPKDLTQQRAEVLNA
YEGATDILETLQTLNPELTIPPYEDQNNRRPPLDQTLWLSPRLLDQRYGDTWEIWVQNLLRSPLSKGIDENLDTILITTD
RKARLLERQSGRLIHYTSQKLYHSYVLQRLLDRTVENDAYLLKTLVSSNRGNSNEIHQAQERLTRDLGSQHIKKFLDFVR
QYYDEVDKAKRGLWFIVEKPLMERADIHPPMKNDSVILRLVGNILCVSDLVDLSFWTRKVKGQSTVRSLCTAIEKTRKEY
GNSFNYLYQRALYLQSKGKKLSAEDKDFIKLQSNVLLVSDVIAEALDIKEEQKKKFANPFSLAQLYNIIETEKSGFISTT
LAAVDENAWRNNLQGKARCVQLCADTVRPFDGALRNILDRQAYEIAKLKAEELLSTELKNQTIDLVVLLESNQFAFSASL
AEVKKSANTAAIRQKVAKAQKRQQDRWLSKDERIKSASRGLCPYTGKNLGDKGEVDHIIPRSLSMNYMGSILNSEANLIY
CSQEGAQLKLNGRKKLSDLADNYLKVVFGTADRGTICKYIEKSVSELTDAKIVQFELLDRSQQDAVRHALFLEDFSEARR
RIIRLLGKINTARVNGTQAWFAKSFITKLRELTKEWCANNQITLAFDLYRLDAQTVSQDYRKKFALINKDWAKPDDKKQP
IASHAIDAFCVFAAAKDKRNIANVLGVFDEVAEEQNLKTIAQLMPSEVNLISPKRKSILDKNEVGSRALMKEGIFAEHFL
PILVRGDDCRIGFDWSESGSVKVKDADKLFGVLDGLLKQSQKRSVNGFETYTVDRIKAFELLHDVFIRPCSQKMLEQAEV
LEKLHYITQNISVTSVYDAVNRQFKCREEILKDKDFDIKVDLGNRFGSAKGKITLPAKREWEKLVNRSELKNLIKDKLSD
KGSEKTPDGETLIYDIFRSIPVQKLSHKATRRVWSLPKIPSISSGVRIKRKDSNGNDIYQLYMLNDTKCKGFVVNEKGVI
DWSSDLVADLYKQPTLTILNGRYLKADQYVRMDQWYEVDCGRDDVIVKMCPGTSGRRYIEITQSKKQFEDWTGYISGSFW
NYPVTIKLSSQQIANFVKNSQMPLLGKPRSGQITVITLGNTLKYWYCVESKNSMMNEAYQKAYLVHFNQKRPAAT
;
A
2 'polyribonucleotide'
;GUGGGGCCACUAGGGACAGGAUGUUUCAGUUAUUCGUGAAAACGAAUGAAGUCACUCUUAAAGUGAGCUGAAAUCACUAA
AAAUUAAGAUUGAACCCGGCUACUGACUCUGUCAUCCGGGUUUACUUAUUU
;
B
3 'polydeoxyribonucleotide'
;(DG)(DT)(DG)(DG)(DG)(DG)(DC)(DC)(DA)(DC)(DT)(DA)(DG)(DG)(DG)(DA)(DC)(DA)(DG)(DG)
(DA)(DT)(DT)(DG)(DG)(DT)(DG)(DA)(DC)(DA)
;
C
4 'polydeoxyribonucleotide'
;(DT)(DG)(DT)(DC)(DA)(DC)(DC)(DA)(DA)(DT)(DC)(DC)(DT)(DG)(DT)(DC)(DC)(DC)(DT)(DA)
(DG)(DT)(DG)(DG)(DC)(DC)(DC)(DC)(DA)(DC)
;
D
#
# COMPACT_ATOMS: atom_id res chain seq x y z
N VAL A 23 26.25 -1.13 -27.30
CA VAL A 23 27.19 -1.31 -26.21
C VAL A 23 26.68 -0.64 -24.94
N LYS A 24 26.13 0.57 -25.08
CA LYS A 24 25.64 1.34 -23.95
C LYS A 24 24.13 1.47 -24.05
N SER A 25 23.43 0.95 -23.05
CA SER A 25 21.99 1.12 -22.91
C SER A 25 21.73 1.86 -21.62
N THR A 26 20.91 2.89 -21.68
CA THR A 26 20.71 3.78 -20.54
C THR A 26 19.23 4.01 -20.30
N LEU A 27 18.83 4.01 -19.03
CA LEU A 27 17.45 4.23 -18.63
C LEU A 27 17.44 5.26 -17.52
N ALA A 28 16.88 6.43 -17.80
CA ALA A 28 16.66 7.46 -16.79
C ALA A 28 15.19 7.44 -16.41
N VAL A 29 14.91 7.17 -15.13
CA VAL A 29 13.55 6.99 -14.64
C VAL A 29 13.34 7.90 -13.43
N ASP A 30 12.21 8.59 -13.41
CA ASP A 30 11.84 9.47 -12.29
C ASP A 30 10.58 8.90 -11.64
N MET A 31 10.74 8.26 -10.49
CA MET A 31 9.62 7.65 -9.79
C MET A 31 8.83 8.74 -9.07
N GLY A 32 7.56 8.89 -9.44
CA GLY A 32 6.72 9.88 -8.82
C GLY A 32 5.37 9.34 -8.38
N GLY A 33 5.28 8.03 -8.18
CA GLY A 33 4.04 7.43 -7.76
C GLY A 33 3.09 7.16 -8.91
N ARG A 34 2.07 8.00 -9.05
CA ARG A 34 1.13 7.85 -10.14
C ARG A 34 1.81 7.99 -11.50
N TYR A 35 2.70 8.96 -11.63
CA TYR A 35 3.42 9.22 -12.87
C TYR A 35 4.89 8.88 -12.69
N THR A 36 5.42 8.05 -13.59
CA THR A 36 6.82 7.65 -13.58
C THR A 36 7.40 8.00 -14.94
N GLY A 37 8.28 9.00 -14.98
CA GLY A 37 8.89 9.41 -16.23
C GLY A 37 10.06 8.52 -16.62
N ILE A 38 10.22 8.35 -17.92
CA ILE A 38 11.28 7.49 -18.47
C ILE A 38 11.96 8.21 -19.62
N PHE A 39 13.28 8.14 -19.67
CA PHE A 39 14.06 8.58 -20.82
C PHE A 39 15.09 7.49 -21.11
N SER A 40 14.89 6.77 -22.22
CA SER A 40 15.69 5.58 -22.54
C SER A 40 16.37 5.75 -23.88
N TYR A 41 17.50 5.06 -24.02
CA TYR A 41 18.23 5.03 -25.29
C TYR A 41 19.19 3.87 -25.28
N THR A 42 19.35 3.23 -26.44
CA THR A 42 20.38 2.23 -26.68
C THR A 42 21.20 2.70 -27.86
N THR A 43 22.50 2.89 -27.64
CA THR A 43 23.37 3.49 -28.65
C THR A 43 24.71 2.77 -28.67
N ASP A 44 25.47 3.04 -29.73
CA ASP A 44 26.78 2.43 -29.92
C ASP A 44 27.93 3.38 -29.63
N SER A 45 27.73 4.69 -29.81
CA SER A 45 28.81 5.68 -29.70
C SER A 45 28.44 6.73 -28.67
N GLY A 46 28.97 6.60 -27.46
CA GLY A 46 28.82 7.63 -26.44
C GLY A 46 27.36 7.92 -26.12
N PHE A 47 27.04 9.21 -26.04
CA PHE A 47 25.65 9.62 -25.90
C PHE A 47 24.93 9.40 -27.23
N PRO A 48 23.61 9.16 -27.19
CA PRO A 48 22.90 8.75 -28.40
C PRO A 48 22.77 9.87 -29.43
N LYS A 49 22.18 9.55 -30.57
CA LYS A 49 21.79 10.56 -31.54
C LYS A 49 20.53 11.28 -31.05
N ALA A 50 20.01 12.18 -31.90
CA ALA A 50 18.70 12.75 -31.64
C ALA A 50 17.64 11.66 -31.61
N LYS A 51 17.75 10.69 -32.53
CA LYS A 51 16.94 9.49 -32.48
C LYS A 51 17.60 8.48 -31.54
N GLU A 52 17.07 7.26 -31.49
CA GLU A 52 17.42 6.20 -30.54
C GLU A 52 17.02 6.55 -29.11
N ALA A 53 16.49 7.75 -28.87
CA ALA A 53 16.07 8.19 -27.55
C ALA A 53 14.57 8.24 -27.49
N ARG A 54 14.01 7.77 -26.37
CA ARG A 54 12.57 7.65 -26.22
C ARG A 54 12.17 8.21 -24.86
N ALA A 55 10.97 8.78 -24.80
CA ALA A 55 10.43 9.34 -23.58
C ALA A 55 9.09 8.69 -23.26
N TYR A 56 8.93 8.25 -22.02
CA TYR A 56 7.70 7.61 -21.58
C TYR A 56 7.29 8.16 -20.23
N VAL A 57 5.99 8.11 -19.96
CA VAL A 57 5.43 8.35 -18.64
C VAL A 57 4.43 7.25 -18.34
N LEU A 58 4.56 6.62 -17.17
CA LEU A 58 3.64 5.59 -16.75
C LEU A 58 2.51 6.23 -15.95
N ASN A 59 1.28 6.10 -16.44
CA ASN A 59 0.10 6.56 -15.71
C ASN A 59 -0.43 5.36 -14.94
N MET A 60 0.12 5.15 -13.75
CA MET A 60 -0.26 3.99 -12.94
C MET A 60 -1.68 4.15 -12.44
N PRO A 61 -2.57 3.22 -12.75
CA PRO A 61 -3.97 3.36 -12.31
C PRO A 61 -4.10 3.29 -10.80
N ASP A 62 -5.16 3.92 -10.29
CA ASP A 62 -5.44 3.91 -8.86
C ASP A 62 -5.88 2.51 -8.42
N ASN A 63 -6.14 2.38 -7.12
CA ASN A 63 -6.48 1.08 -6.56
C ASN A 63 -7.79 0.54 -7.12
N ASP A 64 -8.69 1.41 -7.60
CA ASP A 64 -9.95 0.94 -8.15
C ASP A 64 -9.79 0.32 -9.54
N ALA A 65 -8.90 0.88 -10.35
CA ALA A 65 -8.68 0.36 -11.70
C ALA A 65 -7.69 -0.79 -11.73
N LEU A 66 -6.76 -0.84 -10.78
CA LEU A 66 -5.81 -1.95 -10.67
C LEU A 66 -5.53 -2.14 -9.19
N THR A 67 -6.07 -3.20 -8.61
CA THR A 67 -6.09 -3.37 -7.16
C THR A 67 -4.71 -3.79 -6.67
N TYR A 68 -4.10 -2.95 -5.84
CA TYR A 68 -2.84 -3.27 -5.18
C TYR A 68 -3.03 -3.74 -3.75
N SER A 69 -3.92 -3.10 -3.00
CA SER A 69 -4.18 -3.48 -1.62
C SER A 69 -5.10 -4.70 -1.56
N MET A 70 -4.89 -5.53 -0.54
CA MET A 70 -5.68 -6.73 -0.34
C MET A 70 -6.76 -6.55 0.73
N ALA A 71 -7.03 -5.31 1.14
CA ALA A 71 -7.97 -5.08 2.22
C ALA A 71 -9.38 -5.54 1.83
N ALA A 72 -9.82 -5.20 0.63
CA ALA A 72 -11.13 -5.65 0.17
C ALA A 72 -11.18 -7.15 -0.02
N ARG A 73 -10.11 -7.72 -0.61
CA ARG A 73 -10.03 -9.17 -0.78
C ARG A 73 -10.03 -9.89 0.57
N THR A 74 -9.29 -9.35 1.54
CA THR A 74 -9.26 -9.95 2.87
C THR A 74 -10.61 -9.84 3.57
N GLN A 75 -11.28 -8.70 3.43
CA GLN A 75 -12.61 -8.54 4.01
C GLN A 75 -13.60 -9.53 3.41
N THR A 76 -13.55 -9.70 2.09
CA THR A 76 -14.40 -10.71 1.44
C THR A 76 -14.06 -12.11 1.93
N ARG A 77 -12.77 -12.40 2.07
CA ARG A 77 -12.35 -13.73 2.54
C ARG A 77 -12.89 -14.01 3.93
N HIS A 78 -12.82 -13.03 4.83
CA HIS A 78 -13.30 -13.25 6.19
C HIS A 78 -14.83 -13.23 6.28
N ARG A 79 -15.52 -12.51 5.40
CA ARG A 79 -16.96 -12.68 5.30
C ARG A 79 -17.31 -14.11 4.89
N ILE A 80 -16.59 -14.62 3.87
CA ILE A 80 -16.77 -16.00 3.43
C ILE A 80 -16.48 -16.96 4.57
N ARG A 81 -15.43 -16.69 5.34
CA ARG A 81 -15.03 -17.59 6.41
C ARG A 81 -16.01 -17.55 7.58
N SER A 82 -16.60 -16.39 7.89
CA SER A 82 -17.64 -16.35 8.91
C SER A 82 -18.87 -17.14 8.46
N GLN A 83 -19.27 -16.97 7.20
CA GLN A 83 -20.40 -17.75 6.69
C GLN A 83 -20.11 -19.25 6.73
N GLN A 84 -18.90 -19.63 6.31
CA GLN A 84 -18.52 -21.04 6.33
C GLN A 84 -18.39 -21.57 7.75
N ARG A 85 -17.94 -20.74 8.69
CA ARG A 85 -17.88 -21.15 10.09
C ARG A 85 -19.28 -21.46 10.59
N PHE A 86 -20.25 -20.59 10.28
CA PHE A 86 -21.61 -20.87 10.71
C PHE A 86 -22.15 -22.14 10.05
N VAL A 87 -21.89 -22.31 8.75
CA VAL A 87 -22.41 -23.48 8.04
C VAL A 87 -21.82 -24.77 8.62
N LEU A 88 -20.51 -24.79 8.87
CA LEU A 88 -19.88 -25.99 9.41
C LEU A 88 -20.28 -26.23 10.86
N ALA A 89 -20.47 -25.16 11.65
CA ALA A 89 -20.97 -25.34 13.01
C ALA A 89 -22.36 -25.95 13.00
N ARG A 90 -23.22 -25.49 12.08
CA ARG A 90 -24.55 -26.07 11.95
C ARG A 90 -24.49 -27.52 11.48
N ARG A 91 -23.58 -27.82 10.55
CA ARG A 91 -23.38 -29.21 10.13
C ARG A 91 -23.01 -30.10 11.30
N LEU A 92 -21.98 -29.70 12.06
CA LEU A 92 -21.54 -30.51 13.19
C LEU A 92 -22.63 -30.62 14.24
N THR A 93 -23.37 -29.55 14.50
CA THR A 93 -24.41 -29.58 15.50
C THR A 93 -25.52 -30.54 15.10
N TYR A 94 -25.96 -30.49 13.83
CA TYR A 94 -26.95 -31.45 13.36
C TYR A 94 -26.42 -32.87 13.43
N ILE A 95 -25.16 -33.09 13.04
CA ILE A 95 -24.58 -34.42 13.07
C ILE A 95 -24.62 -34.98 14.49
N LEU A 96 -24.19 -34.18 15.46
CA LEU A 96 -24.11 -34.65 16.84
C LEU A 96 -25.51 -34.85 17.44
N ILE A 97 -26.42 -33.93 17.17
CA ILE A 97 -27.77 -34.04 17.71
C ILE A 97 -28.51 -35.22 17.10
N GLU A 98 -28.27 -35.51 15.83
CA GLU A 98 -28.88 -36.68 15.21
C GLU A 98 -28.22 -37.97 15.65
N GLY A 99 -26.92 -37.94 15.95
CA GLY A 99 -26.26 -39.12 16.50
C GLY A 99 -26.80 -39.48 17.88
N LYS A 100 -26.96 -38.47 18.74
CA LYS A 100 -27.52 -38.74 20.06
C LYS A 100 -29.03 -39.01 19.99
N LEU A 101 -29.71 -38.37 19.05
CA LEU A 101 -31.16 -38.52 18.88
C LEU A 101 -31.52 -39.82 18.19
N LYS A 102 -30.63 -40.34 17.34
CA LYS A 102 -30.86 -41.55 16.56
C LYS A 102 -32.11 -41.42 15.67
N ARG A 103 -32.35 -40.21 15.17
CA ARG A 103 -33.39 -39.96 14.19
C ARG A 103 -33.07 -38.66 13.47
N LYS A 104 -33.60 -38.52 12.26
CA LYS A 104 -33.37 -37.33 11.47
C LYS A 104 -34.11 -36.14 12.09
N LEU A 105 -33.45 -34.99 12.10
CA LEU A 105 -34.08 -33.78 12.63
C LEU A 105 -35.14 -33.26 11.67
N SER A 106 -36.29 -32.90 12.21
CA SER A 106 -37.33 -32.27 11.43
C SER A 106 -36.92 -30.85 11.06
N PRO A 107 -37.56 -30.26 10.04
CA PRO A 107 -37.23 -28.85 9.71
C PRO A 107 -37.43 -27.89 10.87
N ARG A 108 -38.44 -28.14 11.72
CA ARG A 108 -38.64 -27.29 12.89
C ARG A 108 -37.47 -27.38 13.85
N GLU A 109 -37.01 -28.60 14.14
CA GLU A 109 -35.90 -28.78 15.05
C GLU A 109 -34.61 -28.20 14.48
N LYS A 110 -34.38 -28.39 13.18
CA LYS A 110 -33.22 -27.80 12.54
C LYS A 110 -33.26 -26.28 12.62
N GLU A 111 -34.45 -25.69 12.41
CA GLU A 111 -34.60 -24.25 12.48
C GLU A 111 -34.34 -23.73 13.89
N ALA A 112 -34.85 -24.43 14.91
CA ALA A 112 -34.61 -24.02 16.28
C ALA A 112 -33.13 -24.12 16.64
N ILE A 113 -32.47 -25.20 16.21
CA ILE A 113 -31.05 -25.37 16.50
C ILE A 113 -30.24 -24.27 15.82
N SER A 114 -30.57 -23.96 14.57
CA SER A 114 -29.88 -22.88 13.87
C SER A 114 -30.13 -21.54 14.54
N SER A 115 -31.34 -21.32 15.07
CA SER A 115 -31.62 -20.10 15.81
C SER A 115 -30.75 -20.00 17.05
N LEU A 116 -30.52 -21.13 17.72
CA LEU A 116 -29.58 -21.13 18.84
C LEU A 116 -28.17 -20.82 18.37
N LEU A 117 -27.78 -21.35 17.21
CA LEU A 117 -26.44 -21.14 16.69
C LEU A 117 -26.23 -19.74 16.11
N ARG A 118 -27.30 -19.07 15.68
CA ARG A 118 -27.16 -17.74 15.11
C ARG A 118 -26.77 -16.72 16.17
N ARG A 119 -25.99 -15.72 15.72
CA ARG A 119 -25.62 -14.56 16.55
C ARG A 119 -24.94 -14.98 17.85
N ARG A 120 -23.97 -15.89 17.74
CA ARG A 120 -23.08 -16.11 18.86
C ARG A 120 -22.31 -14.82 19.14
N GLY A 121 -21.99 -14.60 20.41
CA GLY A 121 -21.38 -13.35 20.80
C GLY A 121 -19.97 -13.19 20.24
N TYR A 122 -19.40 -12.04 20.52
CA TYR A 122 -18.00 -11.79 20.20
C TYR A 122 -17.11 -12.30 21.33
N SER A 123 -15.81 -12.30 21.07
CA SER A 123 -14.82 -12.67 22.07
C SER A 123 -13.73 -11.62 22.24
N ARG A 124 -13.83 -10.46 21.60
CA ARG A 124 -12.83 -9.41 21.69
C ARG A 124 -13.52 -8.05 21.78
N LEU A 125 -12.72 -7.03 22.09
CA LEU A 125 -13.17 -5.65 22.17
C LEU A 125 -14.23 -5.44 23.27
N GLU A 126 -13.83 -5.79 24.50
CA GLU A 126 -14.66 -5.54 25.66
C GLU A 126 -13.76 -5.43 26.89
N SER A 127 -14.12 -4.53 27.81
CA SER A 127 -13.38 -4.33 29.04
C SER A 127 -14.34 -3.82 30.10
N GLU A 128 -14.07 -4.17 31.36
CA GLU A 128 -15.01 -3.84 32.44
C GLU A 128 -14.82 -2.40 32.93
N LEU A 129 -13.69 -2.13 33.59
CA LEU A 129 -13.44 -0.86 34.27
C LEU A 129 -12.00 -0.86 34.77
N ASP A 130 -11.54 0.32 35.16
CA ASP A 130 -10.31 0.51 35.95
C ASP A 130 -10.35 1.90 36.56
N LEU A 131 -9.49 2.11 37.55
CA LEU A 131 -9.43 3.42 38.21
C LEU A 131 -8.06 3.59 38.86
N SER A 132 -7.33 4.62 38.44
CA SER A 132 -6.04 4.93 39.05
C SER A 132 -5.91 6.39 39.46
N VAL A 133 -6.46 7.31 38.67
CA VAL A 133 -6.25 8.74 38.89
C VAL A 133 -7.51 9.50 39.25
N LEU A 134 -8.68 8.88 39.13
CA LEU A 134 -9.93 9.60 39.40
C LEU A 134 -10.08 9.99 40.87
N GLN A 135 -9.44 9.25 41.78
CA GLN A 135 -9.58 9.52 43.21
C GLN A 135 -8.83 10.76 43.66
N GLY A 136 -7.85 11.22 42.89
CA GLY A 136 -7.01 12.34 43.28
C GLY A 136 -7.34 13.68 42.68
N VAL A 137 -8.51 13.85 42.07
CA VAL A 137 -8.90 15.10 41.45
C VAL A 137 -10.10 15.67 42.18
N GLU A 138 -10.22 17.00 42.14
CA GLU A 138 -11.28 17.71 42.83
C GLU A 138 -12.39 18.08 41.85
N SER A 139 -13.64 17.86 42.27
CA SER A 139 -14.79 18.20 41.42
C SER A 139 -15.04 19.70 41.36
N GLY A 140 -14.58 20.46 42.36
CA GLY A 140 -14.75 21.90 42.31
C GLY A 140 -14.04 22.54 41.12
N PHE A 141 -12.92 21.96 40.70
CA PHE A 141 -12.22 22.41 39.50
C PHE A 141 -12.71 21.72 38.24
N PHE A 142 -13.32 20.54 38.37
CA PHE A 142 -13.98 19.88 37.26
C PHE A 142 -15.35 20.46 36.96
N LYS A 143 -15.82 21.41 37.78
CA LYS A 143 -17.10 22.06 37.55
C LYS A 143 -17.18 22.68 36.16
N CYS A 144 -16.05 23.13 35.61
CA CYS A 144 -16.05 23.76 34.29
C CYS A 144 -16.51 22.80 33.20
N PHE A 145 -16.43 21.49 33.43
CA PHE A 145 -16.92 20.50 32.48
C PHE A 145 -18.04 19.63 33.02
N LEU A 146 -18.16 19.48 34.33
CA LEU A 146 -19.17 18.63 34.94
C LEU A 146 -20.19 19.49 35.67
N PRO A 147 -21.46 19.50 35.25
CA PRO A 147 -22.41 20.49 35.77
C PRO A 147 -23.04 20.16 37.11
N ASN A 148 -23.22 18.89 37.42
CA ASN A 148 -24.05 18.47 38.54
C ASN A 148 -23.27 17.93 39.73
N PHE A 149 -21.95 17.78 39.62
CA PHE A 149 -21.16 17.32 40.75
C PHE A 149 -20.80 18.49 41.66
N ASP A 150 -20.87 18.24 42.97
CA ASP A 150 -20.69 19.32 43.94
C ASP A 150 -19.23 19.74 44.02
N GLU A 151 -19.00 20.80 44.81
CA GLU A 151 -17.66 21.40 44.87
C GLU A 151 -16.65 20.47 45.54
N ASP A 152 -17.03 19.85 46.66
CA ASP A 152 -16.11 19.03 47.45
C ASP A 152 -16.22 17.54 47.13
N GLU A 153 -17.02 17.15 46.15
CA GLU A 153 -17.14 15.76 45.79
C GLU A 153 -15.87 15.25 45.13
N ASN A 154 -15.65 13.94 45.23
CA ASN A 154 -14.55 13.27 44.55
C ASN A 154 -15.09 12.59 43.29
N LEU A 155 -14.31 12.69 42.21
CA LEU A 155 -14.78 12.19 40.92
C LEU A 155 -14.94 10.68 40.91
N LEU A 156 -14.18 9.96 41.75
CA LEU A 156 -14.22 8.51 41.72
C LEU A 156 -15.59 7.97 42.13
N THR A 157 -16.15 8.50 43.21
CA THR A 157 -17.45 8.03 43.68
C THR A 157 -18.55 8.35 42.66
N GLN A 158 -18.50 9.55 42.09
CA GLN A 158 -19.48 9.91 41.06
C GLN A 158 -19.37 9.00 39.85
N TRP A 159 -18.14 8.66 39.45
CA TRP A 159 -17.96 7.74 38.34
C TRP A 159 -18.48 6.34 38.68
N THR A 160 -18.26 5.89 39.92
CA THR A 160 -18.79 4.58 40.31
C THR A 160 -20.31 4.57 40.25
N SER A 161 -20.95 5.65 40.68
CA SER A 161 -22.40 5.75 40.54
C SER A 161 -22.81 5.78 39.07
N LEU A 162 -22.03 6.48 38.23
CA LEU A 162 -22.37 6.60 36.82
C LEU A 162 -22.21 5.28 36.08
N THR A 163 -21.28 4.42 36.50
CA THR A 163 -21.14 3.12 35.85
C THR A 163 -22.44 2.32 35.89
N ASP A 164 -23.24 2.51 36.93
CA ASP A 164 -24.56 1.89 36.98
C ASP A 164 -25.63 2.77 36.34
N GLY A 165 -25.53 4.09 36.54
CA GLY A 165 -26.55 4.98 36.00
C GLY A 165 -26.64 4.94 34.49
N TYR A 166 -25.49 5.05 33.81
CA TYR A 166 -25.50 5.07 32.35
C TYR A 166 -25.73 3.67 31.78
N LEU A 167 -25.33 2.63 32.51
CA LEU A 167 -25.61 1.27 32.07
C LEU A 167 -27.11 0.97 32.15
N GLN A 168 -27.80 1.56 33.12
CA GLN A 168 -29.26 1.51 33.16
C GLN A 168 -29.91 2.53 32.23
N ASN A 169 -29.10 3.29 31.49
CA ASN A 169 -29.59 4.35 30.60
C ASN A 169 -30.44 5.36 31.35
N ASN A 170 -29.99 5.72 32.55
CA ASN A 170 -30.67 6.75 33.34
C ASN A 170 -30.53 8.10 32.66
N SER A 171 -31.62 8.87 32.66
CA SER A 171 -31.63 10.15 31.97
C SER A 171 -30.63 11.12 32.56
N ASP A 172 -30.55 11.20 33.89
CA ASP A 172 -29.65 12.16 34.53
C ASP A 172 -28.19 11.84 34.23
N SER A 173 -27.80 10.57 34.34
CA SER A 173 -26.41 10.21 34.10
C SER A 173 -26.02 10.44 32.65
N ARG A 174 -26.88 10.05 31.71
CA ARG A 174 -26.58 10.27 30.29
C ARG A 174 -26.51 11.76 29.97
N ARG A 175 -27.41 12.56 30.56
CA ARG A 175 -27.34 14.00 30.36
C ARG A 175 -26.04 14.57 30.92
N GLN A 176 -25.62 14.08 32.09
CA GLN A 176 -24.38 14.57 32.68
C GLN A 176 -23.17 14.24 31.81
N ILE A 177 -23.10 13.01 31.30
CA ILE A 177 -21.96 12.64 30.45
C ILE A 177 -22.01 13.40 29.13
N GLN A 178 -23.22 13.64 28.59
CA GLN A 178 -23.34 14.42 27.36
C GLN A 178 -22.86 15.84 27.57
N ILE A 179 -23.24 16.46 28.70
CA ILE A 179 -22.75 17.81 29.00
C ILE A 179 -21.24 17.79 29.22
N PHE A 180 -20.73 16.74 29.87
CA PHE A 180 -19.29 16.60 30.06
C PHE A 180 -18.56 16.61 28.71
N LEU A 181 -19.10 15.90 27.73
CA LEU A 181 -18.45 15.87 26.42
C LEU A 181 -18.64 17.18 25.66
N GLU A 182 -19.83 17.79 25.78
CA GLU A 182 -20.15 18.96 24.97
C GLU A 182 -19.48 20.24 25.47
N SER A 183 -19.37 20.41 26.79
CA SER A 183 -18.83 21.64 27.36
C SER A 183 -17.32 21.63 27.51
N SER A 184 -16.66 20.52 27.20
CA SER A 184 -15.21 20.41 27.30
C SER A 184 -14.51 20.64 25.97
N LYS A 185 -15.19 21.28 25.01
CA LYS A 185 -14.57 21.52 23.71
C LYS A 185 -13.46 22.56 23.78
N ASP A 186 -13.45 23.41 24.81
CA ASP A 186 -12.43 24.43 24.98
C ASP A 186 -11.94 24.41 26.42
N SER A 187 -10.70 24.83 26.62
CA SER A 187 -10.05 24.74 27.94
C SER A 187 -9.34 26.02 28.32
N LYS A 188 -9.72 27.16 27.73
CA LYS A 188 -9.09 28.42 28.10
C LYS A 188 -9.36 28.79 29.55
N GLU A 189 -10.61 28.60 30.00
CA GLU A 189 -10.94 28.87 31.39
C GLU A 189 -10.24 27.90 32.33
N PHE A 190 -10.15 26.63 31.92
CA PHE A 190 -9.52 25.63 32.78
C PHE A 190 -8.03 25.90 32.98
N LEU A 191 -7.39 26.54 32.00
CA LEU A 191 -6.00 26.96 32.18
C LEU A 191 -5.87 27.96 33.32
N THR A 192 -6.75 28.96 33.36
CA THR A 192 -6.74 29.91 34.46
C THR A 192 -7.09 29.22 35.79
N VAL A 193 -8.01 28.25 35.75
CA VAL A 193 -8.38 27.54 36.96
C VAL A 193 -7.19 26.79 37.54
N VAL A 194 -6.45 26.08 36.68
CA VAL A 194 -5.29 25.33 37.17
C VAL A 194 -4.15 26.26 37.57
N LYS A 195 -4.02 27.41 36.90
CA LYS A 195 -3.01 28.39 37.29
C LYS A 195 -3.40 29.17 38.55
N SER A 196 -4.65 29.09 38.98
CA SER A 196 -5.08 29.78 40.19
C SER A 196 -4.93 28.94 41.45
N GLN A 197 -4.85 27.61 41.33
CA GLN A 197 -4.69 26.74 42.48
C GLN A 197 -3.43 25.88 42.41
N HIS A 198 -2.78 25.80 41.26
CA HIS A 198 -1.48 25.13 41.10
C HIS A 198 -1.57 23.63 41.35
N GLN A 199 -2.67 23.02 40.93
CA GLN A 199 -2.77 21.57 40.95
C GLN A 199 -1.99 20.96 39.79
N ASP A 200 -1.64 19.69 39.94
CA ASP A 200 -0.88 19.00 38.91
C ASP A 200 -1.77 18.78 37.68
N THR A 201 -1.40 19.40 36.57
CA THR A 201 -2.19 19.28 35.35
C THR A 201 -2.14 17.88 34.76
N LYS A 202 -1.10 17.09 35.09
CA LYS A 202 -0.98 15.76 34.53
C LYS A 202 -2.13 14.85 34.98
N GLU A 203 -2.50 14.94 36.26
CA GLU A 203 -3.57 14.07 36.77
C GLU A 203 -4.92 14.42 36.13
N TYR A 204 -5.24 15.71 36.04
CA TYR A 204 -6.48 16.12 35.41
C TYR A 204 -6.48 15.79 33.92
N LYS A 205 -5.33 15.94 33.26
CA LYS A 205 -5.24 15.57 31.85
C LYS A 205 -5.44 14.07 31.66
N ASN A 206 -4.87 13.26 32.54
CA ASN A 206 -5.10 11.82 32.48
C ASN A 206 -6.57 11.49 32.68
N ALA A 207 -7.21 12.16 33.65
CA ALA A 207 -8.64 11.94 33.87
C ALA A 207 -9.46 12.31 32.65
N LEU A 208 -9.15 13.44 32.02
CA LEU A 208 -9.89 13.86 30.83
C LEU A 208 -9.64 12.95 29.64
N LYS A 209 -8.43 12.39 29.53
CA LYS A 209 -8.07 11.55 28.39
C LYS A 209 -8.47 10.10 28.55
N VAL A 210 -8.79 9.66 29.77
CA VAL A 210 -9.39 8.34 29.99
C VAL A 210 -10.86 8.43 30.32
N MET A 211 -11.42 9.64 30.38
CA MET A 211 -12.79 9.87 30.80
C MET A 211 -13.70 10.34 29.68
N ARG A 212 -13.21 11.19 28.79
CA ARG A 212 -14.03 11.81 27.75
C ARG A 212 -14.10 10.90 26.52
N ASP A 213 -14.66 9.72 26.73
CA ASP A 213 -14.87 8.74 25.68
C ASP A 213 -16.37 8.49 25.50
N ASP A 214 -16.79 8.32 24.25
CA ASP A 214 -18.19 8.08 23.96
C ASP A 214 -18.61 6.70 24.46
N ALA A 215 -19.90 6.55 24.74
CA ALA A 215 -20.44 5.33 25.34
C ALA A 215 -20.56 4.24 24.29
N GLU A 216 -19.40 3.72 23.89
CA GLU A 216 -19.38 2.56 23.00
C GLU A 216 -20.01 1.34 23.66
N SER A 217 -19.80 1.20 24.97
CA SER A 217 -20.37 0.07 25.71
C SER A 217 -21.89 0.12 25.72
N MET A 218 -22.50 1.24 25.38
CA MET A 218 -23.95 1.33 25.19
C MET A 218 -24.33 1.23 23.72
N ILE A 219 -23.62 1.96 22.85
CA ILE A 219 -23.90 1.94 21.42
C ILE A 219 -23.85 0.51 20.89
N GLU A 220 -22.71 -0.14 21.00
CA GLU A 220 -22.61 -1.53 20.56
C GLU A 220 -22.92 -2.51 21.68
N GLN A 221 -23.94 -2.25 22.50
CA GLN A 221 -24.54 -3.29 23.31
C GLN A 221 -26.05 -3.30 23.12
N SER A 222 -26.68 -2.12 23.23
CA SER A 222 -28.13 -2.05 23.29
C SER A 222 -28.76 -1.81 21.93
N MET A 223 -28.11 -1.05 21.05
CA MET A 223 -28.68 -0.71 19.75
C MET A 223 -28.12 -1.55 18.62
N PHE A 224 -26.82 -1.81 18.62
CA PHE A 224 -26.19 -2.54 17.51
C PHE A 224 -26.20 -4.05 17.70
N GLY A 225 -26.49 -4.54 18.90
CA GLY A 225 -26.64 -5.96 19.13
C GLY A 225 -25.37 -6.73 19.42
N HIS A 226 -24.24 -6.05 19.60
CA HIS A 226 -23.01 -6.75 19.96
C HIS A 226 -23.07 -7.21 21.41
N LYS A 227 -22.92 -8.51 21.63
CA LYS A 227 -22.94 -9.12 22.95
C LYS A 227 -21.74 -10.01 23.10
N HIS A 228 -21.22 -10.11 24.32
CA HIS A 228 -20.09 -10.99 24.57
C HIS A 228 -20.54 -12.44 24.49
N ARG A 229 -19.56 -13.34 24.31
CA ARG A 229 -19.89 -14.76 24.22
C ARG A 229 -20.53 -15.27 25.50
N ARG A 230 -20.11 -14.76 26.66
CA ARG A 230 -20.74 -15.15 27.90
C ARG A 230 -22.18 -14.67 27.97
N LEU A 231 -22.44 -13.45 27.50
CA LEU A 231 -23.82 -12.96 27.43
C LEU A 231 -24.66 -13.78 26.47
N TYR A 232 -24.07 -14.16 25.33
CA TYR A 232 -24.77 -15.05 24.39
C TYR A 232 -25.11 -16.38 25.05
N LEU A 233 -24.17 -16.94 25.80
CA LEU A 233 -24.41 -18.21 26.48
C LEU A 233 -25.52 -18.08 27.50
N GLU A 234 -25.52 -16.98 28.28
CA GLU A 234 -26.58 -16.78 29.25
C GLU A 234 -27.93 -16.59 28.57
N ALA A 235 -27.96 -15.87 27.45
CA ALA A 235 -29.21 -15.67 26.74
C ALA A 235 -29.78 -16.99 26.22
N ILE A 236 -28.93 -17.81 25.60
CA ILE A 236 -29.44 -19.09 25.09
C ILE A 236 -29.82 -20.02 26.23
N ALA A 237 -29.09 -19.97 27.34
CA ALA A 237 -29.49 -20.75 28.50
C ALA A 237 -30.86 -20.30 29.02
N GLN A 238 -31.14 -18.99 28.91
CA GLN A 238 -32.44 -18.48 29.35
C GLN A 238 -33.55 -18.94 28.42
N ASP A 239 -33.32 -18.94 27.11
CA ASP A 239 -34.41 -19.17 26.17
C ASP A 239 -34.40 -20.53 25.48
N ILE A 240 -33.49 -21.43 25.83
CA ILE A 240 -33.63 -22.83 25.41
C ILE A 240 -34.86 -23.48 26.03
N PRO A 241 -35.14 -23.34 27.34
CA PRO A 241 -36.38 -23.93 27.88
C PRO A 241 -37.65 -23.40 27.21
N ARG A 242 -37.67 -22.12 26.85
CA ARG A 242 -38.89 -21.51 26.33
C ARG A 242 -39.21 -21.93 24.90
N ASP A 243 -38.23 -22.41 24.16
CA ASP A 243 -38.46 -22.85 22.78
C ASP A 243 -39.08 -24.25 22.81
N SER A 244 -40.32 -24.36 22.33
CA SER A 244 -41.01 -25.65 22.37
C SER A 244 -40.51 -26.62 21.31
N ARG A 245 -39.83 -26.12 20.27
CA ARG A 245 -39.29 -27.01 19.25
C ARG A 245 -38.14 -27.86 19.76
N LEU A 246 -37.47 -27.43 20.82
CA LEU A 246 -36.27 -28.09 21.33
C LEU A 246 -36.57 -29.16 22.38
N LYS A 247 -37.83 -29.30 22.78
CA LYS A 247 -38.14 -30.22 23.88
C LYS A 247 -37.73 -31.67 23.59
N PRO A 248 -37.97 -32.24 22.41
CA PRO A 248 -37.40 -33.58 22.14
C PRO A 248 -35.88 -33.62 22.26
N ILE A 249 -35.19 -32.58 21.79
CA ILE A 249 -33.74 -32.57 21.87
C ILE A 249 -33.28 -32.41 23.31
N ILE A 250 -33.98 -31.58 24.08
CA ILE A 250 -33.66 -31.44 25.51
C ILE A 250 -33.87 -32.77 26.23
N GLU A 251 -34.96 -33.47 25.90
CA GLU A 251 -35.21 -34.77 26.52
C GLU A 251 -34.12 -35.77 26.16
N ALA A 252 -33.67 -35.76 24.90
CA ALA A 252 -32.57 -36.64 24.50
C ALA A 252 -31.30 -36.30 25.26
N PHE A 253 -31.01 -35.01 25.44
CA PHE A 253 -29.83 -34.58 26.18
C PHE A 253 -30.03 -34.63 27.69
N SER A 254 -31.20 -35.11 28.16
CA SER A 254 -31.49 -35.35 29.57
C SER A 254 -31.30 -34.10 30.43
N GLY A 255 -31.67 -32.94 29.91
CA GLY A 255 -31.66 -31.73 30.69
C GLY A 255 -31.41 -30.50 29.83
N VAL A 256 -31.92 -29.37 30.30
CA VAL A 256 -31.66 -28.10 29.63
C VAL A 256 -30.21 -27.69 29.79
N GLU A 257 -29.63 -27.93 30.99
CA GLU A 257 -28.25 -27.54 31.24
C GLU A 257 -27.28 -28.28 30.33
N LYS A 258 -27.50 -29.59 30.15
CA LYS A 258 -26.60 -30.38 29.31
C LYS A 258 -26.70 -29.94 27.84
N PHE A 259 -27.91 -29.70 27.36
CA PHE A 259 -28.08 -29.23 25.98
C PHE A 259 -27.47 -27.84 25.79
N HIS A 260 -27.63 -26.96 26.78
CA HIS A 260 -26.99 -25.66 26.72
C HIS A 260 -25.48 -25.78 26.66
N HIS A 261 -24.91 -26.65 27.50
CA HIS A 261 -23.47 -26.85 27.48
C HIS A 261 -23.00 -27.37 26.13
N PHE A 262 -23.74 -28.33 25.57
CA PHE A 262 -23.42 -28.87 24.25
C PHE A 262 -23.41 -27.78 23.19
N ILE A 263 -24.51 -27.01 23.12
CA ILE A 263 -24.63 -25.97 22.09
C ILE A 263 -23.56 -24.91 22.26
N GLY A 264 -23.31 -24.49 23.49
CA GLY A 264 -22.30 -23.47 23.72
C GLY A 264 -20.90 -23.95 23.39
N ASN A 265 -20.60 -25.22 23.72
CA ASN A 265 -19.29 -25.76 23.39
C ASN A 265 -19.09 -25.82 21.89
N LEU A 266 -20.13 -26.22 21.14
CA LEU A 266 -20.00 -26.24 19.69
C LEU A 266 -19.94 -24.84 19.09
N SER A 267 -20.64 -23.88 19.69
CA SER A 267 -20.60 -22.50 19.18
C SER A 267 -19.26 -21.82 19.41
N ASN A 268 -18.45 -22.34 20.33
CA ASN A 268 -17.15 -21.74 20.62
C ASN A 268 -16.06 -22.18 19.65
N LEU A 269 -16.34 -23.16 18.80
CA LEU A 269 -15.33 -23.65 17.87
C LEU A 269 -15.06 -22.62 16.78
N GLN A 270 -13.79 -22.52 16.39
CA GLN A 270 -13.39 -21.64 15.30
C GLN A 270 -13.68 -22.32 13.97
N LEU A 271 -13.44 -21.58 12.87
CA LEU A 271 -13.61 -22.18 11.55
C LEU A 271 -12.61 -23.30 11.32
N ARG A 272 -11.38 -23.14 11.81
CA ARG A 272 -10.35 -24.14 11.54
C ARG A 272 -10.66 -25.49 12.17
N ALA A 273 -11.23 -25.48 13.39
CA ALA A 273 -11.59 -26.75 14.02
C ALA A 273 -12.65 -27.50 13.23
N LEU A 274 -13.72 -26.78 12.84
CA LEU A 274 -14.78 -27.39 12.04
C LEU A 274 -14.23 -27.87 10.70
N ARG A 275 -13.35 -27.08 10.09
CA ARG A 275 -12.69 -27.47 8.86
C ARG A 275 -11.93 -28.78 9.03
N TRP A 276 -11.14 -28.88 10.11
CA TRP A 276 -10.40 -30.11 10.36
C TRP A 276 -11.33 -31.30 10.53
N TYR A 277 -12.46 -31.09 11.20
CA TYR A 277 -13.43 -32.18 11.32
C TYR A 277 -13.98 -32.60 9.96
N PHE A 278 -14.28 -31.63 9.10
CA PHE A 278 -14.92 -31.91 7.82
C PHE A 278 -13.93 -32.02 6.68
N ASN A 279 -12.63 -31.97 6.93
CA ASN A 279 -11.61 -32.07 5.89
C ASN A 279 -11.34 -33.55 5.57
N ASP A 280 -12.34 -34.18 4.95
CA ASP A 280 -12.19 -35.55 4.49
C ASP A 280 -13.25 -35.83 3.45
N PRO A 281 -12.92 -36.49 2.33
CA PRO A 281 -13.93 -36.76 1.31
C PRO A 281 -15.11 -37.57 1.83
N SER A 282 -14.89 -38.48 2.78
CA SER A 282 -15.98 -39.27 3.33
C SER A 282 -16.90 -38.47 4.24
N MET A 283 -16.53 -37.23 4.58
CA MET A 283 -17.36 -36.42 5.45
C MET A 283 -18.54 -35.78 4.74
N LYS A 284 -18.63 -35.94 3.41
CA LYS A 284 -19.80 -35.46 2.69
C LYS A 284 -21.05 -36.26 3.04
N ASN A 285 -20.88 -37.43 3.64
CA ASN A 285 -22.01 -38.22 4.13
C ASN A 285 -22.44 -37.82 5.53
N ASN A 286 -21.78 -36.82 6.13
CA ASN A 286 -22.09 -36.36 7.48
C ASN A 286 -21.99 -37.50 8.49
N VAL A 287 -20.88 -38.23 8.42
CA VAL A 287 -20.65 -39.36 9.31
C VAL A 287 -20.22 -38.84 10.69
N PHE A 288 -20.87 -39.33 11.73
CA PHE A 288 -20.53 -38.98 13.11
C PHE A 288 -19.43 -39.93 13.56
N ASP A 289 -18.22 -39.39 13.73
CA ASP A 289 -17.06 -40.17 14.16
C ASP A 289 -16.64 -39.67 15.53
N LYS A 290 -16.63 -40.58 16.52
CA LYS A 290 -16.29 -40.19 17.89
C LYS A 290 -14.83 -39.79 18.01
N GLU A 291 -13.93 -40.64 17.51
CA GLU A 291 -12.51 -40.37 17.65
C GLU A 291 -12.07 -39.17 16.82
N ARG A 292 -12.66 -38.99 15.64
CA ARG A 292 -12.35 -37.81 14.84
C ARG A 292 -12.75 -36.53 15.57
N LEU A 293 -13.95 -36.51 16.16
CA LEU A 293 -14.38 -35.33 16.88
C LEU A 293 -13.51 -35.08 18.11
N LYS A 294 -13.15 -36.13 18.84
CA LYS A 294 -12.27 -35.95 19.99
C LYS A 294 -10.91 -35.38 19.57
N SER A 295 -10.33 -35.93 18.50
CA SER A 295 -9.04 -35.45 18.03
C SER A 295 -9.13 -34.01 17.55
N VAL A 296 -10.23 -33.65 16.89
CA VAL A 296 -10.41 -32.29 16.42
C VAL A 296 -10.51 -31.32 17.60
N LEU A 297 -11.32 -31.68 18.60
CA LEU A 297 -11.48 -30.81 19.75
C LEU A 297 -10.18 -30.65 20.53
N VAL A 298 -9.41 -31.73 20.66
CA VAL A 298 -8.10 -31.63 21.31
C VAL A 298 -7.17 -30.75 20.49
N ARG A 299 -7.14 -30.95 19.17
CA ARG A 299 -6.31 -30.13 18.30
C ARG A 299 -6.78 -28.69 18.27
N ALA A 300 -8.09 -28.45 18.41
CA ALA A 300 -8.61 -27.09 18.34
C ALA A 300 -8.09 -26.23 19.49
N TYR A 301 -8.18 -26.74 20.72
CA TYR A 301 -7.83 -25.96 21.90
C TYR A 301 -6.36 -26.08 22.28
N GLN A 302 -5.61 -26.98 21.64
CA GLN A 302 -4.16 -26.94 21.71
C GLN A 302 -3.56 -25.92 20.74
N PHE A 303 -4.39 -25.38 19.84
CA PHE A 303 -3.91 -24.40 18.87
C PHE A 303 -3.68 -23.04 19.52
N PHE A 304 -4.44 -22.73 20.57
CA PHE A 304 -4.42 -21.39 21.15
C PHE A 304 -3.22 -21.19 22.07
N HIS A 305 -2.66 -19.99 22.05
CA HIS A 305 -1.71 -19.54 23.07
C HIS A 305 -2.52 -18.82 24.14
N TYR A 306 -2.84 -19.53 25.22
CA TYR A 306 -3.66 -18.97 26.27
C TYR A 306 -2.89 -17.95 27.09
N PRO A 307 -3.58 -16.95 27.64
CA PRO A 307 -2.94 -16.03 28.58
C PRO A 307 -2.49 -16.76 29.83
N LYS A 308 -1.47 -16.21 30.49
CA LYS A 308 -0.95 -16.82 31.71
C LYS A 308 -2.04 -16.93 32.77
N ASP A 309 -2.95 -15.95 32.81
CA ASP A 309 -4.04 -16.00 33.78
C ASP A 309 -4.97 -17.18 33.51
N LEU A 310 -5.20 -17.51 32.24
CA LEU A 310 -6.12 -18.57 31.85
C LEU A 310 -5.45 -19.95 31.78
N THR A 311 -4.35 -20.14 32.52
CA THR A 311 -3.68 -21.44 32.52
C THR A 311 -4.59 -22.53 33.08
N GLN A 312 -5.30 -22.23 34.16
CA GLN A 312 -6.20 -23.23 34.75
C GLN A 312 -7.39 -23.52 33.84
N GLN A 313 -7.90 -22.50 33.14
CA GLN A 313 -8.97 -22.73 32.18
C GLN A 313 -8.50 -23.60 31.02
N ARG A 314 -7.30 -23.34 30.50
CA ARG A 314 -6.72 -24.21 29.48
C ARG A 314 -6.57 -25.63 30.00
N ALA A 315 -6.10 -25.78 31.23
CA ALA A 315 -5.95 -27.10 31.82
C ALA A 315 -7.28 -27.82 31.91
N GLU A 316 -8.33 -27.11 32.34
CA GLU A 316 -9.66 -27.72 32.43
C GLU A 316 -10.14 -28.18 31.06
N VAL A 317 -10.03 -27.32 30.06
CA VAL A 317 -10.54 -27.66 28.72
C VAL A 317 -9.78 -28.85 28.15
N LEU A 318 -8.44 -28.83 28.25
CA LEU A 318 -7.65 -29.90 27.68
C LEU A 318 -7.79 -31.20 28.47
N ASN A 319 -7.98 -31.13 29.78
CA ASN A 319 -8.24 -32.35 30.54
C ASN A 319 -9.61 -32.93 30.21
N ALA A 320 -10.60 -32.07 29.94
CA ALA A 320 -11.91 -32.56 29.54
C ALA A 320 -11.85 -33.24 28.19
N TYR A 321 -11.21 -32.61 27.21
CA TYR A 321 -11.22 -33.16 25.85
C TYR A 321 -10.26 -34.35 25.71
N GLU A 322 -9.01 -34.19 26.15
CA GLU A 322 -8.04 -35.26 26.00
C GLU A 322 -8.42 -36.49 26.81
N GLY A 323 -8.95 -36.30 28.01
CA GLY A 323 -9.35 -37.39 28.87
C GLY A 323 -10.76 -37.90 28.63
N ALA A 324 -11.41 -37.47 27.56
CA ALA A 324 -12.80 -37.81 27.31
C ALA A 324 -12.93 -39.26 26.87
N THR A 325 -13.60 -40.07 27.69
CA THR A 325 -14.01 -41.40 27.24
C THR A 325 -15.22 -41.34 26.34
N ASP A 326 -15.98 -40.25 26.37
CA ASP A 326 -17.11 -40.04 25.48
C ASP A 326 -17.16 -38.54 25.17
N ILE A 327 -16.74 -38.17 23.97
CA ILE A 327 -16.58 -36.76 23.62
C ILE A 327 -17.93 -36.03 23.62
N LEU A 328 -19.02 -36.74 23.35
CA LEU A 328 -20.33 -36.09 23.38
C LEU A 328 -20.74 -35.76 24.81
N GLU A 329 -20.51 -36.68 25.75
CA GLU A 329 -20.81 -36.41 27.15
C GLU A 329 -19.90 -35.33 27.70
N THR A 330 -18.64 -35.28 27.24
CA THR A 330 -17.74 -34.21 27.65
C THR A 330 -18.26 -32.85 27.19
N LEU A 331 -18.74 -32.77 25.95
CA LEU A 331 -19.33 -31.53 25.48
C LEU A 331 -20.57 -31.18 26.30
N GLN A 332 -21.39 -32.18 26.64
CA GLN A 332 -22.57 -31.96 27.45
C GLN A 332 -22.24 -31.52 28.87
N THR A 333 -21.05 -31.85 29.38
CA THR A 333 -20.69 -31.57 30.76
C THR A 333 -19.70 -30.42 30.91
N LEU A 334 -18.79 -30.24 29.96
CA LEU A 334 -17.81 -29.17 30.07
C LEU A 334 -18.48 -27.81 29.95
N ASN A 335 -18.05 -26.88 30.80
CA ASN A 335 -18.69 -25.58 30.89
C ASN A 335 -18.32 -24.73 29.67
N PRO A 336 -19.30 -24.19 28.94
CA PRO A 336 -18.99 -23.41 27.73
C PRO A 336 -18.14 -22.18 27.99
N GLU A 337 -18.27 -21.55 29.16
CA GLU A 337 -17.51 -20.34 29.44
C GLU A 337 -16.01 -20.60 29.46
N LEU A 338 -15.59 -21.84 29.75
CA LEU A 338 -14.17 -22.17 29.73
C LEU A 338 -13.64 -22.32 28.31
N THR A 339 -14.50 -22.72 27.38
CA THR A 339 -14.09 -23.05 26.02
C THR A 339 -14.13 -21.86 25.07
N ILE A 340 -14.38 -20.66 25.57
CA ILE A 340 -14.30 -19.46 24.75
C ILE A 340 -12.85 -19.28 24.36
N PRO A 341 -12.52 -19.24 23.06
CA PRO A 341 -11.11 -19.17 22.68
C PRO A 341 -10.49 -17.86 23.12
N PRO A 342 -9.20 -17.86 23.45
CA PRO A 342 -8.52 -16.59 23.77
C PRO A 342 -8.19 -15.79 22.52
N TYR A 343 -7.46 -14.70 22.68
CA TYR A 343 -7.12 -13.85 21.56
C TYR A 343 -6.18 -14.58 20.59
N GLU A 344 -6.31 -14.26 19.31
CA GLU A 344 -5.51 -14.89 18.27
C GLU A 344 -4.11 -14.35 18.33
N ASP A 345 -3.20 -15.11 18.95
CA ASP A 345 -1.79 -14.73 19.02
C ASP A 345 -1.12 -15.21 17.73
N GLN A 346 -1.21 -14.35 16.70
CA GLN A 346 -0.68 -14.65 15.38
C GLN A 346 0.72 -14.11 15.18
N ASN A 347 1.52 -14.02 16.25
CA ASN A 347 2.82 -13.36 16.18
C ASN A 347 3.81 -14.13 15.31
N ASN A 348 3.67 -15.44 15.21
CA ASN A 348 4.60 -16.27 14.47
C ASN A 348 4.23 -16.42 13.00
N ARG A 349 3.18 -15.74 12.55
CA ARG A 349 2.75 -15.81 11.16
C ARG A 349 3.78 -15.14 10.26
N ARG A 350 4.46 -15.93 9.43
CA ARG A 350 5.46 -15.45 8.48
C ARG A 350 6.49 -14.56 9.16
N PRO A 351 7.39 -15.13 9.96
CA PRO A 351 8.40 -14.31 10.64
C PRO A 351 9.36 -13.68 9.65
N PRO A 352 10.00 -12.57 10.04
CA PRO A 352 10.98 -11.95 9.14
C PRO A 352 12.17 -12.87 8.88
N LEU A 353 12.78 -12.70 7.71
CA LEU A 353 13.95 -13.46 7.32
C LEU A 353 15.20 -12.61 7.51
N ASP A 354 16.23 -13.21 8.12
CA ASP A 354 17.49 -12.50 8.31
C ASP A 354 18.10 -12.17 6.96
N GLN A 355 18.51 -10.92 6.80
CA GLN A 355 19.06 -10.42 5.55
C GLN A 355 20.58 -10.44 5.51
N THR A 356 21.23 -10.95 6.56
CA THR A 356 22.68 -10.91 6.65
C THR A 356 23.31 -11.69 5.50
N LEU A 357 24.34 -11.12 4.89
CA LEU A 357 25.11 -11.78 3.84
C LEU A 357 26.30 -12.49 4.46
N TRP A 358 26.50 -13.75 4.06
CA TRP A 358 27.49 -14.63 4.64
C TRP A 358 28.41 -15.15 3.56
N LEU A 359 29.71 -15.08 3.78
CA LEU A 359 30.65 -15.74 2.88
C LEU A 359 30.42 -17.24 2.96
N SER A 360 30.12 -17.86 1.81
CA SER A 360 29.56 -19.20 1.80
C SER A 360 30.62 -20.21 1.39
N PRO A 361 30.88 -21.24 2.20
CA PRO A 361 31.70 -22.35 1.71
C PRO A 361 31.03 -23.13 0.59
N ARG A 362 29.71 -23.05 0.47
CA ARG A 362 29.01 -23.73 -0.62
C ARG A 362 29.44 -23.18 -1.97
N LEU A 363 29.35 -21.87 -2.15
CA LEU A 363 29.75 -21.27 -3.43
C LEU A 363 31.26 -21.25 -3.60
N LEU A 364 32.00 -21.16 -2.50
CA LEU A 364 33.46 -21.27 -2.60
C LEU A 364 33.87 -22.65 -3.09
N ASP A 365 33.16 -23.69 -2.66
CA ASP A 365 33.41 -25.03 -3.19
C ASP A 365 32.88 -25.20 -4.60
N GLN A 366 31.79 -24.51 -4.94
CA GLN A 366 31.29 -24.53 -6.31
C GLN A 366 32.32 -23.95 -7.27
N ARG A 367 32.95 -22.84 -6.89
CA ARG A 367 33.93 -22.21 -7.76
C ARG A 367 35.28 -22.93 -7.72
N TYR A 368 35.75 -23.26 -6.52
CA TYR A 368 37.11 -23.77 -6.32
C TYR A 368 37.05 -25.06 -5.52
N GLY A 369 38.11 -25.85 -5.63
CA GLY A 369 38.20 -27.07 -4.85
C GLY A 369 38.64 -26.82 -3.42
N ASP A 370 39.53 -27.67 -2.92
CA ASP A 370 40.08 -27.53 -1.57
C ASP A 370 41.03 -26.34 -1.47
N THR A 371 41.29 -25.63 -2.56
CA THR A 371 42.32 -24.59 -2.59
C THR A 371 42.00 -23.46 -1.62
N TRP A 372 40.73 -23.07 -1.50
CA TRP A 372 40.41 -21.91 -0.67
C TRP A 372 40.63 -22.19 0.81
N GLU A 373 40.36 -23.42 1.25
CA GLU A 373 40.71 -23.78 2.62
C GLU A 373 42.22 -23.83 2.81
N ILE A 374 42.97 -24.15 1.75
CA ILE A 374 44.42 -24.05 1.83
C ILE A 374 44.85 -22.60 2.01
N TRP A 375 44.20 -21.68 1.31
CA TRP A 375 44.47 -20.26 1.52
C TRP A 375 44.21 -19.87 2.97
N VAL A 376 43.08 -20.32 3.51
CA VAL A 376 42.72 -19.99 4.89
C VAL A 376 43.77 -20.53 5.86
N GLN A 377 44.19 -21.79 5.67
CA GLN A 377 45.19 -22.38 6.55
C GLN A 377 46.52 -21.65 6.46
N ASN A 378 46.96 -21.34 5.25
CA ASN A 378 48.23 -20.65 5.07
C ASN A 378 48.21 -19.27 5.70
N LEU A 379 47.10 -18.55 5.53
CA LEU A 379 46.99 -17.23 6.16
C LEU A 379 46.88 -17.35 7.68
N LEU A 380 46.30 -18.44 8.17
CA LEU A 380 46.22 -18.66 9.61
C LEU A 380 47.59 -18.93 10.22
N ARG A 381 48.48 -19.58 9.46
CA ARG A 381 49.83 -19.83 9.97
C ARG A 381 50.61 -18.55 10.20
N SER A 382 50.19 -17.43 9.61
CA SER A 382 50.92 -16.18 9.78
C SER A 382 50.71 -15.62 11.19
N PRO A 383 51.73 -14.99 11.76
CA PRO A 383 51.56 -14.34 13.08
C PRO A 383 50.51 -13.22 13.06
N LEU A 384 50.30 -12.57 11.91
CA LEU A 384 49.35 -11.47 11.83
C LEU A 384 47.90 -11.95 11.91
N SER A 385 47.66 -13.26 11.86
CA SER A 385 46.34 -13.82 12.07
C SER A 385 46.10 -14.21 13.52
N LYS A 386 47.00 -13.84 14.42
CA LYS A 386 46.88 -14.20 15.83
C LYS A 386 45.67 -13.50 16.45
N GLY A 387 44.75 -14.30 16.99
CA GLY A 387 43.59 -13.76 17.68
C GLY A 387 42.42 -13.40 16.80
N ILE A 388 42.37 -13.89 15.55
CA ILE A 388 41.25 -13.58 14.67
C ILE A 388 40.09 -14.55 14.82
N ASP A 389 40.33 -15.76 15.31
CA ASP A 389 39.32 -16.81 15.42
C ASP A 389 39.00 -17.12 16.88
N GLU A 390 38.93 -16.08 17.71
CA GLU A 390 38.74 -16.29 19.15
C GLU A 390 37.38 -16.91 19.46
N ASN A 391 36.32 -16.44 18.79
CA ASN A 391 34.97 -16.84 19.14
C ASN A 391 34.37 -17.87 18.20
N LEU A 392 35.17 -18.42 17.27
CA LEU A 392 34.64 -19.43 16.37
C LEU A 392 34.44 -20.78 17.05
N ASP A 393 34.97 -20.98 18.24
CA ASP A 393 34.71 -22.22 18.97
C ASP A 393 33.30 -22.26 19.55
N THR A 394 32.61 -21.13 19.61
CA THR A 394 31.30 -21.04 20.24
C THR A 394 30.20 -20.52 19.32
N ILE A 395 30.50 -19.55 18.46
CA ILE A 395 29.45 -18.95 17.65
C ILE A 395 29.07 -19.79 16.44
N LEU A 396 29.92 -20.74 16.03
CA LEU A 396 29.61 -21.57 14.89
C LEU A 396 28.54 -22.62 15.18
N ILE A 397 28.16 -22.80 16.44
CA ILE A 397 27.17 -23.81 16.77
C ILE A 397 25.77 -23.40 16.30
N THR A 398 25.51 -22.10 16.18
CA THR A 398 24.20 -21.60 15.81
C THR A 398 24.09 -21.48 14.29
N THR A 399 23.10 -22.14 13.70
CA THR A 399 22.87 -22.03 12.27
C THR A 399 22.63 -20.58 11.87
N ASP A 400 23.29 -20.16 10.80
CA ASP A 400 23.27 -18.76 10.37
C ASP A 400 22.70 -18.53 8.99
N ARG A 401 22.53 -19.57 8.17
CA ARG A 401 22.04 -19.39 6.81
C ARG A 401 20.98 -20.44 6.52
N LYS A 402 20.31 -20.27 5.37
CA LYS A 402 19.28 -21.23 4.97
C LYS A 402 19.90 -22.53 4.48
N ALA A 403 21.00 -22.44 3.72
CA ALA A 403 21.62 -23.64 3.19
C ALA A 403 22.19 -24.52 4.30
N ARG A 404 22.81 -23.91 5.32
CA ARG A 404 23.25 -24.69 6.47
C ARG A 404 22.07 -25.31 7.19
N LEU A 405 20.95 -24.59 7.28
CA LEU A 405 19.75 -25.17 7.88
C LEU A 405 19.29 -26.40 7.10
N LEU A 406 19.27 -26.31 5.77
CA LEU A 406 18.85 -27.45 4.97
C LEU A 406 19.81 -28.62 5.16
N GLU A 407 21.11 -28.35 5.18
CA GLU A 407 22.08 -29.41 5.36
C GLU A 407 21.92 -30.09 6.73
N ARG A 408 21.70 -29.31 7.78
CA ARG A 408 21.56 -29.89 9.10
C ARG A 408 20.23 -30.60 9.27
N GLN A 409 19.18 -30.13 8.58
CA GLN A 409 17.92 -30.87 8.56
C GLN A 409 18.09 -32.22 7.88
N SER A 410 18.85 -32.25 6.79
CA SER A 410 19.16 -33.53 6.14
C SER A 410 20.19 -34.34 6.92
N GLY A 411 20.90 -33.73 7.86
CA GLY A 411 21.91 -34.46 8.62
C GLY A 411 23.08 -34.94 7.79
N ARG A 412 23.36 -34.27 6.68
CA ARG A 412 24.37 -34.68 5.70
C ARG A 412 25.24 -33.51 5.32
N LEU A 413 25.79 -32.82 6.32
CA LEU A 413 26.65 -31.66 6.09
C LEU A 413 27.81 -32.01 5.17
N ILE A 414 27.91 -31.29 4.04
CA ILE A 414 29.03 -31.45 3.12
C ILE A 414 29.75 -30.11 2.99
N HIS A 415 29.04 -29.10 2.48
CA HIS A 415 29.63 -27.79 2.30
C HIS A 415 29.80 -27.05 3.62
N TYR A 416 28.82 -27.17 4.51
CA TYR A 416 28.82 -26.46 5.79
C TYR A 416 29.26 -27.35 6.95
N THR A 417 30.22 -28.24 6.70
CA THR A 417 30.89 -28.94 7.77
C THR A 417 31.59 -27.93 8.68
N SER A 418 31.65 -28.25 9.97
CA SER A 418 32.16 -27.31 10.96
C SER A 418 33.54 -26.78 10.59
N GLN A 419 34.39 -27.63 10.00
CA GLN A 419 35.70 -27.15 9.56
C GLN A 419 35.58 -26.18 8.39
N LYS A 420 34.75 -26.51 7.40
CA LYS A 420 34.54 -25.60 6.27
C LYS A 420 33.92 -24.29 6.72
N LEU A 421 32.96 -24.34 7.65
CA LEU A 421 32.38 -23.12 8.19
C LEU A 421 33.41 -22.29 8.95
N TYR A 422 34.26 -22.96 9.73
CA TYR A 422 35.33 -22.27 10.45
C TYR A 422 36.22 -21.53 9.46
N HIS A 423 36.61 -22.21 8.38
CA HIS A 423 37.44 -21.59 7.35
C HIS A 423 36.73 -20.43 6.67
N SER A 424 35.42 -20.56 6.42
CA SER A 424 34.66 -19.48 5.77
C SER A 424 34.61 -18.25 6.66
N TYR A 425 34.30 -18.45 7.94
CA TYR A 425 34.26 -17.30 8.86
C TYR A 425 35.62 -16.64 8.97
N VAL A 426 36.68 -17.44 9.06
CA VAL A 426 38.03 -16.89 9.18
C VAL A 426 38.42 -16.11 7.93
N LEU A 427 38.10 -16.67 6.76
CA LEU A 427 38.36 -15.99 5.50
C LEU A 427 37.59 -14.68 5.40
N GLN A 428 36.32 -14.67 5.82
CA GLN A 428 35.53 -13.44 5.75
C GLN A 428 36.07 -12.40 6.70
N ARG A 429 36.53 -12.81 7.90
CA ARG A 429 37.15 -11.86 8.81
C ARG A 429 38.43 -11.28 8.24
N LEU A 430 39.25 -12.13 7.60
CA LEU A 430 40.46 -11.64 6.96
C LEU A 430 40.14 -10.66 5.84
N LEU A 431 39.11 -10.95 5.05
CA LEU A 431 38.74 -10.06 3.96
C LEU A 431 38.12 -8.77 4.47
N ASP A 432 37.25 -8.87 5.48
CA ASP A 432 36.59 -7.71 6.06
C ASP A 432 37.45 -6.98 7.09
N ARG A 433 38.75 -7.30 7.15
CA ARG A 433 39.65 -6.62 8.08
C ARG A 433 39.76 -5.15 7.73
N THR A 434 39.75 -4.30 8.77
CA THR A 434 39.91 -2.88 8.54
C THR A 434 41.34 -2.57 8.07
N VAL A 435 41.48 -1.42 7.40
CA VAL A 435 42.77 -1.09 6.79
C VAL A 435 43.84 -0.87 7.85
N GLU A 436 43.47 -0.45 9.06
CA GLU A 436 44.42 -0.21 10.12
C GLU A 436 44.71 -1.44 10.97
N ASN A 437 43.89 -2.49 10.87
CA ASN A 437 44.00 -3.64 11.77
C ASN A 437 44.94 -4.71 11.18
N ASP A 438 46.19 -4.31 10.98
CA ASP A 438 47.27 -5.23 10.62
C ASP A 438 46.96 -6.00 9.33
N ALA A 439 46.14 -5.42 8.47
CA ALA A 439 45.76 -6.09 7.24
C ALA A 439 46.91 -6.10 6.24
N TYR A 440 46.72 -6.87 5.16
CA TYR A 440 47.65 -6.91 4.05
C TYR A 440 47.38 -5.82 3.02
N LEU A 441 46.74 -4.73 3.44
CA LEU A 441 46.34 -3.64 2.56
C LEU A 441 45.51 -4.16 1.38
N LEU A 442 44.59 -5.07 1.68
CA LEU A 442 43.53 -5.38 0.74
C LEU A 442 42.67 -4.14 0.52
N LYS A 443 41.96 -4.12 -0.60
CA LYS A 443 41.30 -2.97 -1.22
C LYS A 443 42.32 -2.06 -1.90
N THR A 444 43.62 -2.31 -1.76
CA THR A 444 44.66 -1.57 -2.44
C THR A 444 45.46 -2.42 -3.40
N LEU A 445 45.78 -3.66 -3.02
CA LEU A 445 46.37 -4.60 -3.98
C LEU A 445 45.39 -4.95 -5.07
N VAL A 446 44.09 -4.84 -4.79
CA VAL A 446 43.06 -5.20 -5.77
C VAL A 446 42.78 -4.03 -6.72
N SER A 447 42.80 -2.81 -6.20
CA SER A 447 42.39 -1.64 -6.99
C SER A 447 43.25 -1.49 -8.23
N SER A 448 42.59 -1.17 -9.35
CA SER A 448 43.31 -0.96 -10.61
C SER A 448 44.26 0.22 -10.53
N ASN A 449 44.00 1.16 -9.62
CA ASN A 449 44.86 2.31 -9.41
C ASN A 449 46.10 1.99 -8.58
N ARG A 450 46.40 0.70 -8.38
CA ARG A 450 47.57 0.30 -7.62
C ARG A 450 48.84 0.83 -8.28
N GLY A 451 49.54 1.70 -7.57
CA GLY A 451 50.79 2.27 -8.06
C GLY A 451 51.99 1.59 -7.42
N ASN A 452 53.07 1.51 -8.20
CA ASN A 452 54.32 0.93 -7.70
C ASN A 452 54.81 1.71 -6.49
N SER A 453 54.78 1.08 -5.32
CA SER A 453 55.11 1.78 -4.08
C SER A 453 55.78 0.81 -3.12
N ASN A 454 56.51 1.38 -2.16
CA ASN A 454 57.19 0.55 -1.16
C ASN A 454 56.22 -0.08 -0.18
N GLU A 455 55.16 0.65 0.19
CA GLU A 455 54.19 0.12 1.14
C GLU A 455 53.36 -1.00 0.52
N ILE A 456 52.98 -0.85 -0.74
CA ILE A 456 52.25 -1.92 -1.42
C ILE A 456 53.12 -3.17 -1.54
N HIS A 457 54.44 -2.99 -1.68
CA HIS A 457 55.32 -4.14 -1.59
C HIS A 457 55.36 -4.72 -0.17
N GLN A 458 55.47 -3.86 0.84
CA GLN A 458 55.47 -4.33 2.22
C GLN A 458 54.14 -4.96 2.63
N ALA A 459 53.14 -4.91 1.76
CA ALA A 459 51.91 -5.69 1.94
C ALA A 459 51.88 -6.95 1.08
N GLN A 460 52.18 -6.83 -0.21
CA GLN A 460 52.05 -7.96 -1.13
C GLN A 460 53.13 -9.02 -0.86
N GLU A 461 54.34 -8.59 -0.50
CA GLU A 461 55.38 -9.56 -0.17
C GLU A 461 55.04 -10.32 1.10
N ARG A 462 54.44 -9.64 2.08
CA ARG A 462 53.95 -10.35 3.27
C ARG A 462 52.85 -11.34 2.89
N LEU A 463 51.94 -10.93 2.00
CA LEU A 463 50.89 -11.83 1.54
C LEU A 463 51.47 -13.07 0.87
N THR A 464 52.46 -12.89 0.00
CA THR A 464 53.03 -14.03 -0.71
C THR A 464 53.95 -14.86 0.18
N ARG A 465 54.51 -14.26 1.23
CA ARG A 465 55.23 -15.03 2.23
C ARG A 465 54.29 -15.91 3.04
N ASP A 466 53.12 -15.36 3.39
CA ASP A 466 52.18 -16.07 4.25
C ASP A 466 51.31 -17.04 3.45
N LEU A 467 50.59 -16.51 2.46
CA LEU A 467 49.69 -17.35 1.66
C LEU A 467 50.43 -18.22 0.67
N GLY A 468 51.55 -17.75 0.13
CA GLY A 468 52.32 -18.49 -0.85
C GLY A 468 52.46 -17.71 -2.15
N SER A 469 53.24 -18.29 -3.06
CA SER A 469 53.52 -17.68 -4.35
C SER A 469 52.63 -18.21 -5.47
N GLN A 470 52.28 -19.50 -5.44
CA GLN A 470 51.47 -20.07 -6.51
C GLN A 470 50.02 -19.64 -6.39
N HIS A 471 49.51 -19.54 -5.16
CA HIS A 471 48.09 -19.31 -4.94
C HIS A 471 47.69 -17.84 -5.02
N ILE A 472 48.66 -16.93 -5.17
CA ILE A 472 48.38 -15.50 -4.98
C ILE A 472 47.50 -14.95 -6.08
N LYS A 473 47.68 -15.40 -7.33
CA LYS A 473 46.88 -14.87 -8.43
C LYS A 473 45.42 -15.22 -8.25
N LYS A 474 45.13 -16.50 -7.98
CA LYS A 474 43.75 -16.92 -7.75
C LYS A 474 43.18 -16.26 -6.50
N PHE A 475 44.00 -16.11 -5.45
CA PHE A 475 43.52 -15.47 -4.23
C PHE A 475 43.11 -14.03 -4.49
N LEU A 476 43.93 -13.28 -5.25
CA LEU A 476 43.59 -11.89 -5.51
C LEU A 476 42.42 -11.75 -6.47
N ASP A 477 42.25 -12.68 -7.41
CA ASP A 477 41.04 -12.68 -8.22
C ASP A 477 39.80 -12.88 -7.35
N PHE A 478 39.87 -13.85 -6.44
CA PHE A 478 38.78 -14.09 -5.51
C PHE A 478 38.52 -12.86 -4.64
N VAL A 479 39.58 -12.20 -4.17
CA VAL A 479 39.42 -11.04 -3.31
C VAL A 479 38.81 -9.87 -4.06
N ARG A 480 39.20 -9.68 -5.33
CA ARG A 480 38.60 -8.63 -6.14
C ARG A 480 37.12 -8.90 -6.35
N GLN A 481 36.76 -10.14 -6.67
CA GLN A 481 35.35 -10.47 -6.82
C GLN A 481 34.59 -10.24 -5.51
N TYR A 482 35.20 -10.61 -4.38
CA TYR A 482 34.54 -10.42 -3.09
C TYR A 482 34.28 -8.94 -2.81
N TYR A 483 35.29 -8.09 -2.98
CA TYR A 483 35.07 -6.68 -2.69
C TYR A 483 34.14 -6.02 -3.69
N ASP A 484 34.12 -6.47 -4.94
CA ASP A 484 33.11 -5.98 -5.86
C ASP A 484 31.71 -6.35 -5.37
N GLU A 485 31.55 -7.58 -4.90
CA GLU A 485 30.25 -8.02 -4.39
C GLU A 485 29.83 -7.22 -3.16
N VAL A 486 30.75 -6.96 -2.24
CA VAL A 486 30.39 -6.21 -1.04
C VAL A 486 30.18 -4.73 -1.36
N ASP A 487 30.85 -4.21 -2.38
CA ASP A 487 30.56 -2.86 -2.85
C ASP A 487 29.14 -2.77 -3.37
N LYS A 488 28.71 -3.76 -4.16
CA LYS A 488 27.32 -3.81 -4.59
C LYS A 488 26.38 -3.96 -3.40
N ALA A 489 26.75 -4.77 -2.42
CA ALA A 489 25.88 -5.03 -1.28
C ALA A 489 25.67 -3.77 -0.44
N LYS A 490 26.74 -3.04 -0.15
CA LYS A 490 26.61 -1.83 0.66
C LYS A 490 25.90 -0.71 -0.09
N ARG A 491 25.89 -0.76 -1.42
CA ARG A 491 25.09 0.17 -2.21
C ARG A 491 23.62 -0.21 -2.27
N GLY A 492 23.24 -1.36 -1.73
CA GLY A 492 21.89 -1.86 -1.86
C GLY A 492 21.60 -2.56 -3.16
N LEU A 493 22.64 -3.01 -3.87
CA LEU A 493 22.50 -3.60 -5.19
C LEU A 493 23.21 -4.94 -5.26
N TRP A 494 23.03 -5.77 -4.24
CA TRP A 494 23.67 -7.09 -4.22
C TRP A 494 23.09 -8.02 -5.27
N PHE A 495 21.87 -7.76 -5.75
CA PHE A 495 21.25 -8.59 -6.77
C PHE A 495 21.88 -8.43 -8.14
N ILE A 496 22.69 -7.39 -8.35
CA ILE A 496 23.26 -7.12 -9.66
C ILE A 496 24.39 -8.09 -10.01
N VAL A 497 24.99 -8.72 -9.00
CA VAL A 497 26.23 -9.49 -9.22
C VAL A 497 26.00 -10.63 -10.21
N GLU A 498 24.83 -11.27 -10.17
CA GLU A 498 24.43 -12.30 -11.12
C GLU A 498 25.19 -13.60 -10.91
N LYS A 499 26.21 -13.58 -10.06
CA LYS A 499 26.96 -14.79 -9.72
C LYS A 499 27.50 -14.58 -8.31
N PRO A 500 26.65 -14.74 -7.30
CA PRO A 500 27.06 -14.41 -5.93
C PRO A 500 28.13 -15.36 -5.41
N LEU A 501 28.93 -14.84 -4.49
CA LEU A 501 29.84 -15.65 -3.70
C LEU A 501 29.51 -15.63 -2.21
N MET A 502 28.82 -14.60 -1.74
CA MET A 502 28.17 -14.61 -0.44
C MET A 502 26.73 -15.08 -0.61
N GLU A 503 26.05 -15.30 0.52
CA GLU A 503 24.66 -15.72 0.46
C GLU A 503 23.89 -15.12 1.62
N ARG A 504 22.61 -14.91 1.40
CA ARG A 504 21.73 -14.37 2.44
C ARG A 504 21.40 -15.44 3.46
N ALA A 505 21.14 -15.00 4.69
CA ALA A 505 20.78 -15.94 5.75
C ALA A 505 19.47 -16.65 5.43
N ASP A 506 18.42 -15.90 5.13
CA ASP A 506 17.13 -16.44 4.71
C ASP A 506 16.52 -17.35 5.78
N ILE A 507 16.88 -17.15 7.05
CA ILE A 507 16.28 -17.88 8.15
C ILE A 507 15.82 -16.87 9.20
N HIS A 508 14.85 -17.29 10.01
CA HIS A 508 14.24 -16.39 10.97
C HIS A 508 15.16 -16.19 12.17
N PRO A 509 15.35 -14.97 12.64
CA PRO A 509 15.97 -14.76 13.94
C PRO A 509 14.95 -14.95 15.05
N PRO A 510 15.39 -15.21 16.28
CA PRO A 510 14.44 -15.34 17.39
C PRO A 510 13.92 -13.98 17.84
N MET A 511 12.77 -14.02 18.51
CA MET A 511 12.23 -12.80 19.08
C MET A 511 13.06 -12.37 20.29
N LYS A 512 12.88 -11.10 20.69
CA LYS A 512 13.71 -10.49 21.72
C LYS A 512 13.34 -11.05 23.10
N ASN A 513 13.85 -12.24 23.38
CA ASN A 513 13.76 -12.81 24.71
C ASN A 513 14.96 -12.38 25.55
N ASP A 514 15.00 -12.83 26.80
CA ASP A 514 16.10 -12.46 27.68
C ASP A 514 17.44 -13.01 27.19
N SER A 515 17.43 -14.24 26.66
CA SER A 515 18.66 -14.82 26.15
C SER A 515 19.22 -14.03 24.98
N VAL A 516 18.36 -13.35 24.23
CA VAL A 516 18.80 -12.52 23.12
C VAL A 516 19.17 -11.11 23.60
N ILE A 517 18.42 -10.57 24.56
CA ILE A 517 18.77 -9.26 25.11
C ILE A 517 20.12 -9.32 25.80
N LEU A 518 20.51 -10.50 26.30
CA LEU A 518 21.85 -10.67 26.83
C LEU A 518 22.91 -10.33 25.79
N ARG A 519 22.66 -10.71 24.54
CA ARG A 519 23.57 -10.39 23.45
C ARG A 519 23.28 -9.05 22.80
N LEU A 520 22.16 -8.40 23.15
CA LEU A 520 21.84 -7.08 22.60
C LEU A 520 22.06 -5.95 23.58
N VAL A 521 22.21 -6.23 24.88
CA VAL A 521 22.51 -5.18 25.85
C VAL A 521 23.90 -4.60 25.59
N GLY A 522 24.86 -5.47 25.26
CA GLY A 522 26.23 -5.01 25.09
C GLY A 522 26.40 -3.99 23.97
N ASN A 523 25.55 -4.06 22.94
CA ASN A 523 25.67 -3.15 21.82
C ASN A 523 25.34 -1.71 22.20
N ILE A 524 24.69 -1.48 23.34
CA ILE A 524 24.31 -0.16 23.79
C ILE A 524 25.16 0.29 24.99
N LEU A 525 25.28 -0.56 26.00
CA LEU A 525 26.10 -0.23 27.16
C LEU A 525 27.59 -0.29 26.87
N CYS A 526 27.99 -0.78 25.69
CA CYS A 526 29.38 -0.87 25.26
C CYS A 526 30.21 -1.81 26.14
N VAL A 527 29.55 -2.67 26.92
CA VAL A 527 30.28 -3.62 27.74
C VAL A 527 30.93 -4.67 26.85
N SER A 528 32.12 -5.12 27.24
CA SER A 528 32.82 -6.13 26.45
C SER A 528 32.04 -7.44 26.39
N ASP A 529 31.48 -7.86 27.53
CA ASP A 529 30.66 -9.06 27.58
C ASP A 529 29.78 -9.00 28.82
N LEU A 530 28.74 -9.83 28.81
CA LEU A 530 27.83 -9.94 29.96
C LEU A 530 27.26 -11.35 29.98
N VAL A 531 27.34 -11.99 31.14
CA VAL A 531 26.88 -13.37 31.29
C VAL A 531 25.51 -13.44 31.96
N ASP A 532 25.28 -12.58 32.97
CA ASP A 532 24.04 -12.60 33.73
C ASP A 532 23.50 -11.18 33.87
N LEU A 533 22.18 -11.07 33.90
CA LEU A 533 21.50 -9.81 34.19
C LEU A 533 21.50 -9.58 35.70
N SER A 534 22.70 -9.32 36.23
CA SER A 534 22.88 -9.20 37.67
C SER A 534 22.07 -8.05 38.24
N PHE A 535 21.90 -6.97 37.49
CA PHE A 535 21.07 -5.87 37.95
C PHE A 535 19.62 -6.31 38.16
N TRP A 536 19.16 -7.29 37.37
CA TRP A 536 17.83 -7.87 37.52
C TRP A 536 17.84 -9.14 38.37
N THR A 537 18.88 -9.97 38.24
CA THR A 537 18.92 -11.23 38.95
C THR A 537 19.22 -11.06 40.43
N ARG A 538 20.17 -10.18 40.77
CA ARG A 538 20.70 -10.14 42.14
C ARG A 538 20.86 -8.75 42.73
N LYS A 539 20.60 -7.68 41.96
CA LYS A 539 20.71 -6.29 42.43
C LYS A 539 22.14 -5.90 42.76
N VAL A 540 22.47 -4.62 42.62
CA VAL A 540 23.77 -4.12 43.05
C VAL A 540 23.59 -2.99 44.05
N LYS A 541 22.96 -1.89 43.61
CA LYS A 541 22.75 -0.72 44.45
C LYS A 541 21.32 -0.70 44.99
N GLY A 542 21.02 -1.70 45.81
CA GLY A 542 19.71 -1.80 46.40
C GLY A 542 18.69 -2.37 45.44
N GLN A 543 17.41 -2.10 45.75
CA GLN A 543 16.32 -2.62 44.95
C GLN A 543 16.16 -1.88 43.62
N SER A 544 16.54 -0.62 43.57
CA SER A 544 16.26 0.24 42.42
C SER A 544 17.51 0.52 41.58
N THR A 545 18.35 -0.51 41.39
CA THR A 545 19.51 -0.36 40.53
C THR A 545 19.10 -0.09 39.09
N VAL A 546 18.03 -0.75 38.63
CA VAL A 546 17.49 -0.52 37.29
C VAL A 546 16.01 -0.20 37.39
N ARG A 547 15.26 -1.05 38.11
CA ARG A 547 13.81 -0.91 38.15
C ARG A 547 13.40 0.38 38.85
N SER A 548 12.49 1.11 38.19
CA SER A 548 11.95 2.42 38.56
C SER A 548 12.97 3.53 38.37
N LEU A 549 14.25 3.18 38.31
CA LEU A 549 15.28 4.21 38.18
C LEU A 549 15.53 4.55 36.72
N CYS A 550 15.71 3.52 35.89
CA CYS A 550 15.65 3.73 34.44
C CYS A 550 14.21 3.84 33.95
N THR A 551 13.24 3.39 34.75
CA THR A 551 11.84 3.56 34.38
C THR A 551 11.41 5.01 34.50
N ALA A 552 12.03 5.79 35.39
CA ALA A 552 11.80 7.23 35.38
C ALA A 552 12.23 7.84 34.05
N ILE A 553 13.39 7.41 33.52
CA ILE A 553 13.85 7.89 32.22
C ILE A 553 12.90 7.43 31.12
N GLU A 554 12.42 6.19 31.21
CA GLU A 554 11.46 5.70 30.20
C GLU A 554 10.16 6.48 30.24
N LYS A 555 9.67 6.81 31.44
CA LYS A 555 8.48 7.63 31.57
C LYS A 555 8.70 9.02 30.99
N THR A 556 9.87 9.60 31.25
CA THR A 556 10.21 10.90 30.64
C THR A 556 10.21 10.79 29.12
N ARG A 557 10.72 9.67 28.60
CA ARG A 557 10.74 9.46 27.15
C ARG A 557 9.32 9.37 26.58
N LYS A 558 8.44 8.65 27.26
CA LYS A 558 7.16 8.27 26.65
C LYS A 558 5.99 9.19 26.98
N GLU A 559 6.00 9.88 28.12
CA GLU A 559 4.84 10.66 28.55
C GLU A 559 4.93 12.13 28.18
N TYR A 560 6.00 12.56 27.50
CA TYR A 560 6.07 13.91 26.97
C TYR A 560 5.48 14.04 25.58
N GLY A 561 4.76 13.01 25.12
CA GLY A 561 4.07 13.12 23.84
C GLY A 561 5.03 13.26 22.69
N ASN A 562 4.85 14.35 21.92
CA ASN A 562 5.62 14.58 20.72
C ASN A 562 6.98 15.20 20.98
N SER A 563 7.29 15.53 22.23
CA SER A 563 8.51 16.30 22.51
C SER A 563 9.77 15.44 22.40
N PHE A 564 9.72 14.20 22.89
CA PHE A 564 10.95 13.43 23.09
C PHE A 564 11.04 12.20 22.19
N ASN A 565 10.06 11.30 22.25
CA ASN A 565 10.17 10.00 21.58
C ASN A 565 9.50 9.96 20.21
N TYR A 566 8.94 11.07 19.75
CA TYR A 566 8.12 11.09 18.54
C TYR A 566 8.96 11.38 17.31
N LEU A 567 8.81 10.52 16.29
CA LEU A 567 9.40 10.78 14.99
C LEU A 567 8.69 11.97 14.33
N TYR A 568 9.38 12.60 13.39
CA TYR A 568 9.09 13.90 12.78
C TYR A 568 9.57 15.03 13.69
N GLN A 569 10.24 14.71 14.79
CA GLN A 569 10.91 15.73 15.59
C GLN A 569 12.06 16.34 14.81
N ARG A 570 12.36 17.60 15.13
CA ARG A 570 13.41 18.32 14.40
C ARG A 570 14.75 17.58 14.47
N ALA A 571 15.07 17.01 15.63
CA ALA A 571 16.36 16.35 15.81
C ALA A 571 16.46 15.07 15.01
N LEU A 572 15.37 14.32 14.90
CA LEU A 572 15.41 12.98 14.32
C LEU A 572 14.93 12.90 12.88
N TYR A 573 13.99 13.75 12.48
CA TYR A 573 13.39 13.61 11.15
C TYR A 573 14.36 14.04 10.05
N LEU A 574 15.13 15.09 10.30
CA LEU A 574 16.07 15.60 9.32
C LEU A 574 17.47 15.84 9.88
N GLN A 575 17.70 15.48 11.15
CA GLN A 575 19.00 15.64 11.80
C GLN A 575 19.46 17.10 11.76
N SER A 576 18.58 18.00 12.20
CA SER A 576 18.92 19.39 12.39
C SER A 576 19.37 19.69 13.82
N LYS A 577 19.41 18.67 14.68
CA LYS A 577 19.86 18.80 16.07
C LYS A 577 19.03 19.83 16.83
N GLY A 578 17.71 19.72 16.71
CA GLY A 578 16.82 20.64 17.37
C GLY A 578 16.87 22.03 16.75
N LYS A 579 16.24 22.98 17.44
CA LYS A 579 16.32 24.35 16.98
C LYS A 579 17.76 24.84 17.06
N LYS A 580 18.28 25.01 18.28
CA LYS A 580 19.71 25.09 18.50
C LYS A 580 20.16 24.04 19.51
N LEU A 581 19.56 24.10 20.72
CA LEU A 581 19.87 23.15 21.78
C LEU A 581 18.64 22.86 22.63
N SER A 582 17.44 23.15 22.14
CA SER A 582 16.24 23.22 22.97
C SER A 582 15.84 21.89 23.60
N ALA A 583 16.49 20.80 23.21
CA ALA A 583 16.19 19.51 23.82
C ALA A 583 16.94 19.31 25.13
N GLU A 584 18.20 19.76 25.19
CA GLU A 584 19.04 19.55 26.35
C GLU A 584 18.44 20.17 27.61
N ASP A 585 18.34 21.50 27.64
CA ASP A 585 17.91 22.23 28.83
C ASP A 585 16.44 21.99 29.18
N LYS A 586 15.73 21.14 28.45
CA LYS A 586 14.35 20.83 28.76
C LYS A 586 14.11 19.38 29.12
N ASP A 587 14.90 18.44 28.61
CA ASP A 587 14.75 17.04 28.99
C ASP A 587 16.00 16.43 29.58
N PHE A 588 17.17 16.71 29.01
CA PHE A 588 18.38 16.00 29.44
C PHE A 588 18.89 16.51 30.78
N ILE A 589 18.57 17.76 31.14
CA ILE A 589 18.89 18.23 32.49
C ILE A 589 18.10 17.45 33.54
N LYS A 590 16.88 17.03 33.20
CA LYS A 590 16.13 16.14 34.07
C LYS A 590 16.69 14.73 34.03
N LEU A 591 17.15 14.29 32.86
CA LEU A 591 17.72 12.95 32.73
C LEU A 591 19.03 12.80 33.52
N GLN A 592 19.80 13.89 33.66
CA GLN A 592 21.19 13.81 34.09
C GLN A 592 21.35 13.05 35.40
N SER A 593 20.52 13.33 36.40
CA SER A 593 20.69 12.70 37.71
C SER A 593 20.47 11.19 37.62
N ASN A 594 19.40 10.78 36.93
CA ASN A 594 19.14 9.35 36.77
C ASN A 594 20.23 8.69 35.94
N VAL A 595 20.75 9.39 34.93
CA VAL A 595 21.83 8.86 34.11
C VAL A 595 23.06 8.59 34.96
N LEU A 596 23.42 9.55 35.81
CA LEU A 596 24.56 9.37 36.70
C LEU A 596 24.34 8.20 37.66
N LEU A 597 23.13 8.12 38.24
CA LEU A 597 22.85 7.06 39.19
C LEU A 597 22.92 5.68 38.55
N VAL A 598 22.41 5.56 37.32
CA VAL A 598 22.46 4.27 36.63
C VAL A 598 23.89 3.94 36.21
N SER A 599 24.62 4.93 35.66
CA SER A 599 25.95 4.67 35.14
C SER A 599 26.99 4.47 36.23
N ASP A 600 26.71 4.88 37.46
CA ASP A 600 27.64 4.62 38.55
C ASP A 600 27.83 3.12 38.77
N VAL A 601 26.80 2.31 38.49
CA VAL A 601 26.93 0.87 38.63
C VAL A 601 27.88 0.31 37.58
N ILE A 602 27.71 0.73 36.33
CA ILE A 602 28.56 0.22 35.25
C ILE A 602 29.93 0.88 35.25
N ALA A 603 30.09 2.04 35.90
CA ALA A 603 31.40 2.64 36.02
C ALA A 603 32.34 1.81 36.89
N GLU A 604 31.80 0.99 37.78
CA GLU A 604 32.61 0.12 38.61
C GLU A 604 33.07 -1.13 37.88
N ALA A 605 32.32 -1.59 36.87
CA ALA A 605 32.67 -2.78 36.12
C ALA A 605 33.17 -2.50 34.70
N LEU A 606 33.19 -1.23 34.27
CA LEU A 606 33.59 -0.88 32.93
C LEU A 606 34.11 0.55 32.91
N ASP A 607 35.15 0.80 32.12
CA ASP A 607 35.74 2.14 32.04
C ASP A 607 35.58 2.76 30.66
N ILE A 608 36.11 2.12 29.61
CA ILE A 608 36.10 2.64 28.23
C ILE A 608 36.73 4.05 28.18
N LYS A 609 36.90 4.58 26.97
CA LYS A 609 37.40 5.93 26.79
C LYS A 609 36.25 6.94 26.79
N GLU A 610 35.50 6.93 27.90
CA GLU A 610 34.32 7.77 28.08
C GLU A 610 33.27 7.55 26.99
N GLU A 611 33.28 6.38 26.35
CA GLU A 611 32.37 6.09 25.26
C GLU A 611 31.06 5.46 25.71
N GLN A 612 31.01 4.92 26.94
CA GLN A 612 29.80 4.25 27.40
C GLN A 612 28.65 5.21 27.66
N LYS A 613 28.92 6.51 27.78
CA LYS A 613 27.87 7.49 27.99
C LYS A 613 28.01 8.74 27.14
N LYS A 614 29.13 8.96 26.47
CA LYS A 614 29.33 10.16 25.66
C LYS A 614 29.52 9.89 24.17
N LYS A 615 29.76 8.63 23.78
CA LYS A 615 29.89 8.28 22.37
C LYS A 615 28.79 7.35 21.89
N PHE A 616 28.59 6.21 22.57
CA PHE A 616 27.58 5.24 22.17
C PHE A 616 26.21 5.57 22.75
N ALA A 617 26.12 5.62 24.08
CA ALA A 617 24.87 5.96 24.74
C ALA A 617 24.69 7.47 24.73
N ASN A 618 23.51 7.92 24.33
CA ASN A 618 23.18 9.34 24.25
C ASN A 618 21.79 9.55 24.80
N PRO A 619 21.45 10.77 25.19
CA PRO A 619 20.06 11.05 25.58
C PRO A 619 19.07 10.78 24.47
N PHE A 620 19.46 10.97 23.21
CA PHE A 620 18.57 10.78 22.08
C PHE A 620 19.39 10.35 20.87
N SER A 621 18.73 10.27 19.71
CA SER A 621 19.34 9.96 18.43
C SER A 621 19.84 8.52 18.34
N LEU A 622 21.17 8.34 18.32
CA LEU A 622 21.77 7.02 18.09
C LEU A 622 21.57 6.06 19.25
N ALA A 623 21.07 6.54 20.40
CA ALA A 623 20.92 5.67 21.56
C ALA A 623 19.96 4.53 21.30
N GLN A 624 18.82 4.82 20.67
CA GLN A 624 17.78 3.84 20.29
C GLN A 624 17.44 2.88 21.42
N LEU A 625 17.56 3.33 22.68
CA LEU A 625 17.13 2.50 23.81
C LEU A 625 15.62 2.31 23.83
N TYR A 626 14.87 3.16 23.13
CA TYR A 626 13.41 3.10 23.17
C TYR A 626 12.90 1.79 22.61
N ASN A 627 13.49 1.30 21.52
CA ASN A 627 12.97 0.15 20.80
C ASN A 627 13.85 -1.09 20.90
N ILE A 628 14.84 -1.11 21.81
CA ILE A 628 15.67 -2.29 21.98
C ILE A 628 15.56 -2.83 23.41
N ILE A 629 16.00 -2.03 24.37
CA ILE A 629 16.09 -2.48 25.76
C ILE A 629 14.82 -2.16 26.54
N GLU A 630 14.22 -1.00 26.29
CA GLU A 630 13.07 -0.55 27.06
C GLU A 630 11.77 -1.19 26.61
N THR A 631 11.78 -1.99 25.54
CA THR A 631 10.58 -2.66 25.04
C THR A 631 10.91 -4.14 24.87
N GLU A 632 10.46 -4.96 25.82
CA GLU A 632 10.73 -6.38 25.78
C GLU A 632 9.94 -7.05 24.65
N LYS A 633 10.54 -8.10 24.08
CA LYS A 633 9.96 -8.85 22.98
C LYS A 633 9.64 -7.93 21.80
N SER A 634 8.41 -7.44 21.73
CA SER A 634 7.99 -6.44 20.72
C SER A 634 8.37 -6.85 19.30
N GLY A 635 8.39 -8.14 19.02
CA GLY A 635 8.68 -8.62 17.69
C GLY A 635 9.98 -9.38 17.56
N PHE A 636 10.60 -9.33 16.38
CA PHE A 636 11.79 -10.09 16.06
C PHE A 636 13.01 -9.18 15.99
N ILE A 637 14.18 -9.75 16.29
CA ILE A 637 15.44 -9.03 16.14
C ILE A 637 15.83 -9.00 14.67
N SER A 638 16.81 -8.16 14.33
CA SER A 638 17.13 -7.95 12.93
C SER A 638 17.79 -9.17 12.30
N THR A 639 18.79 -9.74 12.96
CA THR A 639 19.59 -10.82 12.40
C THR A 639 19.70 -11.95 13.40
N THR A 640 20.11 -13.12 12.92
CA THR A 640 20.26 -14.28 13.78
C THR A 640 21.36 -14.04 14.81
N LEU A 641 21.32 -14.82 15.89
CA LEU A 641 22.27 -14.62 16.98
C LEU A 641 23.70 -14.89 16.53
N ALA A 642 23.89 -15.73 15.51
CA ALA A 642 25.23 -15.91 14.95
C ALA A 642 25.74 -14.61 14.35
N ALA A 643 24.88 -13.94 13.57
CA ALA A 643 25.26 -12.66 13.00
C ALA A 643 25.48 -11.60 14.08
N VAL A 644 24.65 -11.61 15.12
CA VAL A 644 24.82 -10.65 16.22
C VAL A 644 26.15 -10.87 16.91
N ASP A 645 26.50 -12.13 17.19
CA ASP A 645 27.77 -12.42 17.84
C ASP A 645 28.94 -12.04 16.94
N GLU A 646 28.85 -12.33 15.64
CA GLU A 646 29.92 -11.96 14.72
C GLU A 646 30.10 -10.46 14.66
N ASN A 647 29.00 -9.71 14.59
CA ASN A 647 29.08 -8.25 14.55
C ASN A 647 29.64 -7.69 15.85
N ALA A 648 29.24 -8.28 16.99
CA ALA A 648 29.75 -7.81 18.27
C ALA A 648 31.24 -8.07 18.41
N TRP A 649 31.73 -9.21 17.91
CA TRP A 649 33.17 -9.46 17.93
C TRP A 649 33.91 -8.52 16.98
N ARG A 650 33.36 -8.30 15.79
CA ARG A 650 34.02 -7.41 14.83
C ARG A 650 34.07 -5.98 15.35
N ASN A 651 32.92 -5.46 15.80
CA ASN A 651 32.88 -4.17 16.49
C ASN A 651 33.17 -4.42 17.97
N ASN A 652 34.44 -4.66 18.26
CA ASN A 652 34.87 -5.16 19.56
C ASN A 652 34.74 -4.13 20.68
N LEU A 653 34.27 -2.92 20.39
CA LEU A 653 34.04 -1.91 21.43
C LEU A 653 35.34 -1.61 22.17
N GLN A 654 35.55 -2.29 23.29
CA GLN A 654 36.78 -2.10 24.07
C GLN A 654 38.02 -2.38 23.22
N GLY A 655 37.91 -3.21 22.20
CA GLY A 655 39.01 -3.52 21.31
C GLY A 655 39.21 -2.54 20.18
N LYS A 656 38.45 -1.45 20.14
CA LYS A 656 38.56 -0.43 19.09
C LYS A 656 38.36 -1.04 17.70
N ALA A 657 37.39 -1.95 17.60
CA ALA A 657 36.98 -2.60 16.35
C ALA A 657 38.07 -3.49 15.77
N ARG A 658 37.67 -4.51 15.03
CA ARG A 658 38.61 -5.39 14.35
C ARG A 658 38.28 -5.57 12.87
N CYS A 659 37.01 -5.61 12.51
CA CYS A 659 36.60 -5.85 11.13
C CYS A 659 35.39 -4.98 10.80
N VAL A 660 35.13 -4.85 9.50
CA VAL A 660 33.93 -4.15 9.04
C VAL A 660 32.72 -5.04 9.28
N GLN A 661 31.59 -4.43 9.63
CA GLN A 661 30.39 -5.19 9.95
C GLN A 661 29.92 -5.99 8.75
N LEU A 662 29.17 -7.05 9.04
CA LEU A 662 28.66 -7.92 8.00
C LEU A 662 27.69 -7.17 7.10
N CYS A 663 27.80 -7.42 5.79
CA CYS A 663 26.85 -6.85 4.86
C CYS A 663 25.49 -7.52 5.00
N ALA A 664 24.44 -6.81 4.60
CA ALA A 664 23.09 -7.32 4.67
C ALA A 664 22.33 -6.89 3.43
N ASP A 665 21.37 -7.72 3.02
CA ASP A 665 20.55 -7.40 1.87
C ASP A 665 19.44 -6.44 2.27
N THR A 666 18.89 -5.74 1.28
CA THR A 666 17.83 -4.78 1.55
C THR A 666 16.52 -5.52 1.82
N VAL A 667 15.88 -5.18 2.93
CA VAL A 667 14.59 -5.79 3.26
C VAL A 667 13.52 -5.30 2.30
N ARG A 668 12.59 -6.17 1.96
CA ARG A 668 11.49 -5.79 1.10
C ARG A 668 10.63 -4.72 1.77
N PRO A 669 10.01 -3.84 0.99
CA PRO A 669 9.18 -2.79 1.61
C PRO A 669 8.07 -3.38 2.45
N PHE A 670 7.83 -2.74 3.59
CA PHE A 670 6.80 -3.20 4.51
C PHE A 670 5.41 -2.99 3.91
N ASP A 671 5.22 -1.89 3.19
CA ASP A 671 3.96 -1.60 2.52
C ASP A 671 3.76 -2.55 1.35
N GLY A 672 2.79 -3.47 1.49
CA GLY A 672 2.55 -4.45 0.44
C GLY A 672 1.99 -3.84 -0.83
N ALA A 673 1.08 -2.88 -0.69
CA ALA A 673 0.56 -2.18 -1.86
C ALA A 673 1.67 -1.45 -2.59
N LEU A 674 2.61 -0.87 -1.85
CA LEU A 674 3.80 -0.29 -2.47
C LEU A 674 4.60 -1.33 -3.24
N ARG A 675 4.75 -2.53 -2.67
CA ARG A 675 5.47 -3.58 -3.38
C ARG A 675 4.77 -3.93 -4.69
N ASN A 676 3.44 -4.04 -4.66
CA ASN A 676 2.70 -4.36 -5.88
C ASN A 676 2.83 -3.25 -6.92
N ILE A 677 2.74 -2.00 -6.48
CA ILE A 677 2.87 -0.87 -7.40
C ILE A 677 4.24 -0.86 -8.04
N LEU A 678 5.29 -1.06 -7.22
CA LEU A 678 6.65 -1.08 -7.75
C LEU A 678 6.86 -2.27 -8.68
N ASP A 679 6.26 -3.42 -8.37
CA ASP A 679 6.37 -4.59 -9.23
C ASP A 679 5.76 -4.28 -10.60
N ARG A 680 4.58 -3.67 -10.62
CA ARG A 680 3.94 -3.37 -11.89
C ARG A 680 4.72 -2.31 -12.68
N GLN A 681 5.20 -1.27 -11.99
CA GLN A 681 6.00 -0.25 -12.67
C GLN A 681 7.27 -0.84 -13.26
N ALA A 682 7.95 -1.68 -12.48
CA ALA A 682 9.17 -2.33 -12.96
C ALA A 682 8.88 -3.23 -14.14
N TYR A 683 7.76 -3.96 -14.11
CA TYR A 683 7.42 -4.80 -15.25
C TYR A 683 7.20 -3.95 -16.49
N GLU A 684 6.46 -2.85 -16.37
CA GLU A 684 6.20 -2.00 -17.52
C GLU A 684 7.48 -1.42 -18.10
N ILE A 685 8.37 -0.92 -17.23
CA ILE A 685 9.59 -0.29 -17.72
C ILE A 685 10.54 -1.34 -18.30
N ALA A 686 10.67 -2.50 -17.65
CA ALA A 686 11.48 -3.58 -18.19
C ALA A 686 10.91 -4.08 -19.50
N LYS A 687 9.58 -4.09 -19.65
CA LYS A 687 8.96 -4.49 -20.91
C LYS A 687 9.30 -3.52 -22.03
N LEU A 688 9.18 -2.22 -21.78
CA LEU A 688 9.51 -1.26 -22.83
C LEU A 688 11.00 -1.27 -23.17
N LYS A 689 11.87 -1.46 -22.17
CA LYS A 689 13.29 -1.59 -22.47
C LYS A 689 13.61 -2.88 -23.21
N ALA A 690 12.89 -3.97 -22.91
CA ALA A 690 13.07 -5.19 -23.68
C ALA A 690 12.67 -5.00 -25.13
N GLU A 691 11.54 -4.32 -25.38
CA GLU A 691 11.17 -4.03 -26.76
C GLU A 691 12.20 -3.15 -27.45
N GLU A 692 12.78 -2.21 -26.71
CA GLU A 692 13.76 -1.31 -27.31
C GLU A 692 15.05 -2.04 -27.66
N LEU A 693 15.53 -2.94 -26.79
CA LEU A 693 16.73 -3.70 -27.14
C LEU A 693 16.46 -4.74 -28.22
N LEU A 694 15.30 -5.40 -28.18
CA LEU A 694 14.95 -6.37 -29.21
C LEU A 694 14.74 -5.71 -30.56
N SER A 695 14.41 -4.41 -30.59
CA SER A 695 14.28 -3.72 -31.87
C SER A 695 15.63 -3.49 -32.54
N THR A 696 16.74 -3.62 -31.80
CA THR A 696 18.05 -3.42 -32.37
C THR A 696 18.50 -4.64 -33.17
N GLU A 697 19.53 -4.45 -33.99
CA GLU A 697 20.06 -5.49 -34.85
C GLU A 697 21.38 -6.07 -34.34
N LEU A 698 21.68 -5.88 -33.05
CA LEU A 698 22.91 -6.41 -32.49
C LEU A 698 22.92 -7.93 -32.55
N LYS A 699 24.03 -8.50 -33.04
CA LYS A 699 24.15 -9.94 -33.19
C LYS A 699 25.52 -10.48 -32.80
N ASN A 700 26.39 -9.67 -32.20
CA ASN A 700 27.73 -10.07 -31.87
C ASN A 700 27.83 -10.41 -30.38
N GLN A 701 29.06 -10.64 -29.91
CA GLN A 701 29.33 -10.94 -28.52
C GLN A 701 29.45 -9.70 -27.66
N THR A 702 28.91 -8.57 -28.14
CA THR A 702 29.04 -7.31 -27.43
C THR A 702 28.42 -7.37 -26.05
N ILE A 703 29.14 -6.85 -25.06
CA ILE A 703 28.60 -6.69 -23.71
C ILE A 703 27.81 -5.40 -23.67
N ASP A 704 26.49 -5.51 -23.52
CA ASP A 704 25.58 -4.37 -23.54
C ASP A 704 25.30 -3.97 -22.09
N LEU A 705 25.89 -2.86 -21.66
CA LEU A 705 25.79 -2.42 -20.27
C LEU A 705 24.55 -1.56 -20.11
N VAL A 706 23.62 -2.04 -19.28
CA VAL A 706 22.38 -1.32 -18.99
C VAL A 706 22.56 -0.59 -17.67
N VAL A 707 22.67 0.74 -17.74
CA VAL A 707 22.83 1.58 -16.56
C VAL A 707 21.51 2.31 -16.34
N LEU A 708 20.96 2.18 -15.13
CA LEU A 708 19.68 2.80 -14.80
C LEU A 708 19.91 3.99 -13.88
N LEU A 709 19.20 5.08 -14.16
CA LEU A 709 19.30 6.32 -13.39
C LEU A 709 17.92 6.64 -12.83
N GLU A 710 17.81 6.76 -11.50
CA GLU A 710 16.52 6.91 -10.87
C GLU A 710 16.56 7.98 -9.78
N SER A 711 15.38 8.53 -9.49
CA SER A 711 15.22 9.59 -8.51
C SER A 711 13.79 9.63 -8.02
N ASN A 712 13.59 10.21 -6.84
CA ASN A 712 12.27 10.44 -6.27
C ASN A 712 12.45 11.37 -5.06
N GLN A 713 11.33 11.76 -4.46
CA GLN A 713 11.34 12.72 -3.36
C GLN A 713 10.09 12.50 -2.50
N PHE A 714 9.77 13.48 -1.65
CA PHE A 714 8.56 13.42 -0.84
C PHE A 714 7.31 13.38 -1.71
N ALA A 715 7.37 13.97 -2.91
CA ALA A 715 6.23 13.93 -3.81
C ALA A 715 5.87 12.50 -4.18
N PHE A 716 6.85 11.60 -4.18
CA PHE A 716 6.56 10.18 -4.41
C PHE A 716 5.61 9.64 -3.34
N SER A 717 5.93 9.88 -2.07
CA SER A 717 5.06 9.45 -1.00
C SER A 717 3.70 10.14 -1.06
N ALA A 718 3.70 11.44 -1.39
CA ALA A 718 2.44 12.17 -1.46
C ALA A 718 1.53 11.61 -2.54
N SER A 719 2.09 11.28 -3.71
CA SER A 719 1.29 10.74 -4.81
C SER A 719 0.95 9.27 -4.62
N LEU A 720 1.75 8.53 -3.85
CA LEU A 720 1.42 7.14 -3.55
C LEU A 720 0.49 7.01 -2.35
N ALA A 721 0.26 8.09 -1.61
CA ALA A 721 -0.93 8.15 -0.77
C ALA A 721 -2.19 8.08 -1.63
N GLU A 722 -2.15 8.73 -2.78
CA GLU A 722 -3.13 8.49 -3.85
C GLU A 722 -2.79 7.14 -4.49
N VAL A 723 -3.46 6.81 -5.60
CA VAL A 723 -3.27 5.54 -6.28
C VAL A 723 -3.73 4.42 -5.36
N LYS A 724 -3.04 4.25 -4.22
CA LYS A 724 -3.51 3.37 -3.16
C LYS A 724 -4.88 3.77 -2.65
N LYS A 725 -5.25 5.04 -2.79
CA LYS A 725 -6.52 5.57 -2.29
C LYS A 725 -6.67 5.30 -0.80
N SER A 726 -5.59 5.51 -0.05
CA SER A 726 -5.60 5.25 1.38
C SER A 726 -6.60 6.17 2.08
N ALA A 727 -7.28 5.62 3.09
CA ALA A 727 -8.21 6.41 3.88
C ALA A 727 -7.51 7.51 4.67
N ASN A 728 -6.22 7.35 4.93
CA ASN A 728 -5.43 8.36 5.64
C ASN A 728 -4.86 9.42 4.70
N THR A 729 -5.22 9.38 3.41
CA THR A 729 -4.63 10.29 2.43
C THR A 729 -4.77 11.75 2.86
N ALA A 730 -5.86 12.11 3.54
CA ALA A 730 -6.00 13.46 4.06
C ALA A 730 -4.87 13.78 5.04
N ALA A 731 -4.68 12.92 6.05
CA ALA A 731 -3.64 13.17 7.05
C ALA A 731 -2.24 12.98 6.47
N ILE A 732 -2.08 11.98 5.59
CA ILE A 732 -0.78 11.76 4.95
C ILE A 732 -0.36 13.00 4.17
N ARG A 733 -1.27 13.54 3.35
CA ARG A 733 -0.96 14.76 2.62
C ARG A 733 -0.81 15.95 3.55
N GLN A 734 -1.55 15.97 4.66
CA GLN A 734 -1.42 17.07 5.62
C GLN A 734 -0.01 17.13 6.18
N LYS A 735 0.57 15.98 6.53
CA LYS A 735 1.93 15.99 7.07
C LYS A 735 2.99 16.13 5.97
N VAL A 736 2.75 15.51 4.80
CA VAL A 736 3.70 15.64 3.70
C VAL A 736 3.72 17.05 3.14
N ALA A 737 2.63 17.82 3.32
CA ALA A 737 2.66 19.22 2.90
C ALA A 737 3.59 20.03 3.79
N LYS A 738 3.58 19.78 5.10
CA LYS A 738 4.55 20.41 5.98
C LYS A 738 5.97 19.99 5.64
N ALA A 739 6.17 18.70 5.36
CA ALA A 739 7.49 18.22 4.96
C ALA A 739 7.95 18.86 3.67
N GLN A 740 7.04 19.03 2.70
CA GLN A 740 7.38 19.64 1.43
C GLN A 740 7.66 21.13 1.58
N LYS A 741 6.92 21.81 2.47
CA LYS A 741 7.22 23.21 2.75
C LYS A 741 8.60 23.35 3.37
N ARG A 742 8.97 22.45 4.28
CA ARG A 742 10.32 22.45 4.83
C ARG A 742 11.36 22.18 3.74
N GLN A 743 11.06 21.26 2.83
CA GLN A 743 11.98 20.94 1.74
C GLN A 743 12.19 22.14 0.83
N GLN A 744 11.09 22.80 0.43
CA GLN A 744 11.18 23.99 -0.40
C GLN A 744 11.81 25.17 0.34
N ASP A 745 11.78 25.16 1.67
CA ASP A 745 12.39 26.24 2.45
C ASP A 745 13.89 26.31 2.23
N ARG A 746 14.52 25.22 1.75
CA ARG A 746 15.94 25.22 1.41
C ARG A 746 16.14 26.00 0.12
N TRP A 747 15.89 27.30 0.21
CA TRP A 747 15.89 28.21 -0.93
C TRP A 747 17.12 29.11 -0.87
N LEU A 748 17.31 29.87 -1.97
CA LEU A 748 18.51 30.69 -2.15
C LEU A 748 19.80 29.88 -2.07
N SER A 749 19.74 28.62 -2.50
CA SER A 749 20.89 27.71 -2.49
C SER A 749 21.52 27.65 -1.10
N LYS A 750 20.68 27.46 -0.08
CA LYS A 750 21.09 27.42 1.32
C LYS A 750 21.77 28.73 1.73
N ASP A 751 20.95 29.79 1.76
CA ASP A 751 21.38 31.11 2.25
C ASP A 751 22.56 31.65 1.43
N GLU A 752 22.26 31.94 0.17
CA GLU A 752 23.26 32.40 -0.78
C GLU A 752 22.60 33.54 -1.57
N ARG A 753 23.16 33.86 -2.75
CA ARG A 753 22.76 34.98 -3.61
C ARG A 753 23.37 36.27 -3.08
N ILE A 754 22.53 37.28 -2.84
CA ILE A 754 23.02 38.60 -2.43
C ILE A 754 23.52 38.60 -0.99
N LYS A 755 23.34 37.50 -0.26
CA LYS A 755 23.60 37.48 1.18
C LYS A 755 24.98 36.93 1.53
N SER A 756 25.29 35.70 1.12
CA SER A 756 26.44 35.00 1.71
C SER A 756 27.76 35.41 1.07
N ALA A 757 27.94 35.06 -0.21
CA ALA A 757 29.21 35.26 -0.88
C ALA A 757 29.56 36.74 -0.92
N SER A 758 28.76 37.51 -1.64
CA SER A 758 28.79 38.96 -1.57
C SER A 758 27.68 39.45 -0.66
N ARG A 759 27.88 40.64 -0.10
CA ARG A 759 26.82 41.33 0.61
C ARG A 759 25.98 42.20 -0.31
N GLY A 760 26.40 42.32 -1.57
CA GLY A 760 25.70 43.11 -2.56
C GLY A 760 26.56 43.26 -3.79
N LEU A 761 25.95 43.83 -4.82
CA LEU A 761 26.65 44.16 -6.07
C LEU A 761 27.16 42.86 -6.70
N CYS A 762 28.30 42.90 -7.38
CA CYS A 762 28.84 41.78 -8.12
C CYS A 762 30.30 41.56 -7.75
N PRO A 763 30.74 40.30 -7.72
CA PRO A 763 32.15 40.03 -7.37
C PRO A 763 33.14 40.28 -8.50
N TYR A 764 32.70 40.36 -9.75
CA TYR A 764 33.59 40.67 -10.88
C TYR A 764 33.08 41.95 -11.54
N THR A 765 33.79 43.07 -11.29
CA THR A 765 33.44 44.39 -11.82
C THR A 765 31.96 44.63 -11.53
N GLY A 766 31.14 44.95 -12.52
CA GLY A 766 29.70 45.04 -12.31
C GLY A 766 29.26 46.20 -11.46
N LYS A 767 28.83 45.89 -10.22
CA LYS A 767 28.21 46.84 -9.30
C LYS A 767 26.88 47.34 -9.86
N ASN A 768 26.11 48.03 -9.01
CA ASN A 768 24.74 48.42 -9.36
C ASN A 768 23.93 47.22 -9.85
N LEU A 769 24.04 46.11 -9.12
CA LEU A 769 23.44 44.86 -9.55
C LEU A 769 21.93 44.96 -9.67
N GLY A 770 21.29 45.59 -8.68
CA GLY A 770 19.84 45.61 -8.66
C GLY A 770 19.27 44.35 -8.07
N ASP A 771 17.99 44.10 -8.39
CA ASP A 771 17.27 42.97 -7.82
C ASP A 771 17.50 41.66 -8.55
N LYS A 772 18.10 41.69 -9.73
CA LYS A 772 18.23 40.50 -10.55
C LYS A 772 19.69 40.26 -10.92
N GLY A 773 20.11 39.00 -10.88
CA GLY A 773 21.43 38.60 -11.29
C GLY A 773 21.38 37.18 -11.82
N GLU A 774 22.48 36.46 -11.66
CA GLU A 774 22.51 35.06 -12.05
C GLU A 774 23.40 34.29 -11.09
N VAL A 775 23.22 32.97 -11.06
CA VAL A 775 23.98 32.09 -10.18
C VAL A 775 25.00 31.34 -11.03
N ASP A 776 26.26 31.39 -10.63
CA ASP A 776 27.35 30.80 -11.40
C ASP A 776 28.24 30.00 -10.47
N HIS A 777 29.08 29.16 -11.05
CA HIS A 777 30.00 28.32 -10.27
C HIS A 777 31.35 29.01 -10.12
N ILE A 778 32.12 28.51 -9.15
CA ILE A 778 33.53 28.87 -9.02
C ILE A 778 34.42 27.85 -9.70
N ILE A 779 34.14 26.56 -9.50
CA ILE A 779 34.79 25.50 -10.24
C ILE A 779 33.78 25.00 -11.28
N PRO A 780 33.87 25.44 -12.54
CA PRO A 780 32.85 25.09 -13.52
C PRO A 780 32.95 23.65 -13.99
N ARG A 781 32.14 23.29 -14.99
CA ARG A 781 32.01 21.89 -15.41
C ARG A 781 33.33 21.32 -15.90
N SER A 782 34.09 22.11 -16.67
CA SER A 782 35.31 21.59 -17.29
C SER A 782 36.31 21.12 -16.23
N LEU A 783 36.57 21.95 -15.22
CA LEU A 783 37.49 21.56 -14.17
C LEU A 783 36.86 20.56 -13.21
N SER A 784 35.54 20.61 -13.04
CA SER A 784 34.88 19.71 -12.10
C SER A 784 34.81 18.28 -12.60
N MET A 785 34.81 18.09 -13.93
CA MET A 785 34.74 16.75 -14.48
C MET A 785 35.93 15.90 -14.10
N ASN A 786 37.06 16.52 -13.76
CA ASN A 786 38.22 15.78 -13.25
C ASN A 786 38.03 15.32 -11.82
N TYR A 787 36.99 15.78 -11.13
CA TYR A 787 36.73 15.43 -9.75
C TYR A 787 35.42 14.67 -9.64
N MET A 788 35.31 13.89 -8.57
CA MET A 788 34.15 13.06 -8.31
C MET A 788 33.07 13.84 -7.56
N GLY A 789 31.88 13.24 -7.49
CA GLY A 789 30.84 13.71 -6.58
C GLY A 789 30.32 15.09 -6.89
N SER A 790 30.07 15.86 -5.83
CA SER A 790 29.28 17.08 -5.89
C SER A 790 30.11 18.35 -5.81
N ILE A 791 31.38 18.30 -6.22
CA ILE A 791 32.19 19.51 -6.27
C ILE A 791 31.62 20.51 -7.27
N LEU A 792 30.97 20.00 -8.32
CA LEU A 792 30.43 20.87 -9.37
C LEU A 792 29.21 21.65 -8.91
N ASN A 793 28.46 21.14 -7.93
CA ASN A 793 27.18 21.72 -7.58
C ASN A 793 27.03 22.07 -6.10
N SER A 794 28.06 21.86 -5.29
CA SER A 794 27.95 22.14 -3.87
C SER A 794 27.74 23.62 -3.62
N GLU A 795 27.24 23.92 -2.41
CA GLU A 795 26.94 25.31 -2.06
C GLU A 795 28.20 26.17 -2.03
N ALA A 796 29.32 25.60 -1.59
CA ALA A 796 30.58 26.34 -1.53
C ALA A 796 31.14 26.68 -2.91
N ASN A 797 30.59 26.09 -3.97
CA ASN A 797 31.06 26.33 -5.33
C ASN A 797 30.24 27.38 -6.06
N LEU A 798 28.97 27.54 -5.73
CA LEU A 798 28.09 28.42 -6.47
C LEU A 798 28.33 29.88 -6.05
N ILE A 799 28.06 30.80 -6.98
CA ILE A 799 28.30 32.21 -6.75
C ILE A 799 27.24 33.02 -7.49
N TYR A 800 26.91 34.19 -6.96
CA TYR A 800 25.96 35.10 -7.58
C TYR A 800 26.70 36.26 -8.22
N CYS A 801 26.46 36.47 -9.52
CA CYS A 801 27.21 37.46 -10.27
C CYS A 801 26.32 38.05 -11.37
N SER A 802 26.76 39.16 -11.93
CA SER A 802 26.10 39.74 -13.09
C SER A 802 26.38 38.89 -14.32
N GLN A 803 25.41 38.82 -15.22
CA GLN A 803 25.60 38.06 -16.46
C GLN A 803 26.68 38.68 -17.33
N GLU A 804 26.75 40.01 -17.39
CA GLU A 804 27.83 40.67 -18.12
C GLU A 804 29.17 40.39 -17.47
N GLY A 805 29.23 40.41 -16.13
CA GLY A 805 30.47 40.09 -15.45
C GLY A 805 30.90 38.65 -15.65
N ALA A 806 29.94 37.73 -15.73
CA ALA A 806 30.24 36.33 -15.96
C ALA A 806 30.43 36.00 -17.44
N GLN A 807 30.18 36.95 -18.33
CA GLN A 807 30.47 36.73 -19.75
C GLN A 807 31.94 36.44 -19.98
N LEU A 808 32.82 36.96 -19.12
CA LEU A 808 34.23 36.64 -19.15
C LEU A 808 34.52 35.54 -18.14
N LYS A 809 35.48 34.67 -18.49
CA LYS A 809 35.79 33.46 -17.73
C LYS A 809 34.54 32.59 -17.58
N LEU A 810 33.97 32.22 -18.74
CA LEU A 810 32.73 31.44 -18.75
C LEU A 810 32.94 30.07 -18.10
N ASN A 811 33.97 29.35 -18.53
CA ASN A 811 34.25 28.02 -18.01
C ASN A 811 35.75 27.85 -17.79
N GLY A 812 36.38 28.87 -17.19
CA GLY A 812 37.79 28.84 -16.87
C GLY A 812 38.01 28.98 -15.37
N ARG A 813 39.25 28.71 -14.95
CA ARG A 813 39.60 28.82 -13.54
C ARG A 813 39.45 30.26 -13.06
N LYS A 814 38.91 30.41 -11.87
CA LYS A 814 38.71 31.71 -11.24
C LYS A 814 39.61 31.81 -10.01
N LYS A 815 40.57 32.72 -10.07
CA LYS A 815 41.55 32.88 -8.99
C LYS A 815 41.14 34.03 -8.08
N LEU A 816 41.97 34.28 -7.08
CA LEU A 816 41.74 35.41 -6.18
C LEU A 816 41.83 36.74 -6.94
N SER A 817 42.81 36.85 -7.85
CA SER A 817 43.01 38.09 -8.60
C SER A 817 41.83 38.39 -9.52
N ASP A 818 41.05 37.38 -9.90
CA ASP A 818 39.91 37.63 -10.78
C ASP A 818 38.78 38.35 -10.05
N LEU A 819 38.71 38.19 -8.73
CA LEU A 819 37.73 38.94 -7.96
C LEU A 819 38.07 40.42 -7.92
N ALA A 820 37.05 41.26 -7.91
CA ALA A 820 37.25 42.70 -7.85
C ALA A 820 37.87 43.09 -6.51
N ASP A 821 38.73 44.10 -6.55
CA ASP A 821 39.36 44.59 -5.33
C ASP A 821 38.32 45.14 -4.36
N ASN A 822 37.32 45.86 -4.87
CA ASN A 822 36.26 46.38 -4.01
C ASN A 822 35.48 45.25 -3.35
N TYR A 823 35.27 44.15 -4.07
CA TYR A 823 34.57 43.00 -3.50
C TYR A 823 35.31 42.46 -2.28
N LEU A 824 36.63 42.28 -2.39
CA LEU A 824 37.40 41.78 -1.26
C LEU A 824 37.48 42.82 -0.14
N LYS A 825 37.51 44.11 -0.49
CA LYS A 825 37.50 45.15 0.53
C LYS A 825 36.20 45.11 1.33
N VAL A 826 35.08 44.88 0.66
CA VAL A 826 33.79 44.77 1.35
C VAL A 826 33.72 43.50 2.19
N VAL A 827 34.15 42.38 1.62
CA VAL A 827 33.97 41.09 2.29
C VAL A 827 35.03 40.89 3.37
N PHE A 828 36.30 40.97 3.00
CA PHE A 828 37.39 40.63 3.91
C PHE A 828 38.16 41.82 4.46
N GLY A 829 37.91 43.03 3.95
CA GLY A 829 38.50 44.23 4.48
C GLY A 829 39.77 44.70 3.81
N THR A 830 40.36 43.91 2.91
CA THR A 830 41.52 44.34 2.15
C THR A 830 41.55 43.64 0.81
N ALA A 831 42.16 44.30 -0.17
CA ALA A 831 42.17 43.83 -1.56
C ALA A 831 43.42 43.02 -1.90
N ASP A 832 44.34 42.82 -0.97
CA ASP A 832 45.56 42.09 -1.26
C ASP A 832 45.26 40.60 -1.36
N ARG A 833 45.54 40.02 -2.54
CA ARG A 833 45.24 38.60 -2.76
C ARG A 833 46.05 37.71 -1.83
N GLY A 834 47.33 38.02 -1.61
CA GLY A 834 48.15 37.22 -0.73
C GLY A 834 47.63 37.21 0.70
N THR A 835 47.26 38.40 1.20
CA THR A 835 46.71 38.49 2.55
C THR A 835 45.42 37.69 2.66
N ILE A 836 44.56 37.76 1.64
CA ILE A 836 43.28 37.07 1.71
C ILE A 836 43.46 35.55 1.64
N CYS A 837 44.38 35.07 0.78
CA CYS A 837 44.58 33.63 0.72
C CYS A 837 45.24 33.11 2.00
N LYS A 838 46.14 33.89 2.60
CA LYS A 838 46.67 33.52 3.91
C LYS A 838 45.56 33.48 4.95
N TYR A 839 44.64 34.45 4.91
CA TYR A 839 43.53 34.47 5.84
C TYR A 839 42.63 33.26 5.67
N ILE A 840 42.40 32.85 4.42
CA ILE A 840 41.57 31.66 4.16
C ILE A 840 42.28 30.41 4.70
N GLU A 841 43.57 30.28 4.42
CA GLU A 841 44.33 29.16 4.96
C GLU A 841 44.27 29.13 6.49
N LYS A 842 44.27 30.30 7.11
CA LYS A 842 44.17 30.38 8.56
C LYS A 842 42.78 29.97 9.04
N SER A 843 41.73 30.52 8.44
CA SER A 843 40.38 30.38 8.96
C SER A 843 39.77 29.01 8.69
N VAL A 844 40.02 28.42 7.51
CA VAL A 844 39.39 27.15 7.20
C VAL A 844 39.99 26.02 8.05
N SER A 845 41.26 26.15 8.44
CA SER A 845 41.93 25.08 9.17
C SER A 845 41.34 24.86 10.57
N GLU A 846 40.61 25.84 11.11
CA GLU A 846 40.07 25.71 12.46
C GLU A 846 38.82 24.83 12.53
N LEU A 847 38.19 24.56 11.39
CA LEU A 847 36.94 23.81 11.35
C LEU A 847 37.19 22.42 10.78
N THR A 848 36.63 21.40 11.44
CA THR A 848 36.86 20.03 11.04
C THR A 848 36.13 19.71 9.73
N ASP A 849 36.48 18.56 9.16
CA ASP A 849 35.91 18.17 7.87
C ASP A 849 34.40 17.99 7.95
N ALA A 850 33.94 17.25 8.97
CA ALA A 850 32.51 16.99 9.11
C ALA A 850 31.72 18.26 9.37
N LYS A 851 32.37 19.32 9.84
CA LYS A 851 31.68 20.59 10.04
C LYS A 851 31.57 21.37 8.75
N ILE A 852 32.63 21.39 7.93
CA ILE A 852 32.59 22.14 6.69
C ILE A 852 31.72 21.44 5.66
N VAL A 853 31.61 20.11 5.73
CA VAL A 853 30.73 19.39 4.81
C VAL A 853 29.29 19.82 5.01
N GLN A 854 28.85 19.90 6.27
CA GLN A 854 27.52 20.41 6.60
C GLN A 854 27.56 21.93 6.46
N PHE A 855 27.44 22.38 5.22
CA PHE A 855 27.65 23.80 4.92
C PHE A 855 26.58 24.69 5.53
N GLU A 856 25.40 24.13 5.82
CA GLU A 856 24.33 24.94 6.41
C GLU A 856 24.61 25.26 7.88
N LEU A 857 25.26 24.34 8.59
CA LEU A 857 25.53 24.55 10.01
C LEU A 857 26.60 25.60 10.26
N LEU A 858 27.35 26.00 9.23
CA LEU A 858 28.43 26.95 9.42
C LEU A 858 27.90 28.35 9.68
N ASP A 859 28.67 29.13 10.43
CA ASP A 859 28.41 30.56 10.52
C ASP A 859 28.80 31.22 9.20
N ARG A 860 28.20 32.38 8.92
CA ARG A 860 28.35 32.96 7.60
C ARG A 860 29.79 33.38 7.31
N SER A 861 30.55 33.78 8.34
CA SER A 861 31.97 34.06 8.13
C SER A 861 32.72 32.78 7.75
N GLN A 862 32.49 31.70 8.49
CA GLN A 862 33.12 30.42 8.17
C GLN A 862 32.66 29.90 6.82
N GLN A 863 31.37 30.07 6.52
CA GLN A 863 30.83 29.59 5.24
C GLN A 863 31.44 30.35 4.07
N ASP A 864 31.66 31.66 4.23
CA ASP A 864 32.31 32.43 3.17
C ASP A 864 33.79 32.10 3.07
N ALA A 865 34.45 31.79 4.18
CA ALA A 865 35.84 31.32 4.10
C ALA A 865 35.92 30.00 3.34
N VAL A 866 34.99 29.08 3.60
CA VAL A 866 34.97 27.81 2.89
C VAL A 866 34.70 28.04 1.41
N ARG A 867 33.76 28.92 1.08
CA ARG A 867 33.49 29.22 -0.33
C ARG A 867 34.70 29.80 -1.02
N HIS A 868 35.37 30.76 -0.38
CA HIS A 868 36.53 31.41 -0.99
C HIS A 868 37.75 30.49 -1.04
N ALA A 869 37.76 29.41 -0.26
CA ALA A 869 38.88 28.46 -0.34
C ALA A 869 39.03 27.87 -1.72
N LEU A 870 37.98 27.89 -2.55
CA LEU A 870 38.05 27.35 -3.89
C LEU A 870 38.80 28.25 -4.87
N PHE A 871 38.88 29.56 -4.59
CA PHE A 871 39.61 30.45 -5.48
C PHE A 871 41.12 30.27 -5.37
N LEU A 872 41.60 29.67 -4.28
CA LEU A 872 43.03 29.47 -4.10
C LEU A 872 43.56 28.46 -5.12
N GLU A 873 44.87 28.56 -5.40
CA GLU A 873 45.49 27.71 -6.38
C GLU A 873 45.59 26.27 -5.88
N ASP A 874 45.99 25.37 -6.78
CA ASP A 874 45.98 23.94 -6.49
C ASP A 874 46.95 23.58 -5.37
N PHE A 875 48.07 24.29 -5.25
CA PHE A 875 49.04 23.98 -4.20
C PHE A 875 48.55 24.36 -2.81
N SER A 876 47.45 25.10 -2.70
CA SER A 876 46.95 25.51 -1.40
C SER A 876 46.40 24.31 -0.63
N GLU A 877 46.57 24.37 0.70
CA GLU A 877 46.09 23.28 1.55
C GLU A 877 44.57 23.29 1.64
N ALA A 878 43.97 24.47 1.86
CA ALA A 878 42.53 24.57 1.95
C ALA A 878 41.86 24.17 0.64
N ARG A 879 42.44 24.60 -0.49
CA ARG A 879 41.90 24.24 -1.79
C ARG A 879 41.82 22.73 -1.95
N ARG A 880 42.94 22.03 -1.73
CA ARG A 880 42.96 20.58 -1.89
C ARG A 880 42.04 19.89 -0.89
N ARG A 881 42.05 20.36 0.37
CA ARG A 881 41.21 19.72 1.38
C ARG A 881 39.74 19.85 1.06
N ILE A 882 39.29 21.05 0.70
CA ILE A 882 37.88 21.27 0.39
C ILE A 882 37.49 20.48 -0.85
N ILE A 883 38.35 20.42 -1.85
CA ILE A 883 38.00 19.68 -3.06
C ILE A 883 37.93 18.19 -2.79
N ARG A 884 38.89 17.64 -2.04
CA ARG A 884 38.88 16.21 -1.77
C ARG A 884 37.87 15.81 -0.70
N LEU A 885 37.28 16.78 0.00
CA LEU A 885 36.12 16.51 0.84
C LEU A 885 34.81 16.55 0.05
N LEU A 886 34.55 17.67 -0.64
CA LEU A 886 33.29 17.81 -1.36
C LEU A 886 33.20 16.86 -2.55
N GLY A 887 34.34 16.46 -3.10
CA GLY A 887 34.34 15.55 -4.24
C GLY A 887 33.93 14.14 -3.88
N LYS A 888 34.76 13.44 -3.12
CA LYS A 888 34.44 12.09 -2.67
C LYS A 888 33.56 12.15 -1.41
N ILE A 889 32.37 12.74 -1.60
CA ILE A 889 31.47 12.98 -0.48
C ILE A 889 30.68 11.72 -0.14
N ASN A 890 30.09 11.07 -1.15
CA ASN A 890 29.29 9.87 -0.94
C ASN A 890 28.85 9.33 -2.29
N THR A 891 28.40 8.08 -2.29
CA THR A 891 27.69 7.47 -3.41
C THR A 891 26.29 7.18 -2.90
N ALA A 892 25.33 8.00 -3.30
CA ALA A 892 23.98 7.99 -2.72
C ALA A 892 23.37 6.59 -2.76
N ARG A 893 23.11 6.04 -1.58
CA ARG A 893 22.49 4.73 -1.47
C ARG A 893 21.01 4.82 -1.84
N VAL A 894 20.51 3.78 -2.50
CA VAL A 894 19.11 3.71 -2.88
C VAL A 894 18.27 3.38 -1.65
N ASN A 895 17.10 4.01 -1.55
CA ASN A 895 16.18 3.70 -0.48
C ASN A 895 15.67 2.27 -0.60
N GLY A 896 15.01 1.81 0.45
CA GLY A 896 14.40 0.48 0.40
C GLY A 896 13.38 0.35 -0.71
N THR A 897 12.55 1.38 -0.87
CA THR A 897 11.59 1.39 -1.97
C THR A 897 12.31 1.41 -3.32
N GLN A 898 13.34 2.25 -3.45
CA GLN A 898 14.12 2.29 -4.67
C GLN A 898 14.86 0.98 -4.90
N ALA A 899 15.36 0.37 -3.82
CA ALA A 899 16.04 -0.92 -3.97
C ALA A 899 15.08 -2.00 -4.45
N TRP A 900 13.85 -2.02 -3.92
CA TRP A 900 12.86 -2.97 -4.39
C TRP A 900 12.50 -2.75 -5.85
N PHE A 901 12.26 -1.49 -6.23
CA PHE A 901 11.96 -1.19 -7.62
C PHE A 901 13.11 -1.61 -8.53
N ALA A 902 14.35 -1.33 -8.11
CA ALA A 902 15.52 -1.71 -8.88
C ALA A 902 15.60 -3.21 -9.06
N LYS A 903 15.44 -3.96 -7.96
CA LYS A 903 15.54 -5.42 -8.04
C LYS A 903 14.47 -5.98 -8.97
N SER A 904 13.23 -5.49 -8.82
CA SER A 904 12.15 -5.98 -9.67
C SER A 904 12.42 -5.68 -11.14
N PHE A 905 12.84 -4.45 -11.44
CA PHE A 905 13.11 -4.08 -12.83
C PHE A 905 14.24 -4.91 -13.42
N ILE A 906 15.34 -5.05 -12.68
CA ILE A 906 16.49 -5.78 -13.20
C ILE A 906 16.12 -7.23 -13.44
N THR A 907 15.41 -7.84 -12.48
CA THR A 907 15.00 -9.23 -12.64
C THR A 907 14.09 -9.41 -13.85
N LYS A 908 13.09 -8.54 -14.00
CA LYS A 908 12.12 -8.71 -15.08
C LYS A 908 12.75 -8.42 -16.44
N LEU A 909 13.64 -7.43 -16.52
CA LEU A 909 14.33 -7.17 -17.78
C LEU A 909 15.24 -8.33 -18.16
N ARG A 910 16.00 -8.84 -17.18
CA ARG A 910 16.89 -9.97 -17.42
C ARG A 910 16.12 -11.25 -17.71
N GLU A 911 14.84 -11.32 -17.32
CA GLU A 911 13.99 -12.45 -17.65
C GLU A 911 13.41 -12.32 -19.05
N LEU A 912 12.86 -11.14 -19.39
CA LEU A 912 12.22 -10.95 -20.68
C LEU A 912 13.19 -10.98 -21.84
N THR A 913 14.48 -10.74 -21.59
CA THR A 913 15.48 -10.71 -22.65
C THR A 913 16.36 -11.95 -22.67
N LYS A 914 16.03 -12.97 -21.89
CA LYS A 914 16.87 -14.16 -21.84
C LYS A 914 16.90 -14.89 -23.18
N GLU A 915 15.75 -14.97 -23.86
CA GLU A 915 15.73 -15.62 -25.17
C GLU A 915 16.51 -14.80 -26.19
N TRP A 916 16.33 -13.48 -26.19
CA TRP A 916 17.05 -12.63 -27.14
C TRP A 916 18.56 -12.66 -26.88
N CYS A 917 18.96 -12.61 -25.61
CA CYS A 917 20.39 -12.67 -25.30
C CYS A 917 20.98 -14.03 -25.65
N ALA A 918 20.22 -15.10 -25.43
CA ALA A 918 20.70 -16.43 -25.83
C ALA A 918 20.85 -16.54 -27.33
N ASN A 919 19.88 -16.02 -28.09
CA ASN A 919 19.93 -16.12 -29.55
C ASN A 919 21.04 -15.27 -30.14
N ASN A 920 21.20 -14.04 -29.64
CA ASN A 920 22.16 -13.09 -30.20
C ASN A 920 23.47 -13.03 -29.43
N GLN A 921 23.64 -13.88 -28.42
CA GLN A 921 24.87 -13.94 -27.62
C GLN A 921 25.22 -12.60 -26.98
N ILE A 922 24.20 -11.85 -26.56
CA ILE A 922 24.39 -10.56 -25.91
C ILE A 922 24.53 -10.80 -24.40
N THR A 923 25.36 -9.97 -23.77
CA THR A 923 25.56 -10.02 -22.33
C THR A 923 25.11 -8.70 -21.73
N LEU A 924 24.07 -8.75 -20.90
CA LEU A 924 23.51 -7.55 -20.27
C LEU A 924 24.22 -7.30 -18.95
N ALA A 925 25.27 -6.49 -18.99
CA ALA A 925 25.85 -5.97 -17.76
C ALA A 925 24.95 -4.89 -17.19
N PHE A 926 24.86 -4.85 -15.86
CA PHE A 926 23.95 -3.93 -15.20
C PHE A 926 24.69 -3.07 -14.19
N ASP A 927 24.31 -1.79 -14.13
CA ASP A 927 24.81 -0.87 -13.12
C ASP A 927 23.69 0.10 -12.78
N LEU A 928 23.81 0.75 -11.63
CA LEU A 928 22.74 1.61 -11.15
C LEU A 928 23.33 2.72 -10.29
N TYR A 929 22.76 3.91 -10.42
CA TYR A 929 23.18 5.07 -9.64
C TYR A 929 21.96 5.91 -9.30
N ARG A 930 21.97 6.51 -8.11
CA ARG A 930 20.89 7.37 -7.66
C ARG A 930 21.25 8.84 -7.91
N LEU A 931 20.25 9.61 -8.31
CA LEU A 931 20.40 11.05 -8.48
C LEU A 931 19.44 11.75 -7.50
N ASP A 932 19.96 12.76 -6.80
CA ASP A 932 19.14 13.47 -5.83
C ASP A 932 18.08 14.29 -6.55
N ALA A 933 16.82 14.15 -6.12
CA ALA A 933 15.72 14.85 -6.78
C ALA A 933 15.87 16.36 -6.65
N GLN A 934 16.29 16.84 -5.47
CA GLN A 934 16.48 18.27 -5.29
C GLN A 934 17.57 18.81 -6.20
N THR A 935 18.64 18.03 -6.37
CA THR A 935 19.76 18.47 -7.21
C THR A 935 19.32 18.66 -8.66
N VAL A 936 18.71 17.63 -9.25
CA VAL A 936 18.35 17.70 -10.66
C VAL A 936 17.31 18.78 -10.91
N SER A 937 16.28 18.87 -10.06
CA SER A 937 15.20 19.83 -10.27
C SER A 937 15.71 21.25 -10.18
N GLN A 938 16.57 21.53 -9.20
CA GLN A 938 17.06 22.89 -9.02
C GLN A 938 18.15 23.26 -10.03
N ASP A 939 18.95 22.29 -10.49
CA ASP A 939 20.16 22.61 -11.22
C ASP A 939 20.14 22.25 -12.70
N TYR A 940 19.15 21.51 -13.18
CA TYR A 940 19.07 21.21 -14.59
C TYR A 940 17.70 21.51 -15.17
N ARG A 941 16.64 21.28 -14.40
CA ARG A 941 15.30 21.60 -14.85
C ARG A 941 15.16 23.08 -15.14
N LYS A 942 15.73 23.94 -14.28
CA LYS A 942 15.63 25.39 -14.51
C LYS A 942 16.49 25.82 -15.69
N LYS A 943 17.64 25.19 -15.90
CA LYS A 943 18.45 25.49 -17.07
C LYS A 943 17.72 25.13 -18.36
N PHE A 944 17.05 23.98 -18.37
CA PHE A 944 16.28 23.60 -19.54
C PHE A 944 15.04 24.47 -19.70
N ALA A 945 14.52 25.00 -18.60
CA ALA A 945 13.47 26.01 -18.69
C ALA A 945 13.98 27.28 -19.36
N LEU A 946 15.23 27.67 -19.05
CA LEU A 946 15.84 28.79 -19.76
C LEU A 946 15.98 28.49 -21.24
N ILE A 947 16.40 27.28 -21.58
CA ILE A 947 16.69 27.00 -22.98
C ILE A 947 15.41 26.79 -23.81
N ASN A 948 14.33 26.30 -23.20
CA ASN A 948 13.13 25.94 -23.97
C ASN A 948 11.87 26.68 -23.54
N LYS A 949 11.71 26.93 -22.24
CA LYS A 949 10.58 27.67 -21.67
C LYS A 949 9.30 26.85 -21.69
N ASP A 950 9.32 25.68 -22.32
CA ASP A 950 8.24 24.71 -22.21
C ASP A 950 8.59 23.56 -21.27
N TRP A 951 9.86 23.43 -20.89
CA TRP A 951 10.30 22.42 -19.95
C TRP A 951 10.30 22.93 -18.51
N ALA A 952 9.75 24.12 -18.27
CA ALA A 952 9.71 24.70 -16.94
C ALA A 952 8.71 23.98 -16.05
N LYS A 953 9.00 23.98 -14.76
CA LYS A 953 8.13 23.33 -13.78
C LYS A 953 6.94 24.22 -13.47
N PRO A 954 5.72 23.77 -13.70
CA PRO A 954 4.54 24.59 -13.38
C PRO A 954 4.34 24.71 -11.89
N ASP A 955 3.46 25.64 -11.52
CA ASP A 955 3.08 25.88 -10.12
C ASP A 955 1.64 25.45 -9.88
N ASP A 956 1.26 24.31 -10.46
CA ASP A 956 -0.10 23.79 -10.36
C ASP A 956 -0.34 22.97 -9.09
N LYS A 957 0.65 22.92 -8.19
CA LYS A 957 0.60 22.19 -6.93
C LYS A 957 0.68 20.69 -7.17
N LYS A 958 0.61 20.27 -8.43
CA LYS A 958 0.84 18.88 -8.83
C LYS A 958 1.49 18.90 -10.19
N GLN A 959 2.67 18.31 -10.28
CA GLN A 959 3.45 18.35 -11.51
C GLN A 959 2.74 17.58 -12.63
N PRO A 960 2.68 18.14 -13.85
CA PRO A 960 1.92 17.48 -14.93
C PRO A 960 2.57 16.21 -15.44
N ILE A 961 1.96 15.59 -16.45
CA ILE A 961 2.33 14.24 -16.85
C ILE A 961 3.67 14.24 -17.59
N ALA A 962 3.76 14.99 -18.69
CA ALA A 962 4.99 15.01 -19.48
C ALA A 962 6.15 15.62 -18.70
N SER A 963 5.87 16.37 -17.65
CA SER A 963 6.94 16.92 -16.84
C SER A 963 7.73 15.84 -16.11
N HIS A 964 7.16 14.64 -15.92
CA HIS A 964 7.95 13.55 -15.38
C HIS A 964 8.92 12.97 -16.40
N ALA A 965 8.53 12.92 -17.68
CA ALA A 965 9.50 12.60 -18.72
C ALA A 965 10.60 13.66 -18.78
N ILE A 966 10.21 14.93 -18.59
CA ILE A 966 11.19 16.01 -18.50
C ILE A 966 12.13 15.76 -17.31
N ASP A 967 11.57 15.35 -16.18
CA ASP A 967 12.38 15.05 -15.00
C ASP A 967 13.36 13.91 -15.28
N ALA A 968 12.92 12.87 -15.98
CA ALA A 968 13.81 11.77 -16.32
C ALA A 968 14.93 12.23 -17.26
N PHE A 969 14.59 13.08 -18.23
CA PHE A 969 15.62 13.63 -19.11
C PHE A 969 16.63 14.47 -18.32
N CYS A 970 16.14 15.24 -17.34
CA CYS A 970 17.04 16.01 -16.49
C CYS A 970 17.88 15.11 -15.59
N VAL A 971 17.34 13.96 -15.20
CA VAL A 971 18.14 12.97 -14.45
C VAL A 971 19.28 12.48 -15.32
N PHE A 972 19.01 12.19 -16.59
CA PHE A 972 20.08 11.82 -17.51
C PHE A 972 21.11 12.95 -17.63
N ALA A 973 20.63 14.19 -17.77
CA ALA A 973 21.54 15.32 -17.91
C ALA A 973 22.42 15.48 -16.68
N ALA A 974 21.83 15.33 -15.49
CA ALA A 974 22.59 15.43 -14.25
C ALA A 974 23.62 14.30 -14.15
N ALA A 975 23.23 13.08 -14.51
CA ALA A 975 24.16 11.97 -14.49
C ALA A 975 25.27 12.11 -15.51
N LYS A 976 25.06 12.92 -16.56
CA LYS A 976 26.15 13.22 -17.48
C LYS A 976 27.29 13.96 -16.79
N ASP A 977 26.97 14.77 -15.78
CA ASP A 977 27.99 15.57 -15.10
C ASP A 977 28.60 14.87 -13.90
N LYS A 978 27.92 13.87 -13.34
CA LYS A 978 28.55 13.03 -12.32
C LYS A 978 29.65 12.22 -12.99
N ARG A 979 30.86 12.28 -12.42
CA ARG A 979 32.02 11.72 -13.10
C ARG A 979 31.88 10.21 -13.31
N ASN A 980 31.85 9.45 -12.22
CA ASN A 980 31.83 7.99 -12.33
C ASN A 980 30.68 7.50 -13.19
N ILE A 981 29.50 8.12 -13.04
CA ILE A 981 28.38 7.78 -13.90
C ILE A 981 28.71 8.06 -15.35
N ALA A 982 29.34 9.22 -15.62
CA ALA A 982 29.67 9.57 -17.00
C ALA A 982 30.63 8.57 -17.63
N ASN A 983 31.66 8.15 -16.88
CA ASN A 983 32.55 7.12 -17.40
C ASN A 983 31.81 5.81 -17.63
N VAL A 984 30.96 5.39 -16.69
CA VAL A 984 30.25 4.14 -16.90
C VAL A 984 29.08 4.30 -17.87
N LEU A 985 28.68 5.53 -18.16
CA LEU A 985 27.62 5.79 -19.13
C LEU A 985 28.13 5.96 -20.55
N GLY A 986 29.43 6.18 -20.72
CA GLY A 986 29.98 6.48 -22.03
C GLY A 986 29.82 7.91 -22.47
N VAL A 987 29.34 8.79 -21.59
CA VAL A 987 29.02 10.17 -21.95
C VAL A 987 29.99 11.16 -21.29
N PHE A 988 31.16 10.69 -20.88
CA PHE A 988 32.10 11.56 -20.18
C PHE A 988 32.74 12.54 -21.16
N ASP A 989 32.74 13.82 -20.78
CA ASP A 989 33.44 14.86 -21.53
C ASP A 989 33.67 16.05 -20.62
N GLU A 990 34.77 16.75 -20.87
CA GLU A 990 35.10 17.97 -20.13
C GLU A 990 34.57 19.22 -20.82
N VAL A 991 33.64 19.06 -21.76
CA VAL A 991 33.13 20.19 -22.53
C VAL A 991 32.41 21.19 -21.62
N ALA A 992 32.51 22.46 -21.95
CA ALA A 992 31.93 23.53 -21.14
C ALA A 992 30.42 23.39 -21.04
N GLU A 993 29.84 24.20 -20.13
CA GLU A 993 28.41 24.11 -19.85
C GLU A 993 27.57 24.49 -21.06
N GLU A 994 27.95 25.57 -21.74
CA GLU A 994 27.11 26.11 -22.81
C GLU A 994 26.96 25.11 -23.95
N GLN A 995 28.08 24.58 -24.46
CA GLN A 995 28.00 23.64 -25.57
C GLN A 995 27.34 22.34 -25.14
N ASN A 996 27.60 21.90 -23.91
CA ASN A 996 26.95 20.69 -23.40
C ASN A 996 25.45 20.86 -23.32
N LEU A 997 25.00 22.00 -22.79
CA LEU A 997 23.56 22.24 -22.68
C LEU A 997 22.92 22.43 -24.05
N LYS A 998 23.66 22.98 -25.02
CA LYS A 998 23.15 23.07 -26.39
C LYS A 998 23.17 21.71 -27.09
N THR A 999 23.96 20.77 -26.60
CA THR A 999 24.05 19.43 -27.17
C THR A 999 22.98 18.50 -26.62
N ILE A 1000 22.88 18.38 -25.29
CA ILE A 1000 21.89 17.50 -24.69
C ILE A 1000 20.48 18.01 -24.90
N ALA A 1001 20.30 19.31 -25.15
CA ALA A 1001 18.98 19.80 -25.52
C ALA A 1001 18.53 19.27 -26.88
N GLN A 1002 19.48 19.04 -27.79
CA GLN A 1002 19.16 18.40 -29.06
C GLN A 1002 18.76 16.94 -28.88
N LEU A 1003 19.06 16.35 -27.73
CA LEU A 1003 18.83 14.93 -27.50
C LEU A 1003 17.42 14.61 -27.05
N MET A 1004 16.67 15.60 -26.56
CA MET A 1004 15.35 15.33 -26.01
C MET A 1004 14.34 15.20 -27.14
N PRO A 1005 13.69 14.05 -27.32
CA PRO A 1005 12.75 13.90 -28.44
C PRO A 1005 11.52 14.78 -28.27
N SER A 1006 10.85 15.00 -29.39
CA SER A 1006 9.66 15.84 -29.45
C SER A 1006 8.39 15.09 -29.10
N GLU A 1007 8.47 13.80 -28.80
CA GLU A 1007 7.30 12.98 -28.50
C GLU A 1007 7.44 12.36 -27.10
N VAL A 1008 6.30 12.22 -26.43
CA VAL A 1008 6.22 11.57 -25.13
C VAL A 1008 5.13 10.52 -25.20
N ASN A 1009 5.51 9.25 -25.04
CA ASN A 1009 4.56 8.16 -25.03
C ASN A 1009 4.02 7.97 -23.63
N LEU A 1010 2.70 7.80 -23.51
CA LEU A 1010 2.06 7.65 -22.21
C LEU A 1010 1.55 6.22 -22.10
N ILE A 1011 2.07 5.50 -21.11
CA ILE A 1011 1.66 4.12 -20.84
C ILE A 1011 0.69 4.15 -19.66
N SER A 1012 -0.50 3.59 -19.87
CA SER A 1012 -1.52 3.48 -18.82
C SER A 1012 -1.78 2.00 -18.59
N PRO A 1013 -1.11 1.40 -17.61
CA PRO A 1013 -1.30 -0.04 -17.35
C PRO A 1013 -2.75 -0.36 -17.01
N LYS A 1014 -3.20 -1.52 -17.46
CA LYS A 1014 -4.55 -1.99 -17.20
C LYS A 1014 -4.49 -3.39 -16.61
N ARG A 1015 -5.50 -3.72 -15.82
CA ARG A 1015 -5.67 -5.09 -15.39
C ARG A 1015 -6.07 -5.96 -16.58
N LYS A 1016 -5.76 -7.26 -16.48
CA LYS A 1016 -6.19 -8.19 -17.50
C LYS A 1016 -7.71 -8.20 -17.61
N SER A 1017 -8.20 -8.15 -18.85
CA SER A 1017 -9.62 -8.36 -19.07
C SER A 1017 -10.00 -9.75 -18.61
N ILE A 1018 -11.18 -9.87 -18.00
CA ILE A 1018 -11.67 -11.17 -17.56
C ILE A 1018 -11.83 -12.11 -18.74
N LEU A 1019 -11.90 -11.58 -19.96
CA LEU A 1019 -11.96 -12.39 -21.16
C LEU A 1019 -10.65 -13.12 -21.44
N ASP A 1020 -9.53 -12.63 -20.93
CA ASP A 1020 -8.23 -13.17 -21.26
C ASP A 1020 -7.52 -13.87 -20.10
N LYS A 1021 -8.04 -13.75 -18.88
CA LYS A 1021 -7.42 -14.38 -17.72
C LYS A 1021 -8.12 -15.69 -17.41
N ASN A 1022 -7.33 -16.75 -17.26
CA ASN A 1022 -7.90 -18.09 -17.11
C ASN A 1022 -8.48 -18.32 -15.72
N GLU A 1023 -7.83 -17.80 -14.69
CA GLU A 1023 -8.36 -17.88 -13.32
C GLU A 1023 -9.29 -16.69 -13.11
N VAL A 1024 -10.49 -16.79 -13.69
CA VAL A 1024 -11.46 -15.72 -13.58
C VAL A 1024 -11.92 -15.53 -12.15
N GLY A 1025 -11.66 -16.50 -11.27
CA GLY A 1025 -11.97 -16.33 -9.86
C GLY A 1025 -11.16 -15.27 -9.17
N SER A 1026 -10.00 -14.92 -9.74
CA SER A 1026 -9.19 -13.83 -9.19
C SER A 1026 -9.83 -12.46 -9.42
N ARG A 1027 -10.89 -12.40 -10.22
CA ARG A 1027 -11.61 -11.16 -10.48
C ARG A 1027 -13.00 -11.26 -9.85
N ALA A 1028 -13.48 -10.15 -9.30
CA ALA A 1028 -14.82 -10.11 -8.75
C ALA A 1028 -15.84 -10.29 -9.88
N LEU A 1029 -16.63 -11.36 -9.79
CA LEU A 1029 -17.54 -11.70 -10.88
C LEU A 1029 -18.85 -10.93 -10.79
N MET A 1030 -19.46 -10.91 -9.61
CA MET A 1030 -20.76 -10.30 -9.41
C MET A 1030 -20.66 -9.22 -8.34
N LYS A 1031 -21.38 -8.12 -8.55
CA LYS A 1031 -21.47 -7.07 -7.54
C LYS A 1031 -22.27 -7.56 -6.35
N GLU A 1032 -21.87 -7.11 -5.16
CA GLU A 1032 -22.60 -7.45 -3.95
C GLU A 1032 -23.97 -6.77 -3.95
N GLY A 1033 -24.94 -7.44 -3.32
CA GLY A 1033 -26.30 -6.95 -3.33
C GLY A 1033 -27.17 -7.73 -4.30
N ILE A 1034 -28.24 -8.33 -3.79
CA ILE A 1034 -29.13 -9.18 -4.57
C ILE A 1034 -30.41 -8.40 -4.88
N PHE A 1035 -30.89 -8.53 -6.10
CA PHE A 1035 -32.05 -7.80 -6.59
C PHE A 1035 -33.27 -8.72 -6.64
N ALA A 1036 -34.39 -8.22 -6.15
CA ALA A 1036 -35.62 -9.00 -6.17
C ALA A 1036 -36.13 -9.14 -7.60
N GLU A 1037 -36.56 -10.36 -7.93
CA GLU A 1037 -37.10 -10.67 -9.25
C GLU A 1037 -38.58 -10.97 -9.12
N HIS A 1038 -39.39 -10.28 -9.92
CA HIS A 1038 -40.84 -10.42 -9.87
C HIS A 1038 -41.39 -10.58 -11.28
N PHE A 1039 -42.55 -11.22 -11.37
CA PHE A 1039 -43.33 -11.30 -12.60
C PHE A 1039 -44.70 -10.69 -12.36
N LEU A 1040 -45.14 -9.87 -13.29
CA LEU A 1040 -46.41 -9.17 -13.13
C LEU A 1040 -47.55 -10.18 -13.10
N PRO A 1041 -48.44 -10.13 -12.10
CA PRO A 1041 -49.59 -11.03 -12.10
C PRO A 1041 -50.52 -10.74 -13.26
N ILE A 1042 -51.21 -11.78 -13.72
CA ILE A 1042 -52.17 -11.67 -14.82
C ILE A 1042 -53.56 -11.84 -14.24
N LEU A 1043 -54.38 -10.81 -14.37
CA LEU A 1043 -55.74 -10.81 -13.84
C LEU A 1043 -56.73 -11.03 -14.97
N VAL A 1044 -57.59 -12.03 -14.82
CA VAL A 1044 -58.59 -12.38 -15.81
C VAL A 1044 -59.96 -12.35 -15.16
N ARG A 1045 -60.89 -11.60 -15.75
CA ARG A 1045 -62.28 -11.51 -15.30
C ARG A 1045 -63.14 -11.66 -16.55
N GLY A 1046 -63.50 -12.90 -16.88
CA GLY A 1046 -64.17 -13.13 -18.14
C GLY A 1046 -63.24 -12.83 -19.29
N ASP A 1047 -63.73 -12.07 -20.27
CA ASP A 1047 -62.90 -11.64 -21.38
C ASP A 1047 -61.96 -10.51 -21.02
N ASP A 1048 -62.16 -9.86 -19.88
CA ASP A 1048 -61.32 -8.74 -19.46
C ASP A 1048 -60.06 -9.27 -18.79
N CYS A 1049 -58.92 -9.06 -19.44
CA CYS A 1049 -57.64 -9.52 -18.93
C CYS A 1049 -56.69 -8.35 -18.81
N ARG A 1050 -56.00 -8.25 -17.67
CA ARG A 1050 -55.04 -7.19 -17.42
C ARG A 1050 -53.76 -7.76 -16.83
N ILE A 1051 -52.63 -7.19 -17.24
CA ILE A 1051 -51.35 -7.49 -16.64
C ILE A 1051 -51.08 -6.45 -15.56
N GLY A 1052 -50.91 -6.90 -14.32
CA GLY A 1052 -50.60 -5.99 -13.25
C GLY A 1052 -51.12 -6.50 -11.93
N PHE A 1053 -51.17 -5.59 -10.95
CA PHE A 1053 -51.45 -5.91 -9.56
C PHE A 1053 -52.91 -5.70 -9.19
N ASP A 1054 -53.51 -4.59 -9.61
CA ASP A 1054 -54.89 -4.25 -9.27
C ASP A 1054 -55.66 -4.03 -10.56
N TRP A 1055 -56.95 -3.74 -10.42
CA TRP A 1055 -57.80 -3.41 -11.57
C TRP A 1055 -57.88 -1.92 -11.83
N SER A 1056 -57.19 -1.10 -11.06
CA SER A 1056 -57.10 0.32 -11.35
C SER A 1056 -56.25 0.56 -12.57
N GLU A 1057 -56.55 1.64 -13.30
CA GLU A 1057 -55.81 1.96 -14.52
C GLU A 1057 -54.35 2.25 -14.22
N SER A 1058 -54.02 2.66 -13.00
CA SER A 1058 -52.63 2.88 -12.60
C SER A 1058 -51.95 1.61 -12.12
N GLY A 1059 -52.70 0.52 -11.90
CA GLY A 1059 -52.12 -0.69 -11.36
C GLY A 1059 -51.93 -1.79 -12.38
N SER A 1060 -52.54 -1.67 -13.55
CA SER A 1060 -52.46 -2.72 -14.55
C SER A 1060 -52.75 -2.14 -15.93
N VAL A 1061 -52.36 -2.90 -16.96
CA VAL A 1061 -52.62 -2.57 -18.34
C VAL A 1061 -53.43 -3.69 -18.97
N LYS A 1062 -54.32 -3.32 -19.89
CA LYS A 1062 -55.24 -4.27 -20.49
C LYS A 1062 -54.58 -5.03 -21.63
N VAL A 1063 -55.02 -6.27 -21.84
CA VAL A 1063 -54.57 -7.12 -22.92
C VAL A 1063 -55.68 -7.22 -23.95
N LYS A 1064 -55.37 -6.89 -25.21
CA LYS A 1064 -56.39 -6.94 -26.25
C LYS A 1064 -56.85 -8.38 -26.49
N ASP A 1065 -55.90 -9.32 -26.55
CA ASP A 1065 -56.20 -10.72 -26.80
C ASP A 1065 -55.48 -11.57 -25.77
N ALA A 1066 -56.20 -11.97 -24.72
CA ALA A 1066 -55.60 -12.83 -23.70
C ALA A 1066 -55.29 -14.23 -24.20
N ASP A 1067 -55.97 -14.67 -25.26
CA ASP A 1067 -55.80 -16.03 -25.74
C ASP A 1067 -54.37 -16.27 -26.24
N LYS A 1068 -53.78 -15.30 -26.93
CA LYS A 1068 -52.41 -15.46 -27.40
C LYS A 1068 -51.44 -15.53 -26.24
N LEU A 1069 -51.61 -14.65 -25.24
CA LEU A 1069 -50.72 -14.64 -24.08
C LEU A 1069 -50.79 -15.97 -23.33
N PHE A 1070 -52.00 -16.49 -23.12
CA PHE A 1070 -52.13 -17.76 -22.43
C PHE A 1070 -51.67 -18.93 -23.29
N GLY A 1071 -51.85 -18.87 -24.60
CA GLY A 1071 -51.28 -19.89 -25.46
C GLY A 1071 -49.77 -19.96 -25.35
N VAL A 1072 -49.14 -18.79 -25.24
CA VAL A 1072 -47.68 -18.78 -25.05
C VAL A 1072 -47.31 -19.32 -23.68
N LEU A 1073 -47.98 -18.83 -22.62
CA LEU A 1073 -47.58 -19.12 -21.25
C LEU A 1073 -48.41 -20.24 -20.60
N ASP A 1074 -48.92 -21.17 -21.41
CA ASP A 1074 -49.70 -22.29 -20.88
C ASP A 1074 -48.96 -23.02 -19.75
N GLY A 1075 -47.71 -23.39 -20.00
CA GLY A 1075 -46.98 -24.24 -19.08
C GLY A 1075 -46.22 -23.53 -17.97
N LEU A 1076 -46.38 -22.22 -17.83
CA LEU A 1076 -45.57 -21.45 -16.90
C LEU A 1076 -46.37 -20.67 -15.86
N LEU A 1077 -47.70 -20.77 -15.87
CA LEU A 1077 -48.54 -19.95 -15.02
C LEU A 1077 -49.19 -20.78 -13.92
N LYS A 1078 -49.03 -20.34 -12.67
CA LYS A 1078 -49.89 -20.79 -11.59
C LYS A 1078 -51.27 -20.14 -11.74
N GLN A 1079 -52.25 -20.67 -11.02
CA GLN A 1079 -53.62 -20.19 -11.15
C GLN A 1079 -54.25 -20.01 -9.78
N SER A 1080 -54.77 -18.82 -9.52
CA SER A 1080 -55.66 -18.57 -8.39
C SER A 1080 -57.07 -18.45 -8.92
N GLN A 1081 -57.99 -19.25 -8.38
CA GLN A 1081 -59.37 -19.23 -8.84
C GLN A 1081 -60.13 -18.06 -8.24
N LYS A 1082 -61.42 -17.97 -8.57
CA LYS A 1082 -62.19 -16.76 -8.26
C LYS A 1082 -62.51 -16.66 -6.78
N ARG A 1083 -62.85 -17.79 -6.15
CA ARG A 1083 -63.44 -17.80 -4.81
C ARG A 1083 -64.74 -17.03 -4.73
N SER A 1084 -65.41 -16.83 -5.87
CA SER A 1084 -66.67 -16.10 -5.97
C SER A 1084 -67.20 -16.30 -7.38
N VAL A 1085 -68.35 -15.68 -7.66
CA VAL A 1085 -68.97 -15.81 -8.97
C VAL A 1085 -68.60 -14.65 -9.88
N ASN A 1086 -68.54 -13.42 -9.35
CA ASN A 1086 -68.16 -12.25 -10.13
C ASN A 1086 -66.70 -11.88 -9.96
N GLY A 1087 -65.97 -12.57 -9.11
CA GLY A 1087 -64.57 -12.25 -8.89
C GLY A 1087 -63.69 -12.65 -10.06
N PHE A 1088 -62.46 -12.16 -10.02
CA PHE A 1088 -61.49 -12.38 -11.06
C PHE A 1088 -60.52 -13.49 -10.67
N GLU A 1089 -59.76 -13.96 -11.66
CA GLU A 1089 -58.74 -14.98 -11.48
C GLU A 1089 -57.36 -14.36 -11.64
N THR A 1090 -56.43 -14.79 -10.79
CA THR A 1090 -55.06 -14.29 -10.83
C THR A 1090 -54.14 -15.41 -11.25
N TYR A 1091 -53.40 -15.20 -12.33
CA TYR A 1091 -52.37 -16.12 -12.78
C TYR A 1091 -51.01 -15.52 -12.50
N THR A 1092 -50.18 -16.24 -11.76
CA THR A 1092 -48.83 -15.81 -11.44
C THR A 1092 -47.83 -16.76 -12.07
N VAL A 1093 -46.77 -16.20 -12.64
CA VAL A 1093 -45.74 -17.02 -13.27
C VAL A 1093 -45.08 -17.89 -12.21
N ASP A 1094 -44.95 -19.18 -12.50
CA ASP A 1094 -44.22 -20.07 -11.61
C ASP A 1094 -42.73 -19.73 -11.68
N ARG A 1095 -42.18 -19.26 -10.56
CA ARG A 1095 -40.82 -18.74 -10.56
C ARG A 1095 -39.81 -19.82 -10.92
N ILE A 1096 -39.99 -21.04 -10.39
CA ILE A 1096 -39.01 -22.10 -10.62
C ILE A 1096 -38.95 -22.47 -12.09
N LYS A 1097 -40.12 -22.72 -12.70
CA LYS A 1097 -40.15 -23.09 -14.11
C LYS A 1097 -39.73 -21.94 -15.00
N ALA A 1098 -40.09 -20.70 -14.64
CA ALA A 1098 -39.67 -19.55 -15.42
C ALA A 1098 -38.15 -19.41 -15.44
N PHE A 1099 -37.52 -19.53 -14.28
CA PHE A 1099 -36.07 -19.42 -14.21
C PHE A 1099 -35.40 -20.59 -14.92
N GLU A 1100 -35.97 -21.78 -14.81
CA GLU A 1100 -35.42 -22.93 -15.53
C GLU A 1100 -35.50 -22.72 -17.03
N LEU A 1101 -36.63 -22.20 -17.52
CA LEU A 1101 -36.80 -21.96 -18.95
C LEU A 1101 -35.84 -20.88 -19.44
N LEU A 1102 -35.68 -19.80 -18.66
CA LEU A 1102 -34.76 -18.74 -19.05
C LEU A 1102 -33.32 -19.26 -19.08
N HIS A 1103 -32.94 -20.09 -18.11
CA HIS A 1103 -31.62 -20.69 -18.14
C HIS A 1103 -31.45 -21.60 -19.35
N ASP A 1104 -32.47 -22.38 -19.68
CA ASP A 1104 -32.37 -23.27 -20.83
C ASP A 1104 -32.23 -22.50 -22.12
N VAL A 1105 -32.97 -21.39 -22.26
CA VAL A 1105 -32.85 -20.58 -23.47
C VAL A 1105 -31.54 -19.82 -23.50
N PHE A 1106 -30.93 -19.56 -22.33
CA PHE A 1106 -29.61 -18.93 -22.30
C PHE A 1106 -28.49 -19.89 -22.61
N ILE A 1107 -28.62 -21.16 -22.21
CA ILE A 1107 -27.49 -22.07 -22.20
C ILE A 1107 -27.45 -23.04 -23.38
N ARG A 1108 -28.58 -23.23 -24.07
CA ARG A 1108 -28.63 -24.19 -25.16
C ARG A 1108 -29.60 -23.66 -26.21
N PRO A 1109 -29.47 -24.11 -27.46
CA PRO A 1109 -30.47 -23.72 -28.47
C PRO A 1109 -31.81 -24.37 -28.17
N CYS A 1110 -32.87 -23.58 -28.27
CA CYS A 1110 -34.20 -23.99 -27.85
C CYS A 1110 -35.19 -23.82 -28.99
N SER A 1111 -36.33 -24.49 -28.85
CA SER A 1111 -37.39 -24.39 -29.84
C SER A 1111 -38.02 -23.01 -29.83
N GLN A 1112 -38.69 -22.67 -30.93
CA GLN A 1112 -39.32 -21.35 -31.05
C GLN A 1112 -40.37 -21.15 -29.98
N LYS A 1113 -41.03 -22.22 -29.55
CA LYS A 1113 -41.95 -22.11 -28.41
C LYS A 1113 -41.23 -21.60 -27.18
N MET A 1114 -40.05 -22.15 -26.89
CA MET A 1114 -39.31 -21.75 -25.70
C MET A 1114 -38.76 -20.34 -25.84
N LEU A 1115 -38.35 -19.95 -27.05
CA LEU A 1115 -37.91 -18.58 -27.28
C LEU A 1115 -39.04 -17.58 -27.04
N GLU A 1116 -40.23 -17.89 -27.57
CA GLU A 1116 -41.37 -17.02 -27.34
C GLU A 1116 -41.72 -16.96 -25.85
N GLN A 1117 -41.69 -18.11 -25.18
CA GLN A 1117 -42.00 -18.13 -23.76
C GLN A 1117 -41.01 -17.30 -22.95
N ALA A 1118 -39.72 -17.39 -23.28
CA ALA A 1118 -38.72 -16.57 -22.61
C ALA A 1118 -38.96 -15.09 -22.88
N GLU A 1119 -39.33 -14.74 -24.12
CA GLU A 1119 -39.58 -13.35 -24.46
C GLU A 1119 -40.74 -12.78 -23.64
N VAL A 1120 -41.86 -13.53 -23.58
CA VAL A 1120 -43.00 -13.05 -22.81
C VAL A 1120 -42.70 -13.03 -21.31
N LEU A 1121 -41.91 -13.99 -20.83
CA LEU A 1121 -41.52 -13.96 -19.42
C LEU A 1121 -40.69 -12.72 -19.11
N GLU A 1122 -39.83 -12.32 -20.04
CA GLU A 1122 -39.05 -11.11 -19.84
C GLU A 1122 -39.90 -9.85 -19.98
N LYS A 1123 -40.99 -9.93 -20.75
CA LYS A 1123 -41.95 -8.83 -20.76
C LYS A 1123 -42.61 -8.65 -19.40
N LEU A 1124 -42.94 -9.77 -18.73
CA LEU A 1124 -43.55 -9.72 -17.42
C LEU A 1124 -42.56 -9.48 -16.29
N HIS A 1125 -41.26 -9.55 -16.58
CA HIS A 1125 -40.24 -9.48 -15.54
C HIS A 1125 -39.92 -8.04 -15.19
N TYR A 1126 -39.86 -7.75 -13.89
CA TYR A 1126 -39.41 -6.46 -13.39
C TYR A 1126 -38.61 -6.68 -12.11
N ILE A 1127 -37.74 -5.72 -11.81
CA ILE A 1127 -36.74 -5.84 -10.77
C ILE A 1127 -36.95 -4.73 -9.75
N THR A 1128 -36.96 -5.10 -8.47
CA THR A 1128 -37.01 -4.15 -7.38
C THR A 1128 -35.93 -4.48 -6.36
N GLN A 1129 -35.60 -3.51 -5.53
CA GLN A 1129 -34.63 -3.69 -4.47
C GLN A 1129 -34.96 -2.76 -3.32
N ASN A 1130 -34.90 -3.28 -2.10
CA ASN A 1130 -35.19 -2.48 -0.93
C ASN A 1130 -34.10 -1.44 -0.70
N ILE A 1131 -34.51 -0.20 -0.51
CA ILE A 1131 -33.60 0.89 -0.19
C ILE A 1131 -34.07 1.52 1.11
N SER A 1132 -33.11 1.89 1.97
CA SER A 1132 -33.42 2.29 3.32
C SER A 1132 -34.32 3.53 3.34
N VAL A 1133 -35.21 3.57 4.33
CA VAL A 1133 -36.11 4.70 4.48
C VAL A 1133 -35.35 5.98 4.81
N THR A 1134 -34.10 5.86 5.25
CA THR A 1134 -33.27 7.04 5.46
C THR A 1134 -32.83 7.69 4.16
N SER A 1135 -33.12 7.07 3.01
CA SER A 1135 -32.80 7.66 1.72
C SER A 1135 -33.62 8.91 1.42
N VAL A 1136 -34.67 9.17 2.19
CA VAL A 1136 -35.41 10.43 2.07
C VAL A 1136 -34.63 11.60 2.67
N TYR A 1137 -33.45 11.36 3.21
CA TYR A 1137 -32.61 12.39 3.82
C TYR A 1137 -31.27 12.42 3.12
N ASP A 1138 -30.79 13.62 2.81
CA ASP A 1138 -29.52 13.82 2.14
C ASP A 1138 -28.46 14.06 3.21
N ALA A 1139 -27.54 13.11 3.35
CA ALA A 1139 -26.53 13.22 4.41
C ALA A 1139 -25.52 14.32 4.12
N VAL A 1140 -25.15 14.50 2.85
CA VAL A 1140 -24.14 15.50 2.51
C VAL A 1140 -24.66 16.90 2.80
N ASN A 1141 -25.87 17.22 2.34
CA ASN A 1141 -26.45 18.53 2.58
C ASN A 1141 -27.10 18.65 3.94
N ARG A 1142 -27.25 17.54 4.67
CA ARG A 1142 -27.96 17.53 5.95
C ARG A 1142 -29.34 18.15 5.82
N GLN A 1143 -30.05 17.75 4.77
CA GLN A 1143 -31.36 18.29 4.45
C GLN A 1143 -32.24 17.18 3.90
N PHE A 1144 -33.52 17.22 4.25
CA PHE A 1144 -34.48 16.29 3.67
C PHE A 1144 -34.69 16.60 2.19
N LYS A 1145 -35.00 15.56 1.43
CA LYS A 1145 -35.29 15.73 0.02
C LYS A 1145 -36.80 15.91 -0.18
N CYS A 1146 -37.15 16.48 -1.33
CA CYS A 1146 -38.54 16.79 -1.64
C CYS A 1146 -39.24 15.57 -2.22
N ARG A 1147 -40.58 15.60 -2.17
CA ARG A 1147 -41.37 14.49 -2.70
C ARG A 1147 -41.16 14.32 -4.20
N GLU A 1148 -40.80 15.40 -4.90
CA GLU A 1148 -40.50 15.29 -6.32
C GLU A 1148 -39.28 14.41 -6.56
N GLU A 1149 -38.32 14.43 -5.63
CA GLU A 1149 -37.14 13.58 -5.71
C GLU A 1149 -37.38 12.19 -5.12
N ILE A 1150 -38.08 12.12 -3.99
CA ILE A 1150 -38.32 10.83 -3.34
C ILE A 1150 -39.26 9.97 -4.17
N LEU A 1151 -40.36 10.56 -4.63
CA LEU A 1151 -41.40 9.84 -5.35
C LEU A 1151 -41.27 9.99 -6.87
N LYS A 1152 -40.05 10.10 -7.38
CA LYS A 1152 -39.86 10.21 -8.81
C LYS A 1152 -40.38 8.96 -9.52
N ASP A 1153 -41.07 9.17 -10.64
CA ASP A 1153 -41.76 8.08 -11.31
C ASP A 1153 -40.79 7.07 -11.93
N LYS A 1154 -39.52 7.44 -12.12
CA LYS A 1154 -38.55 6.50 -12.64
C LYS A 1154 -38.28 5.35 -11.68
N ASP A 1155 -38.56 5.54 -10.39
CA ASP A 1155 -38.34 4.51 -9.38
C ASP A 1155 -39.55 3.63 -9.14
N PHE A 1156 -40.66 3.87 -9.83
CA PHE A 1156 -41.90 3.16 -9.52
C PHE A 1156 -42.68 2.66 -10.73
N ASP A 1157 -42.32 3.04 -11.95
CA ASP A 1157 -43.12 2.72 -13.13
C ASP A 1157 -42.55 1.50 -13.85
N ILE A 1158 -43.42 0.56 -14.19
CA ILE A 1158 -43.06 -0.65 -14.93
C ILE A 1158 -43.72 -0.56 -16.30
N LYS A 1159 -42.91 -0.59 -17.35
CA LYS A 1159 -43.43 -0.49 -18.71
C LYS A 1159 -43.76 -1.88 -19.24
N VAL A 1160 -44.98 -2.04 -19.73
CA VAL A 1160 -45.45 -3.27 -20.34
C VAL A 1160 -45.54 -3.05 -21.84
N ASP A 1161 -44.87 -3.89 -22.61
CA ASP A 1161 -44.78 -3.74 -24.07
C ASP A 1161 -45.04 -5.08 -24.75
N LEU A 1162 -46.12 -5.75 -24.36
CA LEU A 1162 -46.51 -6.99 -25.03
C LEU A 1162 -47.01 -6.69 -26.43
N GLY A 1163 -46.39 -7.32 -27.43
CA GLY A 1163 -46.73 -7.07 -28.81
C GLY A 1163 -47.99 -7.80 -29.24
N ASN A 1164 -48.32 -7.64 -30.53
CA ASN A 1164 -49.47 -8.32 -31.09
C ASN A 1164 -49.34 -9.84 -31.01
N ARG A 1165 -48.10 -10.34 -31.04
CA ARG A 1165 -47.88 -11.78 -30.87
C ARG A 1165 -48.31 -12.24 -29.48
N PHE A 1166 -48.16 -11.39 -28.47
CA PHE A 1166 -48.33 -11.78 -27.08
C PHE A 1166 -49.53 -11.09 -26.44
N GLY A 1167 -50.54 -10.72 -27.23
CA GLY A 1167 -51.78 -10.18 -26.72
C GLY A 1167 -51.95 -8.69 -26.86
N SER A 1168 -50.92 -7.96 -27.27
CA SER A 1168 -51.01 -6.52 -27.51
C SER A 1168 -51.43 -5.76 -26.25
N ALA A 1169 -50.58 -5.83 -25.24
CA ALA A 1169 -50.76 -5.08 -24.00
C ALA A 1169 -49.62 -4.08 -23.89
N LYS A 1170 -49.96 -2.79 -23.97
CA LYS A 1170 -48.97 -1.72 -23.96
C LYS A 1170 -49.38 -0.68 -22.93
N GLY A 1171 -48.44 -0.28 -22.08
CA GLY A 1171 -48.72 0.72 -21.06
C GLY A 1171 -47.64 0.70 -19.99
N LYS A 1172 -47.92 1.45 -18.92
CA LYS A 1172 -47.01 1.55 -17.79
C LYS A 1172 -47.76 1.30 -16.50
N ILE A 1173 -47.12 0.61 -15.57
CA ILE A 1173 -47.71 0.22 -14.30
C ILE A 1173 -46.89 0.85 -13.18
N THR A 1174 -47.57 1.49 -12.24
CA THR A 1174 -46.90 2.05 -11.07
C THR A 1174 -46.71 0.96 -10.03
N LEU A 1175 -45.48 0.83 -9.54
CA LEU A 1175 -45.17 -0.18 -8.53
C LEU A 1175 -45.92 0.12 -7.24
N PRO A 1176 -46.64 -0.84 -6.66
CA PRO A 1176 -47.45 -0.55 -5.47
C PRO A 1176 -46.65 -0.21 -4.23
N ALA A 1177 -45.31 -0.30 -4.28
CA ALA A 1177 -44.49 0.22 -3.18
C ALA A 1177 -44.50 1.73 -3.15
N LYS A 1178 -44.95 2.38 -4.22
CA LYS A 1178 -45.07 3.84 -4.20
C LYS A 1178 -46.08 4.29 -3.17
N ARG A 1179 -47.12 3.49 -2.92
CA ARG A 1179 -48.07 3.84 -1.87
C ARG A 1179 -47.41 3.80 -0.49
N GLU A 1180 -46.57 2.80 -0.25
CA GLU A 1180 -45.83 2.75 1.01
C GLU A 1180 -44.88 3.94 1.15
N TRP A 1181 -44.20 4.30 0.06
CA TRP A 1181 -43.33 5.47 0.10
C TRP A 1181 -44.13 6.76 0.34
N GLU A 1182 -45.31 6.86 -0.28
CA GLU A 1182 -46.16 8.03 -0.09
C GLU A 1182 -46.60 8.15 1.36
N LYS A 1183 -47.03 7.04 1.97
CA LYS A 1183 -47.42 7.09 3.37
C LYS A 1183 -46.21 7.16 4.30
N LEU A 1184 -45.00 6.97 3.77
CA LEU A 1184 -43.79 7.25 4.54
C LEU A 1184 -43.47 8.74 4.55
N VAL A 1185 -43.55 9.39 3.39
CA VAL A 1185 -43.26 10.82 3.33
C VAL A 1185 -44.41 11.64 3.89
N ASN A 1186 -45.58 11.05 4.08
CA ASN A 1186 -46.73 11.74 4.66
C ASN A 1186 -46.95 11.38 6.13
N ARG A 1187 -45.97 10.74 6.77
CA ARG A 1187 -46.07 10.50 8.20
C ARG A 1187 -46.13 11.83 8.95
N SER A 1188 -46.91 11.86 10.02
CA SER A 1188 -47.14 13.11 10.74
C SER A 1188 -45.83 13.73 11.22
N GLU A 1189 -44.82 12.92 11.51
CA GLU A 1189 -43.53 13.46 11.93
C GLU A 1189 -42.72 13.99 10.76
N LEU A 1190 -42.86 13.38 9.57
CA LEU A 1190 -42.12 13.79 8.39
C LEU A 1190 -42.96 14.55 7.38
N LYS A 1191 -44.23 14.80 7.67
CA LYS A 1191 -45.12 15.42 6.69
C LYS A 1191 -44.66 16.84 6.36
N ASN A 1192 -44.24 17.60 7.36
CA ASN A 1192 -43.86 19.00 7.15
C ASN A 1192 -42.38 19.18 6.86
N LEU A 1193 -41.53 18.27 7.36
CA LEU A 1193 -40.09 18.41 7.11
C LEU A 1193 -39.74 18.16 5.66
N ILE A 1194 -40.52 17.35 4.96
CA ILE A 1194 -40.28 17.03 3.56
C ILE A 1194 -41.20 17.91 2.71
N LYS A 1195 -40.62 18.66 1.78
CA LYS A 1195 -41.38 19.56 0.93
C LYS A 1195 -41.84 18.83 -0.33
N ASP A 1196 -42.67 19.51 -1.12
CA ASP A 1196 -43.34 18.88 -2.24
C ASP A 1196 -42.54 18.95 -3.54
N LYS A 1197 -41.86 20.06 -3.80
CA LYS A 1197 -41.20 20.28 -5.09
C LYS A 1197 -39.76 20.72 -4.88
N LEU A 1198 -38.99 20.64 -5.97
CA LEU A 1198 -37.58 21.01 -5.92
C LEU A 1198 -37.39 22.48 -5.57
N SER A 1199 -38.17 23.36 -6.21
CA SER A 1199 -38.06 24.79 -5.93
C SER A 1199 -38.54 25.14 -4.53
N ASP A 1200 -39.41 24.30 -3.93
CA ASP A 1200 -39.87 24.55 -2.57
C ASP A 1200 -38.83 24.19 -1.52
N LYS A 1201 -37.83 23.38 -1.88
CA LYS A 1201 -36.79 22.97 -0.95
C LYS A 1201 -35.76 24.10 -0.87
N GLY A 1202 -36.02 25.06 0.02
CA GLY A 1202 -35.18 26.23 0.15
C GLY A 1202 -33.91 26.00 0.94
N SER A 1203 -33.51 27.02 1.70
CA SER A 1203 -32.26 26.97 2.45
C SER A 1203 -32.38 26.30 3.81
N GLU A 1204 -33.59 25.95 4.24
CA GLU A 1204 -33.76 25.34 5.55
C GLU A 1204 -33.17 23.93 5.55
N LYS A 1205 -32.35 23.64 6.56
CA LYS A 1205 -31.68 22.35 6.70
C LYS A 1205 -31.86 21.81 8.11
N THR A 1206 -32.15 20.52 8.21
CA THR A 1206 -32.35 19.85 9.50
C THR A 1206 -31.24 18.83 9.70
N PRO A 1207 -30.44 18.96 10.77
CA PRO A 1207 -29.27 18.07 10.91
C PRO A 1207 -29.59 16.69 11.49
N ASP A 1208 -30.65 16.59 12.31
CA ASP A 1208 -30.96 15.36 13.01
C ASP A 1208 -32.09 14.57 12.36
N GLY A 1209 -32.17 14.61 11.02
CA GLY A 1209 -33.23 13.86 10.34
C GLY A 1209 -33.05 12.36 10.43
N GLU A 1210 -31.82 11.88 10.32
CA GLU A 1210 -31.57 10.43 10.36
C GLU A 1210 -31.96 9.86 11.73
N THR A 1211 -31.58 10.55 12.81
CA THR A 1211 -32.00 10.12 14.13
C THR A 1211 -33.52 10.18 14.27
N LEU A 1212 -34.16 11.16 13.63
CA LEU A 1212 -35.61 11.25 13.66
C LEU A 1212 -36.24 10.04 12.99
N ILE A 1213 -35.72 9.64 11.83
CA ILE A 1213 -36.24 8.46 11.14
C ILE A 1213 -36.02 7.21 11.96
N TYR A 1214 -34.84 7.09 12.58
CA TYR A 1214 -34.56 5.95 13.45
C TYR A 1214 -35.58 5.89 14.58
N ASP A 1215 -35.90 7.05 15.17
CA ASP A 1215 -36.93 7.08 16.21
C ASP A 1215 -38.32 6.76 15.65
N ILE A 1216 -38.56 7.09 14.38
CA ILE A 1216 -39.81 6.70 13.74
C ILE A 1216 -39.96 5.19 13.76
N PHE A 1217 -38.93 4.48 13.32
CA PHE A 1217 -39.08 3.04 13.08
C PHE A 1217 -38.60 2.15 14.22
N ARG A 1218 -37.76 2.66 15.11
CA ARG A 1218 -37.36 1.87 16.27
C ARG A 1218 -38.54 1.68 17.22
N SER A 1219 -38.66 0.46 17.76
CA SER A 1219 -39.74 0.14 18.68
C SER A 1219 -39.24 -0.90 19.68
N ILE A 1220 -39.92 -0.96 20.83
CA ILE A 1220 -39.56 -1.90 21.89
C ILE A 1220 -40.39 -3.17 21.74
N PRO A 1221 -39.78 -4.35 21.86
CA PRO A 1221 -40.53 -5.59 21.69
C PRO A 1221 -41.23 -6.05 22.96
N VAL A 1222 -41.86 -7.23 22.90
CA VAL A 1222 -42.52 -7.83 24.06
C VAL A 1222 -41.52 -8.44 25.03
N GLN A 1223 -40.23 -8.45 24.69
CA GLN A 1223 -39.18 -9.08 25.48
C GLN A 1223 -39.39 -10.59 25.57
N LYS A 1224 -39.79 -11.20 24.44
CA LYS A 1224 -40.03 -12.63 24.41
C LYS A 1224 -38.74 -13.42 24.61
N LEU A 1225 -37.70 -13.09 23.84
CA LEU A 1225 -36.48 -13.88 23.79
C LEU A 1225 -35.27 -13.01 24.11
N SER A 1226 -34.35 -13.55 24.91
CA SER A 1226 -33.09 -12.88 25.17
C SER A 1226 -32.17 -12.95 23.96
N HIS A 1227 -32.23 -14.04 23.20
CA HIS A 1227 -31.42 -14.19 21.99
C HIS A 1227 -32.24 -13.79 20.77
N LYS A 1228 -32.45 -12.49 20.64
CA LYS A 1228 -33.17 -11.91 19.52
C LYS A 1228 -32.31 -10.86 18.84
N ALA A 1229 -32.35 -10.86 17.51
CA ALA A 1229 -31.58 -9.88 16.74
C ALA A 1229 -32.24 -8.50 16.84
N THR A 1230 -31.39 -7.48 16.88
CA THR A 1230 -31.85 -6.10 16.87
C THR A 1230 -32.06 -5.61 15.44
N ARG A 1231 -32.92 -4.61 15.30
CA ARG A 1231 -33.23 -4.02 14.01
C ARG A 1231 -32.60 -2.65 13.91
N ARG A 1232 -31.88 -2.41 12.82
CA ARG A 1232 -31.18 -1.15 12.60
C ARG A 1232 -31.47 -0.49 11.27
N VAL A 1233 -31.93 -1.22 10.27
CA VAL A 1233 -32.20 -0.66 8.94
C VAL A 1233 -33.62 -1.03 8.55
N TRP A 1234 -34.42 -0.02 8.23
CA TRP A 1234 -35.76 -0.20 7.70
C TRP A 1234 -35.80 0.33 6.29
N SER A 1235 -36.45 -0.41 5.39
CA SER A 1235 -36.36 -0.10 3.98
C SER A 1235 -37.68 -0.41 3.28
N LEU A 1236 -37.86 0.19 2.12
CA LEU A 1236 -38.99 -0.04 1.24
C LEU A 1236 -38.50 -0.27 -0.19
N PRO A 1237 -39.22 -1.05 -0.97
CA PRO A 1237 -38.71 -1.38 -2.32
C PRO A 1237 -38.82 -0.21 -3.29
N LYS A 1238 -37.86 -0.18 -4.21
CA LYS A 1238 -37.86 0.73 -5.35
C LYS A 1238 -37.30 -0.01 -6.54
N ILE A 1239 -37.57 0.52 -7.74
CA ILE A 1239 -37.05 -0.05 -8.98
C ILE A 1239 -35.69 0.60 -9.24
N PRO A 1240 -34.60 -0.14 -9.16
CA PRO A 1240 -33.27 0.44 -9.34
C PRO A 1240 -32.80 0.37 -10.80
N SER A 1241 -31.72 1.09 -11.06
CA SER A 1241 -31.02 0.97 -12.34
C SER A 1241 -30.13 -0.27 -12.30
N ILE A 1242 -30.29 -1.14 -13.29
CA ILE A 1242 -29.61 -2.42 -13.31
C ILE A 1242 -28.48 -2.38 -14.33
N SER A 1243 -27.61 -3.39 -14.24
CA SER A 1243 -26.46 -3.48 -15.15
C SER A 1243 -26.03 -4.95 -15.22
N SER A 1244 -26.41 -5.64 -16.28
CA SER A 1244 -26.01 -7.02 -16.53
C SER A 1244 -26.44 -7.95 -15.39
N GLY A 1245 -27.76 -8.07 -15.24
CA GLY A 1245 -28.28 -8.99 -14.24
C GLY A 1245 -27.89 -10.43 -14.55
N VAL A 1246 -27.58 -11.18 -13.50
CA VAL A 1246 -27.30 -12.60 -13.62
C VAL A 1246 -27.98 -13.34 -12.47
N ARG A 1247 -28.65 -14.43 -12.80
CA ARG A 1247 -29.23 -15.29 -11.78
C ARG A 1247 -28.24 -16.39 -11.41
N ILE A 1248 -28.19 -16.72 -10.13
CA ILE A 1248 -27.31 -17.75 -9.61
C ILE A 1248 -28.18 -18.81 -8.94
N LYS A 1249 -28.10 -20.04 -9.43
CA LYS A 1249 -28.83 -21.15 -8.85
C LYS A 1249 -27.99 -21.76 -7.73
N ARG A 1250 -28.52 -21.71 -6.50
CA ARG A 1250 -27.87 -22.35 -5.37
C ARG A 1250 -28.88 -23.26 -4.68
N LYS A 1251 -28.50 -23.83 -3.55
CA LYS A 1251 -29.38 -24.73 -2.80
C LYS A 1251 -29.48 -24.27 -1.36
N ASP A 1252 -30.70 -24.29 -0.83
CA ASP A 1252 -30.91 -23.98 0.57
C ASP A 1252 -30.44 -25.15 1.44
N SER A 1253 -30.61 -24.99 2.76
CA SER A 1253 -30.17 -26.03 3.69
C SER A 1253 -30.90 -27.35 3.48
N ASN A 1254 -32.08 -27.32 2.88
CA ASN A 1254 -32.84 -28.54 2.58
C ASN A 1254 -32.55 -29.09 1.20
N GLY A 1255 -31.65 -28.47 0.45
CA GLY A 1255 -31.29 -28.94 -0.88
C GLY A 1255 -32.16 -28.43 -2.00
N ASN A 1256 -33.17 -27.61 -1.71
CA ASN A 1256 -34.02 -27.06 -2.75
C ASN A 1256 -33.31 -25.94 -3.50
N ASP A 1257 -33.51 -25.90 -4.81
CA ASP A 1257 -32.86 -24.89 -5.63
C ASP A 1257 -33.46 -23.51 -5.37
N ILE A 1258 -32.59 -22.52 -5.18
CA ILE A 1258 -32.99 -21.13 -5.00
C ILE A 1258 -32.28 -20.28 -6.04
N TYR A 1259 -33.00 -19.30 -6.57
CA TYR A 1259 -32.46 -18.39 -7.57
C TYR A 1259 -32.36 -16.99 -6.97
N GLN A 1260 -31.20 -16.36 -7.14
CA GLN A 1260 -30.95 -15.02 -6.65
C GLN A 1260 -30.27 -14.21 -7.75
N LEU A 1261 -30.69 -12.95 -7.90
CA LEU A 1261 -30.24 -12.12 -9.01
C LEU A 1261 -29.15 -11.16 -8.54
N TYR A 1262 -28.02 -11.19 -9.21
CA TYR A 1262 -26.90 -10.28 -8.97
C TYR A 1262 -26.66 -9.44 -10.22
N MET A 1263 -25.64 -8.60 -10.18
CA MET A 1263 -25.20 -7.82 -11.33
C MET A 1263 -23.73 -8.09 -11.59
N LEU A 1264 -23.39 -8.24 -12.87
CA LEU A 1264 -22.01 -8.49 -13.24
C LEU A 1264 -21.12 -7.32 -12.87
N ASN A 1265 -19.95 -7.61 -12.32
CA ASN A 1265 -19.01 -6.58 -11.92
C ASN A 1265 -18.11 -6.14 -13.07
N ASP A 1266 -18.09 -6.86 -14.18
CA ASP A 1266 -17.12 -6.63 -15.24
C ASP A 1266 -17.77 -6.94 -16.58
N THR A 1267 -16.95 -7.12 -17.61
CA THR A 1267 -17.44 -7.27 -18.98
C THR A 1267 -18.33 -8.50 -19.10
N LYS A 1268 -19.39 -8.37 -19.90
CA LYS A 1268 -20.32 -9.45 -20.18
C LYS A 1268 -20.05 -10.14 -21.51
N CYS A 1269 -19.63 -9.38 -22.53
CA CYS A 1269 -19.49 -9.88 -23.87
C CYS A 1269 -18.02 -9.98 -24.26
N LYS A 1270 -17.66 -11.09 -24.90
CA LYS A 1270 -16.29 -11.32 -25.31
C LYS A 1270 -15.99 -10.84 -26.73
N GLY A 1271 -17.00 -10.43 -27.48
CA GLY A 1271 -16.79 -9.98 -28.84
C GLY A 1271 -18.09 -9.93 -29.60
N PHE A 1272 -17.97 -9.97 -30.93
CA PHE A 1272 -19.11 -9.97 -31.82
C PHE A 1272 -18.96 -11.09 -32.83
N VAL A 1273 -20.08 -11.73 -33.18
CA VAL A 1273 -20.06 -12.86 -34.09
C VAL A 1273 -19.88 -12.36 -35.52
N VAL A 1274 -18.90 -12.92 -36.23
CA VAL A 1274 -18.71 -12.66 -37.65
C VAL A 1274 -18.97 -13.97 -38.40
N ASN A 1275 -19.74 -13.87 -39.47
CA ASN A 1275 -20.16 -15.06 -40.22
C ASN A 1275 -19.03 -15.56 -41.12
N GLU A 1276 -19.33 -16.53 -41.98
CA GLU A 1276 -18.33 -17.09 -42.87
C GLU A 1276 -17.97 -16.17 -44.02
N LYS A 1277 -18.66 -15.04 -44.19
CA LYS A 1277 -18.33 -14.04 -45.17
C LYS A 1277 -17.72 -12.79 -44.54
N GLY A 1278 -17.39 -12.85 -43.24
CA GLY A 1278 -16.75 -11.74 -42.58
C GLY A 1278 -17.66 -10.60 -42.18
N VAL A 1279 -18.96 -10.83 -42.09
CA VAL A 1279 -19.92 -9.80 -41.73
C VAL A 1279 -20.12 -9.82 -40.22
N ILE A 1280 -19.75 -8.73 -39.56
CA ILE A 1280 -19.83 -8.64 -38.10
C ILE A 1280 -21.28 -8.43 -37.70
N ASP A 1281 -21.74 -9.22 -36.73
CA ASP A 1281 -23.07 -9.05 -36.15
C ASP A 1281 -22.94 -8.07 -35.00
N TRP A 1282 -23.28 -6.81 -35.25
CA TRP A 1282 -23.14 -5.75 -34.25
C TRP A 1282 -24.24 -5.74 -33.21
N SER A 1283 -25.28 -6.56 -33.37
CA SER A 1283 -26.42 -6.56 -32.46
C SER A 1283 -26.34 -7.67 -31.41
N SER A 1284 -26.07 -8.91 -31.83
CA SER A 1284 -26.11 -10.03 -30.90
C SER A 1284 -24.99 -9.94 -29.88
N ASP A 1285 -25.34 -10.09 -28.60
CA ASP A 1285 -24.35 -10.04 -27.53
C ASP A 1285 -23.73 -11.42 -27.33
N LEU A 1286 -22.43 -11.52 -27.54
CA LEU A 1286 -21.71 -12.78 -27.43
C LEU A 1286 -21.14 -12.90 -26.02
N VAL A 1287 -21.91 -13.55 -25.14
CA VAL A 1287 -21.53 -13.65 -23.74
C VAL A 1287 -20.25 -14.45 -23.59
N ALA A 1288 -19.40 -14.03 -22.64
CA ALA A 1288 -18.18 -14.75 -22.36
C ALA A 1288 -18.48 -16.13 -21.79
N ASP A 1289 -17.53 -17.05 -21.99
CA ASP A 1289 -17.76 -18.45 -21.66
C ASP A 1289 -17.81 -18.70 -20.15
N LEU A 1290 -17.26 -17.78 -19.34
CA LEU A 1290 -17.31 -17.98 -17.90
C LEU A 1290 -18.70 -17.80 -17.33
N TYR A 1291 -19.60 -17.14 -18.05
CA TYR A 1291 -20.97 -16.96 -17.62
C TYR A 1291 -21.89 -18.07 -18.12
N LYS A 1292 -21.39 -18.97 -18.97
CA LYS A 1292 -22.20 -20.03 -19.56
C LYS A 1292 -22.12 -21.30 -18.71
N GLN A 1293 -22.56 -21.17 -17.47
CA GLN A 1293 -22.53 -22.24 -16.48
C GLN A 1293 -23.92 -22.82 -16.29
N PRO A 1294 -24.02 -24.06 -15.79
CA PRO A 1294 -25.35 -24.64 -15.53
C PRO A 1294 -26.12 -23.96 -14.43
N THR A 1295 -25.48 -23.10 -13.64
CA THR A 1295 -26.16 -22.38 -12.57
C THR A 1295 -26.27 -20.89 -12.82
N LEU A 1296 -25.65 -20.36 -13.87
CA LEU A 1296 -25.66 -18.93 -14.16
C LEU A 1296 -26.55 -18.65 -15.35
N THR A 1297 -27.37 -17.61 -15.24
CA THR A 1297 -28.25 -17.17 -16.31
C THR A 1297 -28.08 -15.66 -16.49
N ILE A 1298 -27.55 -15.25 -17.64
CA ILE A 1298 -27.45 -13.84 -17.95
C ILE A 1298 -28.85 -13.30 -18.25
N LEU A 1299 -29.23 -12.24 -17.55
CA LEU A 1299 -30.59 -11.72 -17.67
C LEU A 1299 -30.84 -11.22 -19.09
N ASN A 1300 -32.01 -11.57 -19.63
CA ASN A 1300 -32.37 -11.33 -21.03
C ASN A 1300 -31.39 -11.99 -22.00
N GLY A 1301 -30.72 -13.05 -21.56
CA GLY A 1301 -29.72 -13.71 -22.37
C GLY A 1301 -30.32 -14.76 -23.28
N ARG A 1302 -29.79 -14.84 -24.50
CA ARG A 1302 -30.16 -15.85 -25.48
C ARG A 1302 -28.93 -16.66 -25.86
N TYR A 1303 -29.16 -17.91 -26.25
CA TYR A 1303 -28.07 -18.73 -26.76
C TYR A 1303 -27.59 -18.19 -28.09
N LEU A 1304 -26.27 -18.23 -28.30
CA LEU A 1304 -25.68 -17.74 -29.53
C LEU A 1304 -24.44 -18.56 -29.84
N LYS A 1305 -24.36 -19.09 -31.05
CA LYS A 1305 -23.24 -19.91 -31.49
C LYS A 1305 -22.30 -19.08 -32.33
N ALA A 1306 -21.01 -19.11 -31.99
CA ALA A 1306 -19.99 -18.34 -32.68
C ALA A 1306 -18.91 -19.28 -33.20
N ASP A 1307 -18.99 -19.65 -34.47
CA ASP A 1307 -17.91 -20.42 -35.08
C ASP A 1307 -16.61 -19.61 -35.08
N GLN A 1308 -16.70 -18.33 -35.42
CA GLN A 1308 -15.59 -17.40 -35.27
C GLN A 1308 -16.16 -16.04 -34.91
N TYR A 1309 -15.35 -15.23 -34.23
CA TYR A 1309 -15.83 -13.95 -33.72
C TYR A 1309 -14.68 -12.96 -33.68
N VAL A 1310 -15.03 -11.68 -33.63
CA VAL A 1310 -14.07 -10.60 -33.53
C VAL A 1310 -13.97 -10.17 -32.07
N ARG A 1311 -12.74 -10.09 -31.56
CA ARG A 1311 -12.54 -9.74 -30.16
C ARG A 1311 -12.76 -8.24 -29.95
N MET A 1312 -13.06 -7.88 -28.70
CA MET A 1312 -13.29 -6.47 -28.38
C MET A 1312 -12.01 -5.65 -28.50
N ASP A 1313 -10.85 -6.25 -28.28
CA ASP A 1313 -9.57 -5.57 -28.35
C ASP A 1313 -8.93 -5.64 -29.74
N GLN A 1314 -9.71 -5.92 -30.78
CA GLN A 1314 -9.18 -6.10 -32.12
C GLN A 1314 -9.24 -4.76 -32.85
N TRP A 1315 -8.08 -4.13 -33.01
CA TRP A 1315 -7.97 -2.82 -33.65
C TRP A 1315 -7.71 -2.96 -35.15
N TYR A 1316 -8.42 -2.16 -35.93
CA TYR A 1316 -8.13 -1.98 -37.35
C TYR A 1316 -8.22 -0.50 -37.67
N GLU A 1317 -7.28 -0.03 -38.48
CA GLU A 1317 -7.35 1.36 -38.96
C GLU A 1317 -8.53 1.52 -39.89
N VAL A 1318 -9.17 2.68 -39.81
CA VAL A 1318 -10.37 2.99 -40.56
C VAL A 1318 -10.01 3.94 -41.69
N ASP A 1319 -10.56 3.66 -42.88
CA ASP A 1319 -10.29 4.49 -44.05
C ASP A 1319 -10.61 5.96 -43.80
N CYS A 1320 -11.81 6.22 -43.29
CA CYS A 1320 -12.21 7.52 -42.74
C CYS A 1320 -12.14 8.67 -43.75
N GLY A 1321 -11.75 8.37 -45.00
CA GLY A 1321 -11.80 9.36 -46.06
C GLY A 1321 -10.94 10.59 -45.82
N ARG A 1322 -9.82 10.45 -45.11
CA ARG A 1322 -8.93 11.58 -44.86
C ARG A 1322 -7.49 11.07 -44.87
N ASP A 1323 -6.55 12.02 -45.02
CA ASP A 1323 -5.14 11.72 -44.97
C ASP A 1323 -4.38 12.51 -43.91
N ASP A 1324 -4.99 13.55 -43.34
CA ASP A 1324 -4.36 14.31 -42.27
C ASP A 1324 -4.55 13.67 -40.90
N VAL A 1325 -5.45 12.69 -40.78
CA VAL A 1325 -5.71 12.00 -39.53
C VAL A 1325 -5.56 10.51 -39.74
N ILE A 1326 -5.29 9.81 -38.64
CA ILE A 1326 -5.28 8.35 -38.60
C ILE A 1326 -6.26 7.93 -37.52
N VAL A 1327 -7.30 7.21 -37.93
CA VAL A 1327 -8.37 6.80 -37.01
C VAL A 1327 -8.40 5.28 -36.97
N LYS A 1328 -8.32 4.73 -35.76
CA LYS A 1328 -8.44 3.30 -35.53
C LYS A 1328 -9.55 3.06 -34.52
N MET A 1329 -10.27 1.96 -34.68
CA MET A 1329 -11.33 1.64 -33.75
C MET A 1329 -11.41 0.14 -33.56
N CYS A 1330 -11.95 -0.26 -32.42
CA CYS A 1330 -12.19 -1.64 -32.05
C CYS A 1330 -13.57 -1.72 -31.41
N PRO A 1331 -14.18 -2.90 -31.39
CA PRO A 1331 -15.48 -3.00 -30.69
C PRO A 1331 -15.41 -2.54 -29.24
N GLY A 1332 -14.37 -2.93 -28.51
CA GLY A 1332 -14.09 -2.36 -27.21
C GLY A 1332 -15.10 -2.75 -26.15
N THR A 1333 -16.36 -2.41 -26.39
CA THR A 1333 -17.44 -2.66 -25.46
C THR A 1333 -18.69 -2.94 -26.29
N SER A 1334 -19.62 -3.72 -25.72
CA SER A 1334 -20.80 -4.14 -26.47
C SER A 1334 -21.55 -2.95 -27.04
N GLY A 1335 -21.78 -1.92 -26.23
CA GLY A 1335 -22.57 -0.79 -26.67
C GLY A 1335 -21.79 0.42 -27.13
N ARG A 1336 -20.49 0.46 -26.86
CA ARG A 1336 -19.66 1.61 -27.18
C ARG A 1336 -18.34 1.16 -27.77
N ARG A 1337 -17.99 1.71 -28.93
CA ARG A 1337 -16.70 1.41 -29.54
C ARG A 1337 -15.61 2.27 -28.91
N TYR A 1338 -14.38 1.82 -29.05
CA TYR A 1338 -13.20 2.62 -28.73
C TYR A 1338 -12.66 3.22 -30.02
N ILE A 1339 -12.30 4.50 -29.97
CA ILE A 1339 -11.78 5.22 -31.13
C ILE A 1339 -10.42 5.80 -30.75
N GLU A 1340 -9.40 5.50 -31.57
CA GLU A 1340 -8.05 6.02 -31.36
C GLU A 1340 -7.68 6.90 -32.55
N ILE A 1341 -7.35 8.16 -32.27
CA ILE A 1341 -7.11 9.16 -33.29
C ILE A 1341 -5.67 9.64 -33.19
N THR A 1342 -4.96 9.62 -34.32
CA THR A 1342 -3.61 10.16 -34.42
C THR A 1342 -3.66 11.35 -35.37
N GLN A 1343 -3.45 12.55 -34.82
CA GLN A 1343 -3.58 13.77 -35.59
C GLN A 1343 -2.63 14.82 -35.04
N SER A 1344 -2.46 15.89 -35.80
CA SER A 1344 -1.63 17.00 -35.34
C SER A 1344 -2.25 17.65 -34.10
N LYS A 1345 -1.39 18.10 -33.19
CA LYS A 1345 -1.88 18.74 -31.98
C LYS A 1345 -2.60 20.04 -32.30
N LYS A 1346 -2.12 20.78 -33.29
CA LYS A 1346 -2.81 21.99 -33.72
C LYS A 1346 -4.21 21.68 -34.24
N GLN A 1347 -4.36 20.59 -34.99
CA GLN A 1347 -5.68 20.22 -35.48
C GLN A 1347 -6.60 19.80 -34.34
N PHE A 1348 -6.06 19.13 -33.32
CA PHE A 1348 -6.86 18.79 -32.16
C PHE A 1348 -7.32 20.04 -31.42
N GLU A 1349 -6.43 21.04 -31.30
CA GLU A 1349 -6.81 22.29 -30.66
C GLU A 1349 -7.72 23.14 -31.55
N ASP A 1350 -7.77 22.86 -32.85
CA ASP A 1350 -8.72 23.53 -33.71
C ASP A 1350 -10.10 22.90 -33.61
N TRP A 1351 -10.18 21.57 -33.58
CA TRP A 1351 -11.46 20.91 -33.43
C TRP A 1351 -12.09 21.22 -32.08
N THR A 1352 -11.29 21.23 -31.01
CA THR A 1352 -11.78 21.39 -29.66
C THR A 1352 -11.44 22.78 -29.12
N GLY A 1353 -12.25 23.26 -28.19
CA GLY A 1353 -11.96 24.50 -27.49
C GLY A 1353 -11.02 24.25 -26.32
N TYR A 1354 -9.95 23.52 -26.58
CA TYR A 1354 -9.03 23.04 -25.55
C TYR A 1354 -7.67 23.68 -25.77
N ILE A 1355 -7.14 24.34 -24.73
CA ILE A 1355 -5.89 25.09 -24.91
C ILE A 1355 -4.73 24.40 -24.21
N SER A 1356 -4.75 24.39 -22.87
CA SER A 1356 -3.73 23.74 -22.03
C SER A 1356 -2.29 24.12 -22.42
N GLY A 1357 -2.11 25.20 -23.17
CA GLY A 1357 -0.77 25.60 -23.57
C GLY A 1357 -0.09 24.54 -24.41
N SER A 1358 1.21 24.37 -24.17
CA SER A 1358 2.01 23.41 -24.92
C SER A 1358 1.64 21.98 -24.53
N PHE A 1359 2.05 21.02 -25.37
CA PHE A 1359 1.74 19.63 -25.10
C PHE A 1359 2.53 19.09 -23.91
N TRP A 1360 3.57 19.80 -23.47
CA TRP A 1360 4.28 19.43 -22.25
C TRP A 1360 3.45 19.65 -21.01
N ASN A 1361 2.37 20.42 -21.10
CA ASN A 1361 1.48 20.67 -19.98
C ASN A 1361 0.18 19.87 -20.10
N TYR A 1362 0.08 18.98 -21.08
CA TYR A 1362 -1.15 18.23 -21.31
C TYR A 1362 -1.30 17.14 -20.27
N PRO A 1363 -2.51 16.92 -19.76
CA PRO A 1363 -2.77 15.76 -18.90
C PRO A 1363 -2.88 14.48 -19.70
N VAL A 1364 -2.71 13.36 -19.00
CA VAL A 1364 -2.94 12.06 -19.63
C VAL A 1364 -4.43 11.84 -19.85
N THR A 1365 -5.26 12.36 -18.96
CA THR A 1365 -6.72 12.23 -19.05
C THR A 1365 -7.28 13.62 -19.35
N ILE A 1366 -7.54 13.88 -20.63
CA ILE A 1366 -8.18 15.11 -21.05
C ILE A 1366 -9.68 14.95 -20.94
N LYS A 1367 -10.33 15.86 -20.22
CA LYS A 1367 -11.79 15.85 -20.08
C LYS A 1367 -12.34 17.10 -20.76
N LEU A 1368 -12.81 16.94 -21.99
CA LEU A 1368 -13.41 18.04 -22.72
C LEU A 1368 -14.72 18.47 -22.07
N SER A 1369 -14.93 19.77 -22.01
CA SER A 1369 -16.21 20.29 -21.53
C SER A 1369 -17.30 20.03 -22.58
N SER A 1370 -18.56 20.18 -22.15
CA SER A 1370 -19.67 19.93 -23.05
C SER A 1370 -19.59 20.80 -24.29
N GLN A 1371 -19.24 22.08 -24.12
CA GLN A 1371 -19.01 22.95 -25.26
C GLN A 1371 -17.85 22.43 -26.10
N GLN A 1372 -16.78 21.96 -25.46
CA GLN A 1372 -15.66 21.40 -26.20
C GLN A 1372 -16.05 20.11 -26.91
N ILE A 1373 -16.91 19.30 -26.29
CA ILE A 1373 -17.40 18.09 -26.96
C ILE A 1373 -18.18 18.45 -28.21
N ALA A 1374 -19.09 19.41 -28.09
CA ALA A 1374 -19.88 19.83 -29.24
C ALA A 1374 -19.00 20.43 -30.33
N ASN A 1375 -18.00 21.21 -29.93
CA ASN A 1375 -17.06 21.79 -30.90
C ASN A 1375 -16.28 20.69 -31.61
N PHE A 1376 -15.83 19.67 -30.87
CA PHE A 1376 -15.13 18.55 -31.49
C PHE A 1376 -16.02 17.84 -32.51
N VAL A 1377 -17.27 17.56 -32.13
CA VAL A 1377 -18.20 16.88 -33.04
C VAL A 1377 -18.42 17.71 -34.29
N LYS A 1378 -18.64 19.02 -34.13
CA LYS A 1378 -18.95 19.88 -35.26
C LYS A 1378 -17.75 20.05 -36.18
N ASN A 1379 -16.58 20.36 -35.61
CA ASN A 1379 -15.41 20.67 -36.42
C ASN A 1379 -14.78 19.44 -37.03
N SER A 1380 -14.94 18.26 -36.42
CA SER A 1380 -14.36 17.05 -37.00
C SER A 1380 -14.97 16.74 -38.36
N GLN A 1381 -16.24 17.09 -38.57
CA GLN A 1381 -16.98 16.72 -39.78
C GLN A 1381 -16.93 15.21 -40.02
N MET A 1382 -16.91 14.45 -38.93
CA MET A 1382 -16.68 13.01 -38.96
C MET A 1382 -17.72 12.33 -38.08
N PRO A 1383 -18.84 11.91 -38.65
CA PRO A 1383 -19.83 11.16 -37.86
C PRO A 1383 -19.31 9.83 -37.34
N LEU A 1384 -18.26 9.27 -37.95
CA LEU A 1384 -17.70 8.00 -37.52
C LEU A 1384 -16.73 8.14 -36.36
N LEU A 1385 -16.50 9.36 -35.85
CA LEU A 1385 -15.75 9.53 -34.62
C LEU A 1385 -16.63 9.56 -33.40
N GLY A 1386 -17.92 9.84 -33.56
CA GLY A 1386 -18.81 10.00 -32.43
C GLY A 1386 -18.37 11.17 -31.57
N LYS A 1387 -18.54 11.01 -30.26
CA LYS A 1387 -18.06 11.96 -29.27
C LYS A 1387 -17.49 11.18 -28.09
N PRO A 1388 -16.46 11.70 -27.43
CA PRO A 1388 -15.95 11.03 -26.24
C PRO A 1388 -16.99 10.97 -25.14
N ARG A 1389 -17.02 9.85 -24.43
CA ARG A 1389 -17.97 9.68 -23.34
C ARG A 1389 -17.58 10.58 -22.17
N SER A 1390 -18.51 11.47 -21.79
CA SER A 1390 -18.28 12.46 -20.73
C SER A 1390 -17.07 13.35 -21.02
N GLY A 1391 -16.65 13.42 -22.27
CA GLY A 1391 -15.52 14.23 -22.66
C GLY A 1391 -14.16 13.66 -22.30
N GLN A 1392 -14.10 12.48 -21.71
CA GLN A 1392 -12.84 11.92 -21.24
C GLN A 1392 -12.04 11.41 -22.44
N ILE A 1393 -10.82 11.92 -22.59
CA ILE A 1393 -9.91 11.51 -23.63
C ILE A 1393 -8.61 11.07 -22.97
N THR A 1394 -8.17 9.86 -23.29
CA THR A 1394 -6.93 9.32 -22.74
C THR A 1394 -5.83 9.47 -23.79
N VAL A 1395 -4.81 10.25 -23.47
CA VAL A 1395 -3.74 10.52 -24.42
C VAL A 1395 -2.75 9.37 -24.39
N ILE A 1396 -2.33 8.92 -25.58
CA ILE A 1396 -1.36 7.85 -25.70
C ILE A 1396 0.04 8.38 -26.00
N THR A 1397 0.14 9.38 -26.88
CA THR A 1397 1.41 10.04 -27.13
C THR A 1397 1.18 11.55 -27.17
N LEU A 1398 2.17 12.30 -26.72
CA LEU A 1398 2.16 13.75 -26.74
C LEU A 1398 3.21 14.26 -27.71
N GLY A 1399 2.88 15.33 -28.41
CA GLY A 1399 3.83 15.93 -29.33
C GLY A 1399 3.12 16.86 -30.31
N ASN A 1400 3.88 17.27 -31.32
CA ASN A 1400 3.29 18.05 -32.41
C ASN A 1400 2.22 17.23 -33.12
N THR A 1401 2.45 15.93 -33.28
CA THR A 1401 1.42 14.99 -33.68
C THR A 1401 0.92 14.27 -32.43
N LEU A 1402 -0.39 14.19 -32.27
CA LEU A 1402 -1.02 13.73 -31.04
C LEU A 1402 -1.80 12.46 -31.31
N LYS A 1403 -1.60 11.46 -30.45
CA LYS A 1403 -2.37 10.23 -30.48
C LYS A 1403 -3.13 10.10 -29.16
N TYR A 1404 -4.42 9.81 -29.27
CA TYR A 1404 -5.27 9.67 -28.09
C TYR A 1404 -6.40 8.73 -28.43
N TRP A 1405 -7.02 8.17 -27.40
CA TRP A 1405 -8.12 7.25 -27.57
C TRP A 1405 -9.21 7.58 -26.56
N TYR A 1406 -10.43 7.18 -26.89
CA TYR A 1406 -11.58 7.44 -26.03
C TYR A 1406 -12.64 6.40 -26.30
N CYS A 1407 -13.49 6.19 -25.30
CA CYS A 1407 -14.70 5.40 -25.47
C CYS A 1407 -15.83 6.32 -25.90
N VAL A 1408 -16.51 5.96 -26.99
CA VAL A 1408 -17.55 6.83 -27.52
C VAL A 1408 -18.73 6.88 -26.56
N GLU A 1409 -19.42 8.02 -26.54
CA GLU A 1409 -20.61 8.16 -25.71
C GLU A 1409 -21.67 7.15 -26.13
N SER A 1410 -21.91 7.03 -27.43
CA SER A 1410 -22.87 6.07 -27.97
C SER A 1410 -22.45 5.70 -29.37
N LYS A 1411 -22.62 4.43 -29.71
CA LYS A 1411 -22.27 3.95 -31.04
C LYS A 1411 -23.25 4.49 -32.07
N ASN A 1412 -22.75 4.73 -33.28
CA ASN A 1412 -23.58 5.03 -34.43
C ASN A 1412 -23.16 4.15 -35.59
N SER A 1413 -24.11 3.95 -36.52
CA SER A 1413 -23.94 2.96 -37.58
C SER A 1413 -22.79 3.27 -38.52
N MET A 1414 -22.36 4.53 -38.62
CA MET A 1414 -21.23 4.84 -39.49
C MET A 1414 -19.94 4.22 -38.97
N MET A 1415 -19.71 4.28 -37.66
CA MET A 1415 -18.53 3.64 -37.09
C MET A 1415 -18.59 2.13 -37.28
N ASN A 1416 -19.77 1.54 -37.09
CA ASN A 1416 -19.92 0.10 -37.29
C ASN A 1416 -19.62 -0.29 -38.73
N GLU A 1417 -20.14 0.48 -39.69
CA GLU A 1417 -19.90 0.19 -41.10
C GLU A 1417 -18.42 0.36 -41.45
N ALA A 1418 -17.79 1.40 -40.92
CA ALA A 1418 -16.37 1.63 -41.22
C ALA A 1418 -15.50 0.52 -40.65
N TYR A 1419 -15.75 0.11 -39.42
CA TYR A 1419 -14.99 -1.00 -38.87
C TYR A 1419 -15.32 -2.31 -39.55
N GLN A 1420 -16.55 -2.47 -40.04
CA GLN A 1420 -16.89 -3.66 -40.81
C GLN A 1420 -16.09 -3.72 -42.10
N LYS A 1421 -15.95 -2.58 -42.79
CA LYS A 1421 -15.12 -2.55 -43.99
C LYS A 1421 -13.67 -2.83 -43.67
N ALA A 1422 -13.15 -2.24 -42.58
CA ALA A 1422 -11.77 -2.50 -42.19
C ALA A 1422 -11.55 -3.97 -41.84
N TYR A 1423 -12.52 -4.58 -41.14
CA TYR A 1423 -12.44 -6.00 -40.82
C TYR A 1423 -12.49 -6.86 -42.07
N LEU A 1424 -13.37 -6.52 -43.02
CA LEU A 1424 -13.45 -7.27 -44.26
C LEU A 1424 -12.15 -7.21 -45.04
N VAL A 1425 -11.45 -6.07 -45.00
CA VAL A 1425 -10.16 -5.96 -45.68
C VAL A 1425 -9.21 -7.06 -45.21
N HIS A 1426 -9.14 -7.28 -43.90
CA HIS A 1426 -8.27 -8.33 -43.37
C HIS A 1426 -8.87 -9.71 -43.61
N PHE A 1427 -10.19 -9.85 -43.44
CA PHE A 1427 -10.84 -11.15 -43.53
C PHE A 1427 -10.71 -11.75 -44.92
N ASN A 1428 -10.94 -10.95 -45.96
CA ASN A 1428 -10.79 -11.45 -47.32
C ASN A 1428 -9.34 -11.76 -47.65
N GLN A 1429 -8.39 -11.16 -46.93
CA GLN A 1429 -6.98 -11.46 -47.16
C GLN A 1429 -6.64 -12.86 -46.68
N LYS A 1430 -7.06 -13.22 -45.47
CA LYS A 1430 -6.72 -14.50 -44.86
C LYS A 1430 -5.23 -14.77 -44.87
#